data_3BQ5
#
_entry.id   3BQ5
#
_cell.length_a   73.229
_cell.length_b   107.164
_cell.length_c   107.667
_cell.angle_alpha   90.00
_cell.angle_beta   108.96
_cell.angle_gamma   90.00
#
_symmetry.space_group_name_H-M   'P 1 21 1'
#
loop_
_entity.id
_entity.type
_entity.pdbx_description
1 polymer '5-methyltetrahydropteroyltriglutamate-homocysteine methyltransferase'
2 non-polymer 'ZINC ION'
3 non-polymer '2-AMINO-4-MERCAPTO-BUTYRIC ACID'
4 non-polymer 1,2-ETHANEDIOL
5 water water
#
_entity_poly.entity_id   1
_entity_poly.type   'polypeptide(L)'
_entity_poly.pdbx_seq_one_letter_code
;MHHHHHHGKPIPNPLLGLDSTENLYFQQIDPFTKAYAFGFPKIGEKREFKKALEDFWKGKITEEQFEEEMNKLRMYMVEN
YRKNVDVIPSNELSYYDFVLDTAVMVGAVPERFGEYRGLSTYFDMARGGKALEMTKFFNTNYHYLVPEIETEEFYLLENK
PLEDYLFFKSKGIETAPWVIGPFTFLYLSKRNGEWIRRPNQMEKLLESLVSVYKEVFEKLVENGCKEILVNEPAFVCDLE
KAHWDLILNVYRELSEFPLTVFTYYDSVSDYEACVSLPVKRLHFDFVSNEENLKNLEKHGFPEDKKLVAGVINGRQPWKV
DLRKVASLVEKLGASAISNSCPLFHLPVTLELENNLPGGLKEKLAFAKEKLEELKMLKDFLEGKTFDLPNVSFEDFAVDL
QAVERVRNLPEDSFRREKEYTERDRIQRERLNLPLFPTTTIGSFPQTPEVRKMRSKYRKGEISKEEYEAFIKEQIKKAIE
LQEEIGLDVLVHGEFERTDMVEFFAEKLNGIATTQNGWVLSYGSRCYRPPIIYGTVTRPEPMTLKEITYAQSLTEKPVKG
MLTGPVTIMSWSYYREDIPEREIAYQIALAINEEVKDLEEAGIKIVQIDEPAFREKAPIKKSKWPEYFEWAINAFNLAAN
ARPETQIHAHMCYSDFNEIIEYIHQLEFDVISIEASRSKGEIISAFENFKGWIKQIGVGVWDIHSPAVPSINEMREIVER
VLRVLPKELIWINPDCGLKTRNWDEVIPSLRNMVALAKEMREKFES
;
_entity_poly.pdbx_strand_id   A,B
#
# COMPACT_ATOMS: atom_id res chain seq x y z
N THR A 33 -43.65 17.94 16.81
CA THR A 33 -42.25 17.53 16.82
C THR A 33 -42.08 16.03 17.07
N LYS A 34 -41.65 15.31 16.03
CA LYS A 34 -41.46 13.86 16.11
C LYS A 34 -40.17 13.55 16.86
N ALA A 35 -40.27 12.80 17.95
CA ALA A 35 -39.10 12.45 18.75
C ALA A 35 -38.55 11.06 18.41
N TYR A 36 -37.29 11.00 18.00
CA TYR A 36 -36.59 9.72 17.83
C TYR A 36 -35.60 9.53 18.97
N ALA A 37 -35.29 8.27 19.26
CA ALA A 37 -34.15 7.93 20.09
C ALA A 37 -33.58 6.61 19.60
N PHE A 38 -32.29 6.39 19.79
CA PHE A 38 -31.68 5.14 19.36
C PHE A 38 -30.45 4.77 20.18
N GLY A 39 -30.19 3.47 20.29
CA GLY A 39 -29.01 2.99 20.97
C GLY A 39 -29.13 2.92 22.48
N PHE A 40 -30.34 2.94 23.01
CA PHE A 40 -30.49 2.76 24.45
C PHE A 40 -29.72 1.49 24.90
N PRO A 41 -28.96 1.60 26.00
CA PRO A 41 -28.11 0.49 26.44
C PRO A 41 -28.91 -0.80 26.64
N LYS A 42 -28.32 -1.94 26.32
CA LYS A 42 -29.03 -3.21 26.42
C LYS A 42 -28.74 -3.93 27.73
N ILE A 43 -27.80 -3.41 28.52
CA ILE A 43 -27.24 -4.20 29.61
C ILE A 43 -28.14 -4.36 30.83
N GLY A 44 -29.13 -3.48 30.99
CA GLY A 44 -30.02 -3.54 32.12
C GLY A 44 -29.48 -2.80 33.33
N GLU A 45 -30.38 -2.40 34.23
CA GLU A 45 -29.99 -1.60 35.38
C GLU A 45 -29.12 -2.36 36.37
N LYS A 46 -29.14 -3.68 36.29
CA LYS A 46 -28.31 -4.49 37.17
C LYS A 46 -27.41 -5.42 36.34
N ARG A 47 -27.12 -5.01 35.11
CA ARG A 47 -26.28 -5.80 34.20
C ARG A 47 -26.79 -7.22 33.98
N GLU A 48 -28.11 -7.35 33.93
CA GLU A 48 -28.73 -8.64 33.65
C GLU A 48 -28.23 -9.21 32.33
N PHE A 49 -27.91 -8.35 31.38
CA PHE A 49 -27.38 -8.81 30.09
C PHE A 49 -26.08 -9.58 30.28
N LYS A 50 -25.18 -9.00 31.09
CA LYS A 50 -23.92 -9.66 31.38
C LYS A 50 -24.12 -11.00 32.08
N LYS A 51 -25.02 -11.01 33.08
CA LYS A 51 -25.31 -12.22 33.84
C LYS A 51 -25.92 -13.30 32.97
N ALA A 52 -26.81 -12.90 32.07
CA ALA A 52 -27.44 -13.85 31.14
C ALA A 52 -26.40 -14.51 30.24
N LEU A 53 -25.55 -13.70 29.62
CA LEU A 53 -24.53 -14.22 28.71
C LEU A 53 -23.57 -15.15 29.42
N GLU A 54 -23.10 -14.74 30.60
CA GLU A 54 -22.09 -15.51 31.29
C GLU A 54 -22.66 -16.78 31.93
N ASP A 55 -23.91 -16.72 32.37
CA ASP A 55 -24.63 -17.91 32.84
C ASP A 55 -24.80 -18.92 31.72
N PHE A 56 -25.19 -18.43 30.55
CA PHE A 56 -25.41 -19.32 29.41
C PHE A 56 -24.11 -20.00 29.00
N TRP A 57 -23.05 -19.20 28.89
CA TRP A 57 -21.73 -19.73 28.52
C TRP A 57 -21.26 -20.77 29.53
N LYS A 58 -21.44 -20.48 30.82
CA LYS A 58 -21.06 -21.41 31.89
C LYS A 58 -21.99 -22.61 31.90
N GLY A 59 -23.13 -22.47 31.23
CA GLY A 59 -24.08 -23.56 31.10
C GLY A 59 -25.01 -23.76 32.28
N LYS A 60 -25.11 -22.76 33.16
CA LYS A 60 -26.00 -22.90 34.32
C LYS A 60 -27.43 -22.43 34.05
N ILE A 61 -27.67 -21.90 32.85
CA ILE A 61 -29.03 -21.70 32.37
C ILE A 61 -29.15 -22.31 30.98
N THR A 62 -30.38 -22.66 30.59
CA THR A 62 -30.62 -23.27 29.29
C THR A 62 -30.73 -22.23 28.20
N GLU A 63 -30.76 -22.68 26.95
CA GLU A 63 -30.92 -21.77 25.82
C GLU A 63 -32.27 -21.07 25.92
N GLU A 64 -33.29 -21.80 26.33
CA GLU A 64 -34.63 -21.24 26.48
C GLU A 64 -34.66 -20.19 27.59
N GLN A 65 -33.95 -20.47 28.68
CA GLN A 65 -33.87 -19.53 29.80
C GLN A 65 -33.10 -18.28 29.40
N PHE A 66 -32.16 -18.45 28.48
CA PHE A 66 -31.38 -17.33 27.97
C PHE A 66 -32.25 -16.42 27.10
N GLU A 67 -33.02 -17.03 26.21
CA GLU A 67 -33.94 -16.28 25.37
C GLU A 67 -34.96 -15.52 26.23
N GLU A 68 -35.31 -16.08 27.37
CA GLU A 68 -36.27 -15.41 28.26
C GLU A 68 -35.62 -14.24 28.98
N GLU A 69 -34.35 -14.39 29.35
CA GLU A 69 -33.62 -13.28 29.92
C GLU A 69 -33.53 -12.12 28.91
N MET A 70 -33.31 -12.48 27.65
CA MET A 70 -33.20 -11.49 26.60
C MET A 70 -34.54 -10.81 26.32
N ASN A 71 -35.63 -11.58 26.35
CA ASN A 71 -36.96 -11.01 26.14
C ASN A 71 -37.31 -9.99 27.20
N LYS A 72 -36.93 -10.28 28.44
CA LYS A 72 -37.12 -9.32 29.53
C LYS A 72 -36.41 -8.00 29.21
N LEU A 73 -35.17 -8.09 28.72
CA LEU A 73 -34.40 -6.90 28.36
C LEU A 73 -35.01 -6.16 27.18
N ARG A 74 -35.49 -6.91 26.20
CA ARG A 74 -36.20 -6.32 25.06
C ARG A 74 -37.36 -5.44 25.52
N MET A 75 -38.16 -5.98 26.41
CA MET A 75 -39.33 -5.26 26.91
C MET A 75 -38.89 -4.07 27.74
N TYR A 76 -37.85 -4.28 28.55
CA TYR A 76 -37.28 -3.20 29.34
C TYR A 76 -36.87 -2.02 28.45
N MET A 77 -36.11 -2.30 27.40
CA MET A 77 -35.69 -1.25 26.49
C MET A 77 -36.87 -0.55 25.84
N VAL A 78 -37.80 -1.34 25.29
CA VAL A 78 -38.93 -0.76 24.60
C VAL A 78 -39.81 0.06 25.55
N GLU A 79 -39.95 -0.38 26.80
CA GLU A 79 -40.72 0.41 27.75
C GLU A 79 -40.10 1.79 27.96
N ASN A 80 -38.78 1.84 28.07
CA ASN A 80 -38.08 3.11 28.21
C ASN A 80 -38.34 4.04 27.02
N TYR A 81 -38.27 3.50 25.81
CA TYR A 81 -38.57 4.28 24.63
C TYR A 81 -40.04 4.74 24.64
N ARG A 82 -40.95 3.81 24.91
CA ARG A 82 -42.39 4.09 24.84
C ARG A 82 -42.79 5.28 25.71
N LYS A 83 -42.18 5.37 26.90
CA LYS A 83 -42.50 6.44 27.84
C LYS A 83 -42.03 7.82 27.37
N ASN A 84 -41.11 7.86 26.41
CA ASN A 84 -40.40 9.10 26.10
C ASN A 84 -40.44 9.62 24.66
N VAL A 85 -40.41 8.72 23.67
CA VAL A 85 -40.33 9.16 22.29
C VAL A 85 -41.44 8.58 21.41
N ASP A 86 -41.50 9.04 20.17
CA ASP A 86 -42.52 8.66 19.22
C ASP A 86 -42.15 7.43 18.41
N VAL A 87 -40.88 7.28 18.07
CA VAL A 87 -40.44 6.14 17.26
C VAL A 87 -39.65 5.13 18.09
N ILE A 88 -40.17 3.91 18.16
CA ILE A 88 -39.60 2.87 19.03
C ILE A 88 -38.74 1.92 18.20
N PRO A 89 -37.42 1.94 18.42
CA PRO A 89 -36.54 1.04 17.68
C PRO A 89 -36.67 -0.41 18.16
N SER A 90 -36.50 -1.34 17.23
CA SER A 90 -36.32 -2.75 17.57
C SER A 90 -35.03 -3.24 16.90
N ASN A 91 -34.72 -4.52 17.09
CA ASN A 91 -33.49 -5.10 16.54
C ASN A 91 -32.23 -4.48 17.15
N GLU A 92 -32.35 -4.02 18.40
CA GLU A 92 -31.21 -3.43 19.09
C GLU A 92 -30.59 -4.36 20.12
N LEU A 93 -31.34 -5.38 20.54
CA LEU A 93 -30.80 -6.30 21.54
C LEU A 93 -29.90 -7.35 20.90
N SER A 94 -28.67 -6.95 20.59
CA SER A 94 -27.70 -7.88 20.01
C SER A 94 -27.09 -8.74 21.12
N TYR A 95 -26.93 -10.04 20.85
CA TYR A 95 -26.42 -10.96 21.87
C TYR A 95 -24.89 -10.91 22.03
N TYR A 96 -24.22 -10.17 21.15
CA TYR A 96 -22.79 -9.91 21.34
C TYR A 96 -22.33 -8.65 20.60
N ASP A 97 -22.63 -8.58 19.31
CA ASP A 97 -22.30 -7.40 18.51
C ASP A 97 -23.23 -7.25 17.31
N PHE A 98 -23.67 -6.01 17.05
CA PHE A 98 -24.62 -5.77 15.97
C PHE A 98 -23.99 -5.84 14.58
N VAL A 99 -22.68 -5.60 14.49
CA VAL A 99 -22.01 -5.77 13.21
C VAL A 99 -21.90 -7.26 12.87
N LEU A 100 -21.62 -8.09 13.88
CA LEU A 100 -21.70 -9.54 13.71
C LEU A 100 -23.10 -9.96 13.31
N ASP A 101 -24.12 -9.33 13.89
CA ASP A 101 -25.50 -9.64 13.56
C ASP A 101 -25.77 -9.37 12.08
N THR A 102 -25.23 -8.26 11.59
CA THR A 102 -25.43 -7.87 10.20
C THR A 102 -24.74 -8.88 9.28
N ALA A 103 -23.55 -9.33 9.68
CA ALA A 103 -22.82 -10.33 8.92
C ALA A 103 -23.60 -11.64 8.82
N VAL A 104 -24.16 -12.08 9.94
CA VAL A 104 -24.98 -13.30 9.94
C VAL A 104 -26.20 -13.11 9.06
N MET A 105 -26.81 -11.94 9.14
CA MET A 105 -27.99 -11.64 8.32
C MET A 105 -27.73 -11.88 6.85
N VAL A 106 -26.57 -11.43 6.37
CA VAL A 106 -26.28 -11.52 4.94
C VAL A 106 -25.40 -12.73 4.57
N GLY A 107 -25.36 -13.70 5.48
CA GLY A 107 -24.71 -14.97 5.19
C GLY A 107 -23.20 -14.95 5.19
N ALA A 108 -22.61 -13.90 5.78
CA ALA A 108 -21.15 -13.77 5.84
C ALA A 108 -20.58 -14.52 7.02
N VAL A 109 -20.71 -15.85 6.97
CA VAL A 109 -20.16 -16.74 7.99
C VAL A 109 -18.95 -17.45 7.39
N PRO A 110 -17.75 -17.14 7.91
CA PRO A 110 -16.50 -17.71 7.37
C PRO A 110 -16.48 -19.24 7.38
N GLU A 111 -15.85 -19.80 6.35
CA GLU A 111 -15.81 -21.24 6.14
C GLU A 111 -15.44 -22.06 7.38
N ARG A 112 -14.51 -21.54 8.19
CA ARG A 112 -14.03 -22.25 9.37
C ARG A 112 -15.09 -22.58 10.42
N PHE A 113 -16.23 -21.89 10.37
CA PHE A 113 -17.28 -22.15 11.36
C PHE A 113 -18.27 -23.23 10.91
N GLY A 114 -18.19 -23.62 9.63
CA GLY A 114 -19.09 -24.61 9.08
C GLY A 114 -20.49 -24.04 8.92
N GLU A 115 -21.49 -24.92 8.98
CA GLU A 115 -22.88 -24.49 8.84
C GLU A 115 -23.29 -23.68 10.06
N TYR A 116 -24.08 -22.64 9.84
CA TYR A 116 -24.55 -21.81 10.94
C TYR A 116 -25.60 -22.56 11.74
N ARG A 117 -25.30 -22.82 13.00
CA ARG A 117 -26.16 -23.65 13.84
C ARG A 117 -26.85 -22.86 14.94
N GLY A 118 -26.82 -21.54 14.82
CA GLY A 118 -27.53 -20.69 15.78
C GLY A 118 -26.63 -20.11 16.83
N LEU A 119 -27.14 -20.03 18.05
CA LEU A 119 -26.41 -19.40 19.16
C LEU A 119 -25.03 -19.99 19.37
N SER A 120 -24.93 -21.31 19.28
CA SER A 120 -23.65 -21.99 19.46
C SER A 120 -22.62 -21.43 18.49
N THR A 121 -22.99 -21.33 17.23
CA THR A 121 -22.09 -20.81 16.21
C THR A 121 -21.85 -19.31 16.38
N TYR A 122 -22.91 -18.57 16.70
CA TYR A 122 -22.83 -17.14 16.90
C TYR A 122 -21.75 -16.82 17.93
N PHE A 123 -21.82 -17.48 19.09
CA PHE A 123 -20.88 -17.20 20.17
C PHE A 123 -19.47 -17.71 19.86
N ASP A 124 -19.36 -18.78 19.08
CA ASP A 124 -18.04 -19.22 18.64
C ASP A 124 -17.43 -18.17 17.73
N MET A 125 -18.26 -17.54 16.90
CA MET A 125 -17.80 -16.46 16.03
C MET A 125 -17.36 -15.24 16.85
N ALA A 126 -17.99 -15.07 17.99
CA ALA A 126 -17.82 -13.88 18.81
C ALA A 126 -16.67 -13.98 19.80
N ARG A 127 -16.53 -15.14 20.43
CA ARG A 127 -15.67 -15.25 21.60
C ARG A 127 -14.94 -16.59 21.62
N GLY A 128 -15.05 -17.36 20.54
CA GLY A 128 -14.40 -18.65 20.46
C GLY A 128 -12.92 -18.52 20.18
N GLY A 129 -12.24 -19.66 20.06
CA GLY A 129 -10.81 -19.68 19.80
C GLY A 129 -10.46 -19.14 18.43
N LYS A 130 -11.38 -19.21 17.48
CA LYS A 130 -11.15 -18.67 16.14
C LYS A 130 -12.14 -17.54 15.83
N ALA A 131 -12.50 -16.76 16.85
CA ALA A 131 -13.46 -15.68 16.70
C ALA A 131 -13.01 -14.63 15.68
N LEU A 132 -13.97 -13.89 15.14
CA LEU A 132 -13.67 -12.74 14.31
C LEU A 132 -12.79 -11.76 15.09
N GLU A 133 -12.04 -10.94 14.35
CA GLU A 133 -11.26 -9.88 14.96
C GLU A 133 -12.17 -8.87 15.67
N MET A 134 -11.72 -8.36 16.80
CA MET A 134 -12.47 -7.33 17.50
C MET A 134 -11.71 -6.02 17.42
N THR A 135 -12.43 -4.94 17.12
CA THR A 135 -11.77 -3.65 17.00
C THR A 135 -12.71 -2.51 17.41
N LYS A 136 -12.14 -1.34 17.65
CA LYS A 136 -12.96 -0.22 18.09
C LYS A 136 -13.91 0.30 17.02
N PHE A 137 -15.09 0.68 17.46
CA PHE A 137 -16.16 1.11 16.57
C PHE A 137 -16.01 2.61 16.41
N PHE A 138 -15.58 3.04 15.24
CA PHE A 138 -15.27 4.44 15.00
C PHE A 138 -14.38 4.99 16.11
N ASN A 139 -14.69 6.19 16.61
CA ASN A 139 -13.82 6.77 17.64
C ASN A 139 -14.35 6.56 19.05
N THR A 140 -14.89 5.38 19.33
CA THR A 140 -15.57 5.14 20.60
C THR A 140 -14.91 3.99 21.35
N ASN A 141 -15.36 3.74 22.57
CA ASN A 141 -14.84 2.61 23.32
C ASN A 141 -15.76 1.39 23.25
N TYR A 142 -16.70 1.38 22.31
CA TYR A 142 -17.40 0.15 21.96
C TYR A 142 -16.58 -0.59 20.90
N HIS A 143 -16.46 -1.90 21.05
CA HIS A 143 -15.70 -2.74 20.12
C HIS A 143 -16.64 -3.62 19.33
N TYR A 144 -16.52 -3.61 18.01
CA TYR A 144 -17.33 -4.49 17.18
C TYR A 144 -16.47 -5.61 16.62
N LEU A 145 -17.13 -6.58 15.99
CA LEU A 145 -16.45 -7.73 15.37
C LEU A 145 -16.37 -7.53 13.86
N VAL A 146 -15.17 -7.63 13.32
CA VAL A 146 -14.92 -7.38 11.90
C VAL A 146 -15.35 -8.54 11.03
N PRO A 147 -16.36 -8.32 10.18
CA PRO A 147 -16.76 -9.40 9.27
C PRO A 147 -15.63 -9.72 8.30
N GLU A 148 -15.51 -10.99 7.95
CA GLU A 148 -14.54 -11.44 6.95
C GLU A 148 -15.33 -11.88 5.72
N ILE A 149 -15.19 -11.12 4.63
CA ILE A 149 -15.92 -11.42 3.40
C ILE A 149 -15.14 -12.43 2.55
N GLU A 150 -15.65 -13.64 2.45
CA GLU A 150 -14.96 -14.71 1.72
C GLU A 150 -15.54 -14.92 0.32
N THR A 151 -16.85 -14.72 0.18
CA THR A 151 -17.51 -14.86 -1.12
C THR A 151 -18.11 -13.53 -1.55
N GLU A 152 -18.19 -13.31 -2.85
CA GLU A 152 -18.75 -12.07 -3.37
C GLU A 152 -20.27 -12.16 -3.44
N GLU A 153 -20.82 -13.27 -2.96
CA GLU A 153 -22.25 -13.50 -3.05
C GLU A 153 -22.91 -13.51 -1.67
N PHE A 154 -23.71 -12.50 -1.40
CA PHE A 154 -24.47 -12.42 -0.16
C PHE A 154 -25.85 -13.03 -0.35
N TYR A 155 -26.39 -13.60 0.72
CA TYR A 155 -27.75 -14.11 0.68
C TYR A 155 -28.37 -13.92 2.05
N LEU A 156 -29.70 -13.95 2.11
CA LEU A 156 -30.40 -13.74 3.35
C LEU A 156 -30.38 -15.02 4.19
N LEU A 157 -29.44 -15.12 5.11
CA LEU A 157 -29.30 -16.31 5.93
C LEU A 157 -30.28 -16.30 7.10
N GLU A 158 -30.47 -15.11 7.68
CA GLU A 158 -31.35 -14.98 8.84
C GLU A 158 -31.97 -13.58 8.81
N ASN A 159 -33.24 -13.47 9.16
CA ASN A 159 -33.92 -12.18 9.12
C ASN A 159 -34.31 -11.71 10.53
N LYS A 160 -33.30 -11.34 11.31
CA LYS A 160 -33.51 -10.87 12.67
C LYS A 160 -34.39 -9.61 12.73
N PRO A 161 -34.21 -8.70 11.76
CA PRO A 161 -35.06 -7.49 11.81
C PRO A 161 -36.54 -7.83 11.76
N LEU A 162 -36.93 -8.78 10.92
CA LEU A 162 -38.33 -9.20 10.87
C LEU A 162 -38.73 -9.89 12.16
N GLU A 163 -37.86 -10.76 12.66
CA GLU A 163 -38.12 -11.50 13.89
C GLU A 163 -38.41 -10.58 15.07
N ASP A 164 -37.63 -9.51 15.19
CA ASP A 164 -37.81 -8.59 16.30
C ASP A 164 -39.04 -7.71 16.05
N TYR A 165 -39.23 -7.32 14.80
CA TYR A 165 -40.40 -6.53 14.44
C TYR A 165 -41.67 -7.28 14.81
N LEU A 166 -41.71 -8.58 14.51
CA LEU A 166 -42.91 -9.37 14.80
C LEU A 166 -43.07 -9.67 16.28
N PHE A 167 -41.96 -9.83 16.99
CA PHE A 167 -41.99 -10.03 18.42
C PHE A 167 -42.76 -8.88 19.10
N PHE A 168 -42.44 -7.64 18.74
CA PHE A 168 -43.11 -6.50 19.36
C PHE A 168 -44.50 -6.26 18.77
N LYS A 169 -44.62 -6.34 17.45
CA LYS A 169 -45.92 -6.20 16.80
C LYS A 169 -46.97 -7.13 17.41
N SER A 170 -46.57 -8.36 17.70
CA SER A 170 -47.50 -9.35 18.25
C SER A 170 -47.98 -8.92 19.63
N LYS A 171 -47.29 -7.95 20.22
CA LYS A 171 -47.66 -7.42 21.52
C LYS A 171 -48.45 -6.11 21.39
N GLY A 172 -48.70 -5.72 20.15
CA GLY A 172 -49.41 -4.48 19.86
C GLY A 172 -48.53 -3.25 19.95
N ILE A 173 -47.23 -3.43 19.68
CA ILE A 173 -46.29 -2.32 19.72
C ILE A 173 -45.52 -2.19 18.40
N GLU A 174 -45.83 -1.14 17.63
CA GLU A 174 -45.14 -0.86 16.38
C GLU A 174 -43.74 -0.34 16.66
N THR A 175 -42.75 -0.92 15.99
CA THR A 175 -41.36 -0.51 16.18
C THR A 175 -40.71 -0.28 14.82
N ALA A 176 -39.59 0.44 14.82
CA ALA A 176 -38.81 0.67 13.61
C ALA A 176 -37.48 -0.04 13.73
N PRO A 177 -37.28 -1.09 12.93
CA PRO A 177 -36.06 -1.90 13.01
C PRO A 177 -34.80 -1.07 12.82
N TRP A 178 -33.84 -1.27 13.72
CA TRP A 178 -32.58 -0.54 13.70
C TRP A 178 -31.52 -1.43 13.03
N VAL A 179 -31.01 -1.00 11.88
CA VAL A 179 -30.07 -1.83 11.13
C VAL A 179 -28.83 -1.03 10.72
N ILE A 180 -27.73 -1.74 10.53
CA ILE A 180 -26.53 -1.13 9.96
C ILE A 180 -26.70 -1.09 8.45
N GLY A 181 -26.40 0.05 7.85
CA GLY A 181 -26.55 0.22 6.42
C GLY A 181 -25.51 -0.53 5.60
N PRO A 182 -25.81 -0.79 4.32
CA PRO A 182 -24.92 -1.58 3.46
C PRO A 182 -23.55 -0.95 3.28
N PHE A 183 -23.48 0.37 3.13
CA PHE A 183 -22.17 1.00 2.92
C PHE A 183 -21.29 0.86 4.16
N THR A 184 -21.84 1.23 5.31
CA THR A 184 -21.13 1.12 6.56
C THR A 184 -20.74 -0.33 6.86
N PHE A 185 -21.61 -1.28 6.57
CA PHE A 185 -21.29 -2.67 6.81
C PHE A 185 -20.00 -3.07 6.07
N LEU A 186 -19.93 -2.77 4.77
CA LEU A 186 -18.73 -3.10 4.00
C LEU A 186 -17.53 -2.31 4.50
N TYR A 187 -17.75 -1.06 4.86
CA TYR A 187 -16.67 -0.20 5.31
C TYR A 187 -16.05 -0.74 6.61
N LEU A 188 -16.82 -1.51 7.36
CA LEU A 188 -16.35 -2.05 8.64
C LEU A 188 -15.76 -3.45 8.48
N SER A 189 -15.81 -3.99 7.26
CA SER A 189 -15.45 -5.39 7.02
C SER A 189 -14.09 -5.53 6.36
N LYS A 190 -13.56 -6.75 6.34
CA LYS A 190 -12.31 -7.03 5.66
C LYS A 190 -12.46 -8.11 4.61
N ARG A 191 -11.60 -8.07 3.60
CA ARG A 191 -11.56 -9.10 2.58
C ARG A 191 -10.11 -9.36 2.26
N ASN A 192 -9.71 -10.64 2.24
CA ASN A 192 -8.32 -10.96 1.98
C ASN A 192 -7.40 -10.22 2.94
N GLY A 193 -7.83 -10.10 4.18
CA GLY A 193 -6.98 -9.54 5.23
C GLY A 193 -6.83 -8.03 5.27
N GLU A 194 -7.60 -7.31 4.46
CA GLU A 194 -7.50 -5.85 4.46
C GLU A 194 -8.88 -5.20 4.36
N TRP A 195 -8.95 -3.94 4.78
CA TRP A 195 -10.22 -3.20 4.72
C TRP A 195 -10.75 -3.19 3.29
N ILE A 196 -12.06 -3.02 3.18
CA ILE A 196 -12.71 -2.93 1.88
C ILE A 196 -13.17 -1.48 1.70
N ARG A 197 -12.21 -0.58 1.52
CA ARG A 197 -12.52 0.84 1.62
C ARG A 197 -12.22 1.69 0.39
N ARG A 198 -11.52 1.13 -0.59
CA ARG A 198 -11.38 1.81 -1.89
C ARG A 198 -12.69 1.65 -2.63
N PRO A 199 -13.13 2.71 -3.34
CA PRO A 199 -14.35 2.59 -4.12
C PRO A 199 -14.31 1.40 -5.09
N ASN A 200 -13.17 1.12 -5.70
CA ASN A 200 -13.06 0.00 -6.64
C ASN A 200 -13.04 -1.38 -5.96
N GLN A 201 -12.95 -1.39 -4.63
CA GLN A 201 -13.11 -2.62 -3.88
C GLN A 201 -14.56 -2.91 -3.50
N MET A 202 -15.37 -1.85 -3.42
CA MET A 202 -16.71 -1.95 -2.85
C MET A 202 -17.82 -2.18 -3.88
N GLU A 203 -17.61 -1.67 -5.09
CA GLU A 203 -18.68 -1.65 -6.11
C GLU A 203 -19.44 -2.96 -6.28
N LYS A 204 -18.74 -4.02 -6.69
CA LYS A 204 -19.40 -5.28 -6.98
C LYS A 204 -20.08 -5.89 -5.75
N LEU A 205 -19.40 -5.80 -4.61
CA LEU A 205 -19.97 -6.34 -3.37
C LEU A 205 -21.26 -5.61 -2.98
N LEU A 206 -21.32 -4.31 -3.24
CA LEU A 206 -22.50 -3.52 -2.90
C LEU A 206 -23.74 -3.99 -3.66
N GLU A 207 -23.59 -4.26 -4.94
CA GLU A 207 -24.69 -4.74 -5.75
C GLU A 207 -25.32 -6.00 -5.16
N SER A 208 -24.48 -6.95 -4.77
CA SER A 208 -24.97 -8.18 -4.19
C SER A 208 -25.50 -7.96 -2.78
N LEU A 209 -24.81 -7.12 -2.01
CA LEU A 209 -25.26 -6.81 -0.65
C LEU A 209 -26.65 -6.18 -0.64
N VAL A 210 -26.83 -5.15 -1.46
CA VAL A 210 -28.11 -4.44 -1.50
C VAL A 210 -29.28 -5.37 -1.80
N SER A 211 -29.05 -6.38 -2.63
CA SER A 211 -30.10 -7.34 -2.97
C SER A 211 -30.67 -7.97 -1.72
N VAL A 212 -29.81 -8.23 -0.73
CA VAL A 212 -30.25 -8.84 0.51
C VAL A 212 -31.03 -7.87 1.41
N TYR A 213 -30.57 -6.62 1.44
CA TYR A 213 -31.29 -5.57 2.18
C TYR A 213 -32.68 -5.37 1.60
N LYS A 214 -32.76 -5.35 0.27
CA LYS A 214 -34.03 -5.23 -0.43
C LYS A 214 -34.99 -6.32 0.04
N GLU A 215 -34.50 -7.55 0.13
CA GLU A 215 -35.34 -8.66 0.57
C GLU A 215 -35.81 -8.49 2.02
N VAL A 216 -34.90 -8.06 2.90
CA VAL A 216 -35.26 -7.81 4.30
C VAL A 216 -36.35 -6.74 4.43
N PHE A 217 -36.15 -5.62 3.73
CA PHE A 217 -37.09 -4.51 3.78
C PHE A 217 -38.45 -4.86 3.20
N GLU A 218 -38.46 -5.58 2.07
CA GLU A 218 -39.70 -6.03 1.47
C GLU A 218 -40.49 -6.83 2.50
N LYS A 219 -39.83 -7.77 3.16
CA LYS A 219 -40.48 -8.58 4.19
C LYS A 219 -41.05 -7.71 5.32
N LEU A 220 -40.27 -6.75 5.78
CA LEU A 220 -40.75 -5.84 6.83
C LEU A 220 -42.00 -5.09 6.36
N VAL A 221 -41.92 -4.50 5.18
CA VAL A 221 -43.03 -3.72 4.65
C VAL A 221 -44.28 -4.58 4.43
N GLU A 222 -44.07 -5.78 3.90
CA GLU A 222 -45.19 -6.69 3.67
C GLU A 222 -45.89 -7.02 4.98
N ASN A 223 -45.15 -6.91 6.08
CA ASN A 223 -45.71 -7.16 7.40
C ASN A 223 -46.14 -5.89 8.13
N GLY A 224 -46.24 -4.79 7.39
CA GLY A 224 -46.79 -3.56 7.93
C GLY A 224 -45.81 -2.63 8.65
N CYS A 225 -44.51 -2.85 8.46
CA CYS A 225 -43.52 -1.95 9.05
C CYS A 225 -43.57 -0.59 8.37
N LYS A 226 -43.68 0.47 9.17
CA LYS A 226 -43.85 1.83 8.64
C LYS A 226 -42.53 2.62 8.52
N GLU A 227 -41.53 2.22 9.29
CA GLU A 227 -40.30 2.98 9.30
C GLU A 227 -39.12 2.08 9.69
N ILE A 228 -38.00 2.29 9.01
CA ILE A 228 -36.79 1.51 9.28
C ILE A 228 -35.62 2.46 9.52
N LEU A 229 -34.93 2.26 10.63
CA LEU A 229 -33.82 3.12 11.02
C LEU A 229 -32.50 2.59 10.46
N VAL A 230 -32.00 3.21 9.40
CA VAL A 230 -30.79 2.73 8.76
C VAL A 230 -29.57 3.57 9.17
N ASN A 231 -28.57 2.88 9.71
CA ASN A 231 -27.42 3.55 10.31
C ASN A 231 -26.21 3.56 9.40
N GLU A 232 -25.80 4.76 9.00
CA GLU A 232 -24.69 4.91 8.07
C GLU A 232 -23.61 5.84 8.60
N PRO A 233 -23.07 5.51 9.79
CA PRO A 233 -22.02 6.36 10.37
C PRO A 233 -20.81 6.49 9.44
N ALA A 234 -20.56 5.52 8.57
CA ALA A 234 -19.39 5.59 7.68
C ALA A 234 -19.44 6.80 6.74
N PHE A 235 -20.63 7.39 6.61
CA PHE A 235 -20.79 8.64 5.85
C PHE A 235 -19.95 9.78 6.40
N VAL A 236 -19.48 9.65 7.64
CA VAL A 236 -18.74 10.74 8.27
C VAL A 236 -17.23 10.54 8.15
N CYS A 237 -16.82 9.44 7.53
CA CYS A 237 -15.40 9.16 7.32
C CYS A 237 -14.87 9.98 6.16
N ASP A 238 -13.56 9.89 5.94
CA ASP A 238 -12.92 10.54 4.80
C ASP A 238 -13.27 9.80 3.52
N LEU A 239 -14.31 10.26 2.81
CA LEU A 239 -14.77 9.59 1.61
C LEU A 239 -14.42 10.39 0.36
N GLU A 240 -14.44 9.73 -0.78
CA GLU A 240 -14.16 10.39 -2.04
C GLU A 240 -15.44 10.47 -2.82
N LYS A 241 -15.45 11.28 -3.88
CA LYS A 241 -16.64 11.42 -4.72
C LYS A 241 -17.12 10.08 -5.26
N ALA A 242 -16.16 9.19 -5.54
CA ALA A 242 -16.48 7.88 -6.08
C ALA A 242 -17.28 7.05 -5.07
N HIS A 243 -17.03 7.29 -3.79
CA HIS A 243 -17.80 6.63 -2.74
C HIS A 243 -19.26 7.06 -2.81
N TRP A 244 -19.47 8.36 -2.95
CA TRP A 244 -20.82 8.90 -2.99
C TRP A 244 -21.59 8.49 -4.24
N ASP A 245 -20.86 8.25 -5.34
CA ASP A 245 -21.48 7.71 -6.55
C ASP A 245 -22.03 6.32 -6.26
N LEU A 246 -21.30 5.53 -5.49
CA LEU A 246 -21.75 4.18 -5.14
C LEU A 246 -22.91 4.24 -4.15
N ILE A 247 -22.82 5.15 -3.19
CA ILE A 247 -23.87 5.31 -2.18
C ILE A 247 -25.21 5.72 -2.82
N LEU A 248 -25.15 6.64 -3.77
CA LEU A 248 -26.34 7.06 -4.50
C LEU A 248 -26.99 5.87 -5.20
N ASN A 249 -26.18 5.06 -5.86
CA ASN A 249 -26.68 3.85 -6.53
C ASN A 249 -27.37 2.91 -5.55
N VAL A 250 -26.73 2.70 -4.41
CA VAL A 250 -27.31 1.83 -3.39
C VAL A 250 -28.69 2.32 -2.99
N TYR A 251 -28.78 3.60 -2.65
CA TYR A 251 -30.03 4.15 -2.10
C TYR A 251 -31.11 4.38 -3.15
N ARG A 252 -30.70 4.53 -4.40
CA ARG A 252 -31.67 4.50 -5.49
C ARG A 252 -32.36 3.13 -5.57
N GLU A 253 -31.62 2.07 -5.24
CA GLU A 253 -32.17 0.72 -5.25
C GLU A 253 -33.16 0.49 -4.10
N LEU A 254 -33.03 1.28 -3.05
CA LEU A 254 -33.85 1.08 -1.85
C LEU A 254 -34.87 2.21 -1.68
N SER A 255 -34.96 3.08 -2.67
CA SER A 255 -35.80 4.27 -2.60
C SER A 255 -37.28 3.95 -2.36
N GLU A 256 -37.68 2.71 -2.59
CA GLU A 256 -39.08 2.30 -2.44
C GLU A 256 -39.46 1.98 -0.98
N PHE A 257 -38.47 1.99 -0.10
CA PHE A 257 -38.70 1.60 1.29
C PHE A 257 -38.70 2.80 2.25
N PRO A 258 -39.37 2.65 3.40
CA PRO A 258 -39.55 3.75 4.37
C PRO A 258 -38.31 3.98 5.23
N LEU A 259 -37.21 4.37 4.62
CA LEU A 259 -35.93 4.47 5.34
C LEU A 259 -35.64 5.86 5.92
N THR A 260 -35.18 5.87 7.16
CA THR A 260 -34.62 7.05 7.78
C THR A 260 -33.15 6.78 8.03
N VAL A 261 -32.28 7.59 7.42
CA VAL A 261 -30.84 7.36 7.49
C VAL A 261 -30.16 8.23 8.56
N PHE A 262 -29.33 7.58 9.37
CA PHE A 262 -28.64 8.22 10.48
C PHE A 262 -27.13 8.29 10.25
N THR A 263 -26.54 9.42 10.63
CA THR A 263 -25.08 9.57 10.58
C THR A 263 -24.63 10.25 11.86
N TYR A 264 -23.45 9.90 12.34
CA TYR A 264 -22.98 10.42 13.62
C TYR A 264 -21.49 10.16 13.88
N TYR A 265 -20.98 10.84 14.90
CA TYR A 265 -19.60 10.80 15.38
C TYR A 265 -18.74 11.91 14.76
N ASP A 266 -19.19 12.43 13.62
CA ASP A 266 -18.53 13.55 12.97
C ASP A 266 -19.49 14.11 11.93
N SER A 267 -19.05 15.13 11.21
CA SER A 267 -19.87 15.70 10.13
C SER A 267 -19.77 14.88 8.86
N VAL A 268 -20.76 15.02 7.98
CA VAL A 268 -20.70 14.40 6.67
C VAL A 268 -20.06 15.40 5.72
N SER A 269 -18.85 15.11 5.26
CA SER A 269 -18.10 16.11 4.51
C SER A 269 -18.76 16.50 3.19
N ASP A 270 -19.21 15.53 2.42
CA ASP A 270 -19.95 15.84 1.20
C ASP A 270 -21.44 16.03 1.50
N TYR A 271 -21.75 17.15 2.14
CA TYR A 271 -23.11 17.47 2.54
C TYR A 271 -24.09 17.38 1.37
N GLU A 272 -23.74 18.05 0.27
CA GLU A 272 -24.62 18.12 -0.89
C GLU A 272 -24.97 16.74 -1.43
N ALA A 273 -23.99 15.85 -1.51
CA ALA A 273 -24.24 14.49 -1.97
C ALA A 273 -25.18 13.78 -1.01
N CYS A 274 -24.95 13.95 0.29
CA CYS A 274 -25.74 13.25 1.29
C CYS A 274 -27.21 13.66 1.28
N VAL A 275 -27.46 14.97 1.29
CA VAL A 275 -28.83 15.46 1.30
C VAL A 275 -29.51 15.23 -0.05
N SER A 276 -28.76 14.76 -1.04
CA SER A 276 -29.33 14.45 -2.34
C SER A 276 -29.78 12.98 -2.46
N LEU A 277 -29.49 12.18 -1.43
CA LEU A 277 -29.88 10.78 -1.44
C LEU A 277 -31.39 10.63 -1.51
N PRO A 278 -31.87 9.63 -2.29
CA PRO A 278 -33.31 9.42 -2.43
C PRO A 278 -33.93 8.83 -1.16
N VAL A 279 -33.78 9.50 -0.04
CA VAL A 279 -34.44 9.07 1.19
C VAL A 279 -35.34 10.19 1.70
N LYS A 280 -36.45 9.83 2.34
CA LYS A 280 -37.42 10.82 2.79
C LYS A 280 -37.00 11.52 4.09
N ARG A 281 -36.22 10.82 4.92
CA ARG A 281 -35.81 11.35 6.22
C ARG A 281 -34.32 11.16 6.46
N LEU A 282 -33.64 12.23 6.87
CA LEU A 282 -32.21 12.20 7.05
C LEU A 282 -31.83 12.82 8.39
N HIS A 283 -31.08 12.07 9.19
CA HIS A 283 -30.60 12.52 10.49
C HIS A 283 -29.14 12.96 10.39
N PHE A 284 -28.80 14.03 11.11
CA PHE A 284 -27.41 14.47 11.23
C PHE A 284 -27.09 14.62 12.70
N ASP A 285 -25.82 14.42 13.02
CA ASP A 285 -25.28 14.65 14.34
C ASP A 285 -24.82 16.11 14.41
N PHE A 286 -25.51 16.93 15.21
CA PHE A 286 -25.15 18.35 15.34
C PHE A 286 -24.46 18.66 16.66
N VAL A 287 -23.91 17.63 17.31
CA VAL A 287 -23.24 17.82 18.59
C VAL A 287 -21.73 17.61 18.51
N SER A 288 -21.31 16.59 17.76
CA SER A 288 -19.90 16.20 17.72
C SER A 288 -19.04 17.14 16.88
N ASN A 289 -19.69 17.97 16.08
CA ASN A 289 -18.98 18.76 15.07
C ASN A 289 -19.72 20.06 14.81
N GLU A 290 -19.05 20.98 14.14
CA GLU A 290 -19.65 22.25 13.75
C GLU A 290 -20.02 22.31 12.27
N GLU A 291 -19.46 21.41 11.46
CA GLU A 291 -19.60 21.50 10.01
C GLU A 291 -20.99 21.15 9.47
N ASN A 292 -21.68 20.22 10.13
CA ASN A 292 -23.03 19.89 9.67
C ASN A 292 -23.93 21.12 9.68
N LEU A 293 -23.87 21.86 10.77
CA LEU A 293 -24.62 23.10 10.90
C LEU A 293 -24.22 24.14 9.86
N LYS A 294 -22.92 24.41 9.77
CA LYS A 294 -22.38 25.35 8.79
C LYS A 294 -22.82 24.99 7.37
N ASN A 295 -22.74 23.71 7.05
CA ASN A 295 -23.09 23.24 5.71
C ASN A 295 -24.56 23.39 5.39
N LEU A 296 -25.41 23.12 6.37
CA LEU A 296 -26.85 23.26 6.20
C LEU A 296 -27.20 24.74 6.08
N GLU A 297 -26.52 25.57 6.87
CA GLU A 297 -26.66 27.01 6.76
C GLU A 297 -26.24 27.50 5.38
N LYS A 298 -25.17 26.92 4.83
CA LYS A 298 -24.65 27.34 3.54
C LYS A 298 -25.48 26.82 2.35
N HIS A 299 -25.76 25.53 2.34
CA HIS A 299 -26.42 24.91 1.19
C HIS A 299 -27.93 24.77 1.37
N GLY A 300 -28.41 24.97 2.59
CA GLY A 300 -29.81 24.72 2.92
C GLY A 300 -30.09 23.23 3.06
N PHE A 301 -31.37 22.89 3.11
CA PHE A 301 -31.79 21.50 3.23
C PHE A 301 -32.97 21.28 2.27
N PRO A 302 -32.92 20.20 1.49
CA PRO A 302 -33.94 19.88 0.47
C PRO A 302 -35.37 19.89 1.01
N GLU A 303 -36.29 20.48 0.26
CA GLU A 303 -37.68 20.58 0.68
C GLU A 303 -38.38 19.24 0.60
N ASP A 304 -37.86 18.36 -0.25
CA ASP A 304 -38.45 17.03 -0.43
C ASP A 304 -38.02 16.05 0.67
N LYS A 305 -37.33 16.56 1.68
CA LYS A 305 -36.84 15.71 2.76
C LYS A 305 -37.16 16.29 4.13
N LYS A 306 -37.21 15.42 5.13
CA LYS A 306 -37.37 15.84 6.52
C LYS A 306 -36.05 15.65 7.29
N LEU A 307 -35.63 16.71 7.98
CA LEU A 307 -34.43 16.64 8.79
C LEU A 307 -34.75 16.13 10.18
N VAL A 308 -34.01 15.12 10.62
CA VAL A 308 -34.05 14.71 12.02
C VAL A 308 -32.81 15.28 12.69
N ALA A 309 -33.02 16.16 13.67
CA ALA A 309 -31.91 16.87 14.28
C ALA A 309 -31.34 16.13 15.49
N GLY A 310 -30.13 15.57 15.32
CA GLY A 310 -29.41 14.95 16.41
C GLY A 310 -28.79 15.99 17.33
N VAL A 311 -29.54 16.35 18.37
CA VAL A 311 -29.16 17.49 19.20
C VAL A 311 -28.89 17.16 20.67
N ILE A 312 -29.21 15.95 21.12
CA ILE A 312 -28.88 15.54 22.49
C ILE A 312 -27.70 14.57 22.47
N ASN A 313 -26.61 14.93 23.15
CA ASN A 313 -25.37 14.17 23.11
C ASN A 313 -25.52 12.75 23.65
N GLY A 314 -25.19 11.77 22.81
CA GLY A 314 -25.21 10.39 23.27
C GLY A 314 -23.90 9.91 23.88
N ARG A 315 -22.89 10.77 23.91
CA ARG A 315 -21.54 10.38 24.33
C ARG A 315 -21.07 11.02 25.62
N GLN A 316 -21.77 12.04 26.09
CA GLN A 316 -21.41 12.70 27.33
C GLN A 316 -22.63 12.79 28.24
N PRO A 317 -22.42 12.79 29.56
CA PRO A 317 -23.49 12.67 30.54
C PRO A 317 -23.97 13.99 31.14
N TRP A 318 -23.84 15.10 30.43
CA TRP A 318 -24.22 16.41 30.98
C TRP A 318 -25.65 16.81 30.64
N LYS A 319 -26.41 17.19 31.65
CA LYS A 319 -27.71 17.81 31.40
C LYS A 319 -27.48 18.96 30.44
N VAL A 320 -28.39 19.14 29.49
CA VAL A 320 -28.23 20.24 28.56
C VAL A 320 -29.26 21.35 28.81
N ASP A 321 -28.92 22.55 28.38
CA ASP A 321 -29.81 23.69 28.43
C ASP A 321 -30.84 23.58 27.32
N LEU A 322 -32.05 23.13 27.66
CA LEU A 322 -33.03 22.79 26.66
C LEU A 322 -33.54 23.99 25.88
N ARG A 323 -33.44 25.16 26.49
CA ARG A 323 -33.84 26.39 25.82
C ARG A 323 -32.89 26.62 24.66
N LYS A 324 -31.60 26.42 24.90
CA LYS A 324 -30.59 26.57 23.84
C LYS A 324 -30.76 25.53 22.73
N VAL A 325 -31.02 24.29 23.12
CA VAL A 325 -31.25 23.22 22.15
C VAL A 325 -32.48 23.52 21.31
N ALA A 326 -33.55 23.96 21.97
CA ALA A 326 -34.77 24.33 21.28
C ALA A 326 -34.51 25.40 20.21
N SER A 327 -33.73 26.41 20.59
CA SER A 327 -33.34 27.45 19.63
C SER A 327 -32.54 26.87 18.45
N LEU A 328 -31.62 25.97 18.75
CA LEU A 328 -30.89 25.27 17.69
C LEU A 328 -31.86 24.53 16.77
N VAL A 329 -32.75 23.75 17.36
CA VAL A 329 -33.74 23.02 16.57
C VAL A 329 -34.53 23.96 15.67
N GLU A 330 -34.93 25.11 16.20
CA GLU A 330 -35.68 26.08 15.42
C GLU A 330 -34.82 26.65 14.28
N LYS A 331 -33.58 26.98 14.60
CA LYS A 331 -32.64 27.49 13.60
C LYS A 331 -32.46 26.48 12.47
N LEU A 332 -32.34 25.20 12.83
CA LEU A 332 -32.19 24.14 11.85
C LEU A 332 -33.47 23.95 11.05
N GLY A 333 -34.58 24.40 11.63
CA GLY A 333 -35.88 24.23 11.00
C GLY A 333 -36.33 22.79 10.99
N ALA A 334 -35.92 22.02 12.00
CA ALA A 334 -36.21 20.59 12.05
C ALA A 334 -37.60 20.27 12.59
N SER A 335 -38.24 19.30 11.97
CA SER A 335 -39.54 18.81 12.41
C SER A 335 -39.40 17.61 13.36
N ALA A 336 -38.18 17.13 13.51
CA ALA A 336 -37.92 15.97 14.37
C ALA A 336 -36.60 16.12 15.12
N ILE A 337 -36.51 15.49 16.29
CA ILE A 337 -35.32 15.55 17.12
C ILE A 337 -34.90 14.14 17.53
N SER A 338 -33.64 14.01 17.93
CA SER A 338 -33.15 12.75 18.47
C SER A 338 -31.80 12.97 19.14
N ASN A 339 -31.28 11.92 19.78
CA ASN A 339 -29.93 11.97 20.28
C ASN A 339 -28.98 12.07 19.08
N SER A 340 -27.78 12.57 19.32
CA SER A 340 -26.83 12.84 18.26
C SER A 340 -26.15 11.56 17.77
N CYS A 341 -25.86 10.67 18.72
CA CYS A 341 -25.20 9.39 18.42
C CYS A 341 -25.74 8.40 19.44
N PRO A 342 -25.44 7.10 19.26
CA PRO A 342 -26.09 6.08 20.08
C PRO A 342 -25.93 6.28 21.59
N LEU A 343 -27.00 6.01 22.32
CA LEU A 343 -27.01 6.20 23.77
C LEU A 343 -26.19 5.16 24.50
N PHE A 344 -25.81 4.08 23.83
CA PHE A 344 -25.09 3.01 24.50
C PHE A 344 -23.66 3.37 24.92
N HIS A 345 -23.23 4.58 24.59
CA HIS A 345 -21.96 5.08 25.10
C HIS A 345 -22.12 5.68 26.50
N LEU A 346 -23.33 5.63 27.02
CA LEU A 346 -23.65 6.13 28.36
C LEU A 346 -24.14 5.05 29.29
N PRO A 347 -24.03 5.28 30.61
CA PRO A 347 -24.59 4.30 31.55
C PRO A 347 -26.13 4.35 31.51
N VAL A 348 -26.78 3.38 32.12
CA VAL A 348 -28.24 3.27 32.02
C VAL A 348 -29.00 4.39 32.74
N THR A 349 -28.71 4.57 34.02
CA THR A 349 -29.46 5.54 34.80
C THR A 349 -28.71 6.11 35.98
N LEU A 350 -28.91 7.40 36.19
CA LEU A 350 -28.26 8.15 37.25
C LEU A 350 -28.97 7.94 38.59
N GLU A 351 -30.17 7.38 38.53
CA GLU A 351 -31.10 7.37 39.67
C GLU A 351 -30.49 7.03 41.03
N LEU A 352 -29.78 5.92 41.11
CA LEU A 352 -29.26 5.46 42.40
C LEU A 352 -27.83 5.92 42.70
N GLU A 353 -27.32 6.89 41.94
CA GLU A 353 -25.98 7.40 42.16
C GLU A 353 -26.01 8.47 43.25
N ASN A 354 -25.92 8.03 44.50
CA ASN A 354 -26.12 8.95 45.62
C ASN A 354 -24.87 9.26 46.47
N ASN A 355 -23.70 8.87 45.97
CA ASN A 355 -22.46 9.23 46.65
C ASN A 355 -21.51 10.01 45.74
N LEU A 356 -22.07 10.85 44.87
CA LEU A 356 -21.26 11.71 44.01
C LEU A 356 -20.96 13.02 44.72
N PRO A 357 -19.82 13.65 44.38
CA PRO A 357 -19.45 14.93 44.99
C PRO A 357 -20.61 15.92 44.96
N GLY A 358 -20.65 16.80 45.95
CA GLY A 358 -21.74 17.76 46.08
C GLY A 358 -21.99 18.57 44.83
N GLY A 359 -23.24 18.60 44.39
CA GLY A 359 -23.63 19.38 43.22
C GLY A 359 -23.52 18.65 41.90
N LEU A 360 -22.81 17.53 41.88
CA LEU A 360 -22.55 16.84 40.61
C LEU A 360 -23.80 16.19 40.02
N LYS A 361 -24.42 15.30 40.78
CA LYS A 361 -25.58 14.56 40.30
C LYS A 361 -26.59 15.49 39.61
N GLU A 362 -26.77 16.68 40.17
CA GLU A 362 -27.72 17.64 39.62
C GLU A 362 -27.37 18.10 38.20
N LYS A 363 -26.14 17.86 37.77
CA LYS A 363 -25.72 18.33 36.45
C LYS A 363 -25.61 17.19 35.44
N LEU A 364 -25.82 15.96 35.92
CA LEU A 364 -25.64 14.78 35.09
C LEU A 364 -26.95 14.25 34.51
N ALA A 365 -26.80 13.44 33.46
CA ALA A 365 -27.92 12.77 32.83
C ALA A 365 -27.36 11.56 32.07
N PHE A 366 -27.74 10.37 32.50
CA PHE A 366 -27.31 9.16 31.80
C PHE A 366 -28.40 8.77 30.77
N ALA A 367 -28.30 7.57 30.22
CA ALA A 367 -29.14 7.19 29.09
C ALA A 367 -30.64 7.42 29.34
N LYS A 368 -31.15 6.90 30.45
CA LYS A 368 -32.57 7.04 30.77
C LYS A 368 -32.96 8.51 30.87
N GLU A 369 -32.10 9.31 31.48
CA GLU A 369 -32.36 10.74 31.63
C GLU A 369 -32.29 11.48 30.28
N LYS A 370 -31.47 10.97 29.36
CA LYS A 370 -31.38 11.55 28.02
C LYS A 370 -32.70 11.35 27.26
N LEU A 371 -33.33 10.19 27.43
CA LEU A 371 -34.64 9.96 26.83
C LEU A 371 -35.65 10.97 27.39
N GLU A 372 -35.59 11.17 28.69
CA GLU A 372 -36.50 12.12 29.34
C GLU A 372 -36.22 13.56 28.86
N GLU A 373 -34.98 13.86 28.52
CA GLU A 373 -34.65 15.17 27.94
C GLU A 373 -35.32 15.36 26.57
N LEU A 374 -35.31 14.32 25.75
CA LEU A 374 -35.91 14.41 24.43
C LEU A 374 -37.41 14.62 24.58
N LYS A 375 -37.98 13.97 25.60
CA LYS A 375 -39.39 14.07 25.88
C LYS A 375 -39.73 15.50 26.27
N MET A 376 -38.94 16.08 27.17
CA MET A 376 -39.16 17.44 27.62
C MET A 376 -38.93 18.45 26.49
N LEU A 377 -37.95 18.15 25.63
CA LEU A 377 -37.65 19.05 24.51
C LEU A 377 -38.80 19.05 23.52
N LYS A 378 -39.35 17.88 23.23
CA LYS A 378 -40.52 17.76 22.39
C LYS A 378 -41.70 18.55 23.02
N ASP A 379 -41.95 18.31 24.30
CA ASP A 379 -43.02 19.02 25.01
C ASP A 379 -42.84 20.53 24.96
N PHE A 380 -41.64 20.99 25.26
CA PHE A 380 -41.34 22.42 25.22
C PHE A 380 -41.56 22.98 23.83
N LEU A 381 -41.03 22.28 22.81
CA LEU A 381 -41.18 22.71 21.43
C LEU A 381 -42.63 22.71 20.98
N GLU A 382 -43.44 21.90 21.64
CA GLU A 382 -44.86 21.80 21.31
C GLU A 382 -45.73 22.72 22.16
N GLY A 383 -45.10 23.47 23.06
CA GLY A 383 -45.81 24.43 23.88
C GLY A 383 -46.60 23.81 25.02
N LYS A 384 -46.26 22.57 25.37
CA LYS A 384 -47.00 21.83 26.38
C LYS A 384 -46.35 21.93 27.76
N THR A 385 -45.12 22.44 27.80
CA THR A 385 -44.40 22.61 29.05
C THR A 385 -43.67 23.95 29.04
N PHE A 386 -43.72 24.68 30.17
CA PHE A 386 -43.12 26.01 30.26
C PHE A 386 -41.89 26.09 31.18
N ASP A 387 -41.89 25.29 32.23
CA ASP A 387 -40.77 25.27 33.18
C ASP A 387 -39.67 24.32 32.73
N LEU A 388 -38.49 24.88 32.44
CA LEU A 388 -37.33 24.07 32.12
C LEU A 388 -36.31 24.19 33.26
N PRO A 389 -35.51 23.13 33.46
CA PRO A 389 -34.41 23.22 34.44
C PRO A 389 -33.39 24.28 34.05
N ASN A 390 -32.68 24.81 35.03
CA ASN A 390 -31.68 25.85 34.79
C ASN A 390 -30.36 25.30 34.25
N VAL A 391 -29.75 24.37 34.98
CA VAL A 391 -28.45 23.85 34.58
C VAL A 391 -27.37 24.92 34.64
N ASP A 399 -10.89 25.08 40.37
CA ASP A 399 -9.69 25.39 41.12
C ASP A 399 -8.92 26.47 40.39
N LEU A 400 -9.16 27.72 40.79
CA LEU A 400 -8.67 28.88 40.06
C LEU A 400 -7.15 28.89 39.88
N GLN A 401 -6.42 28.45 40.90
CA GLN A 401 -4.97 28.45 40.88
C GLN A 401 -4.43 27.46 39.84
N ALA A 402 -5.08 26.31 39.73
CA ALA A 402 -4.70 25.31 38.75
C ALA A 402 -5.08 25.77 37.34
N VAL A 403 -6.25 26.39 37.23
CA VAL A 403 -6.72 26.91 35.95
C VAL A 403 -5.77 27.97 35.39
N GLU A 404 -5.36 28.91 36.23
CA GLU A 404 -4.44 29.96 35.81
C GLU A 404 -3.09 29.39 35.38
N ARG A 405 -2.59 28.42 36.14
CA ARG A 405 -1.28 27.82 35.84
C ARG A 405 -1.28 27.22 34.44
N VAL A 406 -2.38 26.58 34.07
CA VAL A 406 -2.49 26.00 32.73
C VAL A 406 -2.61 27.07 31.66
N ARG A 407 -3.47 28.06 31.89
CA ARG A 407 -3.68 29.13 30.92
C ARG A 407 -2.41 29.96 30.73
N ASN A 408 -1.57 30.00 31.76
CA ASN A 408 -0.35 30.82 31.73
C ASN A 408 0.94 30.02 31.72
N LEU A 409 0.91 28.83 31.12
CA LEU A 409 2.12 28.00 31.04
C LEU A 409 3.21 28.67 30.20
N PRO A 410 4.44 28.69 30.73
CA PRO A 410 5.59 29.21 29.96
C PRO A 410 5.74 28.43 28.66
N GLU A 411 6.17 29.12 27.61
CA GLU A 411 6.35 28.47 26.31
C GLU A 411 7.38 27.34 26.39
N ASP A 412 8.22 27.38 27.42
CA ASP A 412 9.27 26.39 27.59
C ASP A 412 8.80 25.14 28.34
N SER A 413 7.52 25.13 28.72
CA SER A 413 6.97 24.06 29.56
C SER A 413 6.89 22.73 28.83
N PHE A 414 6.85 22.80 27.50
CA PHE A 414 6.60 21.61 26.67
C PHE A 414 7.87 20.95 26.14
N ARG A 415 9.02 21.31 26.70
CA ARG A 415 10.26 20.66 26.35
C ARG A 415 11.05 20.37 27.62
N ARG A 416 11.90 19.33 27.57
CA ARG A 416 12.75 19.00 28.70
C ARG A 416 14.05 19.81 28.65
N GLU A 417 14.72 19.94 29.80
CA GLU A 417 15.92 20.76 29.90
C GLU A 417 16.93 20.45 28.81
N LYS A 418 17.31 19.18 28.70
CA LYS A 418 18.27 18.74 27.69
C LYS A 418 17.59 17.86 26.64
N GLU A 419 18.08 17.91 25.41
CA GLU A 419 17.53 17.10 24.33
C GLU A 419 17.98 15.64 24.45
N TYR A 420 17.42 14.76 23.63
CA TYR A 420 17.63 13.33 23.78
C TYR A 420 19.11 12.91 23.74
N THR A 421 19.83 13.34 22.70
CA THR A 421 21.24 12.98 22.55
C THR A 421 22.03 13.20 23.83
N GLU A 422 21.84 14.37 24.45
CA GLU A 422 22.53 14.69 25.69
C GLU A 422 21.95 13.89 26.87
N ARG A 423 20.62 13.78 26.91
CA ARG A 423 19.95 12.97 27.92
C ARG A 423 20.46 11.53 27.85
N ASP A 424 20.44 11.00 26.64
CA ASP A 424 20.80 9.61 26.39
C ASP A 424 22.13 9.25 27.05
N ARG A 425 23.14 10.08 26.82
CA ARG A 425 24.46 9.84 27.42
C ARG A 425 24.37 9.79 28.93
N ILE A 426 23.74 10.80 29.51
CA ILE A 426 23.63 10.88 30.97
C ILE A 426 22.92 9.66 31.54
N GLN A 427 21.81 9.29 30.91
CA GLN A 427 21.00 8.16 31.37
C GLN A 427 21.76 6.84 31.25
N ARG A 428 22.32 6.57 30.07
CA ARG A 428 23.04 5.33 29.84
C ARG A 428 24.20 5.12 30.82
N GLU A 429 24.79 6.23 31.29
CA GLU A 429 25.88 6.17 32.24
C GLU A 429 25.34 5.89 33.64
N ARG A 430 24.17 6.43 33.93
CA ARG A 430 23.55 6.28 35.24
C ARG A 430 23.04 4.86 35.46
N LEU A 431 22.53 4.26 34.38
CA LEU A 431 21.86 2.96 34.47
C LEU A 431 22.81 1.79 34.24
N ASN A 432 23.76 1.97 33.33
CA ASN A 432 24.75 0.94 33.04
C ASN A 432 24.13 -0.37 32.57
N LEU A 433 23.23 -0.27 31.59
CA LEU A 433 22.53 -1.45 31.09
C LEU A 433 23.28 -2.13 29.97
N PRO A 434 23.24 -3.48 29.94
CA PRO A 434 23.83 -4.25 28.86
C PRO A 434 23.12 -3.96 27.55
N LEU A 435 23.70 -4.41 26.44
CA LEU A 435 23.03 -4.35 25.16
C LEU A 435 21.80 -5.25 25.27
N PHE A 436 20.79 -4.97 24.45
CA PHE A 436 19.53 -5.72 24.47
C PHE A 436 19.00 -5.95 25.89
N PRO A 437 18.76 -4.88 26.65
CA PRO A 437 18.25 -5.03 28.01
C PRO A 437 16.82 -5.56 28.00
N THR A 438 16.46 -6.35 29.01
CA THR A 438 15.12 -6.92 29.08
C THR A 438 14.32 -6.25 30.18
N THR A 439 13.02 -6.09 29.93
CA THR A 439 12.13 -5.51 30.92
C THR A 439 10.72 -6.01 30.63
N THR A 440 9.78 -5.60 31.48
CA THR A 440 8.37 -5.90 31.23
C THR A 440 7.58 -4.60 31.31
N ILE A 441 6.28 -4.69 31.05
CA ILE A 441 5.47 -3.49 30.81
C ILE A 441 4.80 -2.92 32.07
N GLY A 442 4.67 -3.73 33.11
CA GLY A 442 4.13 -3.22 34.36
C GLY A 442 3.35 -4.21 35.20
N SER A 443 2.22 -4.66 34.67
CA SER A 443 1.34 -5.55 35.44
C SER A 443 1.77 -7.02 35.38
N PHE A 444 1.56 -7.73 36.49
CA PHE A 444 1.84 -9.16 36.55
C PHE A 444 0.55 -9.94 36.78
N PRO A 445 0.59 -11.27 36.60
CA PRO A 445 -0.58 -12.13 36.79
C PRO A 445 -1.19 -11.93 38.18
N GLN A 446 -2.51 -12.10 38.28
CA GLN A 446 -3.21 -11.92 39.54
C GLN A 446 -3.78 -13.24 40.07
N THR A 447 -3.18 -13.76 41.13
CA THR A 447 -3.69 -14.96 41.78
C THR A 447 -5.08 -14.66 42.33
N PRO A 448 -5.91 -15.71 42.49
CA PRO A 448 -7.25 -15.51 43.05
C PRO A 448 -7.17 -14.72 44.35
N GLU A 449 -6.13 -14.99 45.14
CA GLU A 449 -5.88 -14.24 46.37
C GLU A 449 -5.78 -12.75 46.07
N VAL A 450 -4.91 -12.40 45.13
CA VAL A 450 -4.71 -10.99 44.76
C VAL A 450 -6.01 -10.30 44.38
N ARG A 451 -6.83 -10.98 43.57
CA ARG A 451 -8.11 -10.41 43.15
C ARG A 451 -9.06 -10.30 44.34
N LYS A 452 -9.07 -11.33 45.17
CA LYS A 452 -9.91 -11.37 46.35
C LYS A 452 -9.55 -10.24 47.32
N MET A 453 -8.28 -10.16 47.69
CA MET A 453 -7.83 -9.14 48.64
C MET A 453 -8.23 -7.73 48.19
N ARG A 454 -7.93 -7.41 46.92
CA ARG A 454 -8.29 -6.10 46.39
C ARG A 454 -9.80 -5.87 46.49
N SER A 455 -10.58 -6.86 46.10
CA SER A 455 -12.03 -6.78 46.21
C SER A 455 -12.44 -6.53 47.66
N LYS A 456 -11.80 -7.25 48.58
CA LYS A 456 -12.07 -7.07 50.00
C LYS A 456 -11.71 -5.65 50.45
N PHE A 470 -0.25 -6.59 52.55
CA PHE A 470 -0.43 -7.65 51.56
C PHE A 470 0.28 -7.31 50.25
N ILE A 471 0.00 -6.12 49.73
CA ILE A 471 0.63 -5.64 48.51
C ILE A 471 2.16 -5.69 48.65
N LYS A 472 2.66 -5.23 49.79
CA LYS A 472 4.09 -5.22 50.05
C LYS A 472 4.67 -6.63 49.89
N GLU A 473 3.91 -7.64 50.30
CA GLU A 473 4.34 -9.02 50.18
C GLU A 473 4.41 -9.46 48.71
N GLN A 474 3.35 -9.19 47.96
CA GLN A 474 3.30 -9.55 46.55
C GLN A 474 4.41 -8.85 45.77
N ILE A 475 4.64 -7.58 46.10
CA ILE A 475 5.68 -6.81 45.44
C ILE A 475 7.05 -7.43 45.69
N LYS A 476 7.33 -7.75 46.96
CA LYS A 476 8.59 -8.39 47.32
C LYS A 476 8.80 -9.65 46.50
N LYS A 477 7.81 -10.54 46.54
CA LYS A 477 7.89 -11.80 45.84
C LYS A 477 8.10 -11.61 44.34
N ALA A 478 7.43 -10.61 43.77
CA ALA A 478 7.52 -10.33 42.35
C ALA A 478 8.90 -9.82 41.99
N ILE A 479 9.44 -8.93 42.83
CA ILE A 479 10.77 -8.41 42.60
C ILE A 479 11.82 -9.51 42.76
N GLU A 480 11.59 -10.39 43.74
CA GLU A 480 12.46 -11.54 43.96
C GLU A 480 12.53 -12.39 42.70
N LEU A 481 11.37 -12.73 42.17
CA LEU A 481 11.26 -13.57 40.98
C LEU A 481 11.96 -12.96 39.77
N GLN A 482 11.76 -11.65 39.58
CA GLN A 482 12.38 -10.96 38.45
C GLN A 482 13.90 -11.04 38.49
N GLU A 483 14.47 -10.76 39.66
CA GLU A 483 15.91 -10.85 39.85
C GLU A 483 16.39 -12.26 39.52
N GLU A 484 15.78 -13.25 40.16
CA GLU A 484 16.15 -14.64 39.94
C GLU A 484 15.97 -15.06 38.49
N ILE A 485 15.04 -14.41 37.79
CA ILE A 485 14.84 -14.70 36.37
C ILE A 485 15.95 -14.10 35.52
N GLY A 486 16.38 -12.89 35.88
CA GLY A 486 17.49 -12.24 35.21
C GLY A 486 17.11 -11.01 34.41
N LEU A 487 15.94 -10.45 34.72
CA LEU A 487 15.47 -9.25 34.03
C LEU A 487 16.33 -8.04 34.37
N ASP A 488 16.53 -7.17 33.40
CA ASP A 488 17.40 -6.01 33.58
C ASP A 488 16.71 -4.82 34.23
N VAL A 489 15.50 -4.50 33.79
CA VAL A 489 14.71 -3.45 34.41
C VAL A 489 13.42 -4.02 35.00
N LEU A 490 13.15 -3.71 36.26
CA LEU A 490 12.07 -4.36 37.00
C LEU A 490 10.79 -3.52 37.13
N VAL A 491 9.70 -4.18 37.50
CA VAL A 491 8.44 -3.50 37.77
C VAL A 491 7.82 -4.03 39.06
N HIS A 492 6.84 -3.30 39.59
CA HIS A 492 6.24 -3.65 40.87
C HIS A 492 4.98 -4.50 40.73
N GLY A 493 4.44 -4.61 39.53
CA GLY A 493 3.40 -5.57 39.25
C GLY A 493 1.98 -5.06 39.21
N GLU A 494 1.75 -3.87 39.78
CA GLU A 494 0.43 -3.24 39.76
C GLU A 494 -0.66 -4.08 40.40
N PHE A 495 -0.30 -4.90 41.38
CA PHE A 495 -1.26 -5.76 42.05
C PHE A 495 -2.34 -4.94 42.74
N GLU A 496 -2.00 -3.72 43.10
CA GLU A 496 -2.89 -2.84 43.84
C GLU A 496 -3.88 -2.09 42.97
N ARG A 497 -3.81 -2.29 41.65
CA ARG A 497 -4.63 -1.50 40.72
C ARG A 497 -5.74 -2.32 40.05
N THR A 498 -6.93 -1.74 40.00
CA THR A 498 -8.06 -2.36 39.30
C THR A 498 -7.85 -2.26 37.80
N ASP A 499 -7.56 -1.05 37.33
CA ASP A 499 -7.16 -0.83 35.94
C ASP A 499 -6.43 0.51 35.80
N MET A 500 -5.76 0.70 34.67
CA MET A 500 -4.81 1.80 34.51
C MET A 500 -5.44 3.19 34.56
N VAL A 501 -6.75 3.28 34.35
CA VAL A 501 -7.42 4.56 34.43
C VAL A 501 -8.09 4.77 35.78
N GLU A 502 -8.95 3.83 36.15
CA GLU A 502 -9.71 3.91 37.40
C GLU A 502 -8.80 4.18 38.60
N PHE A 503 -7.67 3.49 38.64
CA PHE A 503 -6.73 3.62 39.76
C PHE A 503 -6.33 5.07 40.00
N PHE A 504 -6.13 5.81 38.90
CA PHE A 504 -5.71 7.20 39.00
C PHE A 504 -6.91 8.12 39.09
N ALA A 505 -7.99 7.76 38.42
CA ALA A 505 -9.20 8.59 38.45
C ALA A 505 -9.71 8.73 39.88
N GLU A 506 -9.48 7.69 40.69
CA GLU A 506 -9.95 7.69 42.07
C GLU A 506 -9.10 8.56 42.98
N LYS A 507 -7.92 8.96 42.50
CA LYS A 507 -6.97 9.70 43.34
C LYS A 507 -6.77 11.14 42.90
N LEU A 508 -7.52 11.58 41.89
CA LEU A 508 -7.37 12.93 41.38
C LEU A 508 -8.58 13.78 41.74
N ASN A 509 -8.32 15.05 42.05
CA ASN A 509 -9.40 16.00 42.25
C ASN A 509 -9.97 16.41 40.91
N GLY A 510 -11.24 16.77 40.90
CA GLY A 510 -11.90 17.18 39.68
C GLY A 510 -12.50 16.00 38.93
N ILE A 511 -12.28 14.79 39.45
CA ILE A 511 -12.75 13.57 38.81
C ILE A 511 -13.57 12.72 39.76
N ALA A 512 -14.75 12.30 39.31
CA ALA A 512 -15.60 11.42 40.11
C ALA A 512 -15.69 10.03 39.51
N THR A 513 -16.00 9.04 40.35
CA THR A 513 -16.31 7.70 39.89
C THR A 513 -17.70 7.32 40.40
N THR A 514 -18.39 6.47 39.66
CA THR A 514 -19.76 6.08 40.01
C THR A 514 -19.82 4.71 40.66
N GLN A 515 -20.99 4.36 41.20
CA GLN A 515 -21.19 3.05 41.79
C GLN A 515 -21.69 2.05 40.74
N ASN A 516 -22.62 2.48 39.91
CA ASN A 516 -23.27 1.58 38.96
C ASN A 516 -23.30 2.12 37.54
N GLY A 517 -22.41 3.06 37.22
CA GLY A 517 -22.40 3.68 35.91
C GLY A 517 -21.74 2.81 34.85
N TRP A 518 -22.26 1.60 34.67
CA TRP A 518 -21.67 0.63 33.75
C TRP A 518 -21.96 0.93 32.28
N VAL A 519 -20.94 0.72 31.45
CA VAL A 519 -21.05 0.91 30.01
C VAL A 519 -20.43 -0.27 29.29
N LEU A 520 -21.11 -0.75 28.26
CA LEU A 520 -20.64 -1.91 27.51
C LEU A 520 -19.38 -1.60 26.69
N SER A 521 -18.35 -2.41 26.89
CA SER A 521 -17.14 -2.31 26.09
C SER A 521 -17.20 -3.27 24.89
N TYR A 522 -17.68 -4.49 25.16
CA TYR A 522 -17.86 -5.52 24.13
C TYR A 522 -18.42 -6.75 24.81
N GLY A 523 -19.03 -7.65 24.04
CA GLY A 523 -19.57 -8.88 24.59
C GLY A 523 -20.30 -8.71 25.92
N SER A 524 -19.72 -9.28 26.98
CA SER A 524 -20.34 -9.20 28.30
C SER A 524 -19.53 -8.31 29.24
N ARG A 525 -18.50 -7.68 28.70
CA ARG A 525 -17.59 -6.86 29.51
C ARG A 525 -18.00 -5.40 29.58
N CYS A 526 -18.26 -4.93 30.80
CA CYS A 526 -18.61 -3.54 31.04
C CYS A 526 -17.53 -2.86 31.90
N TYR A 527 -17.56 -1.52 31.91
CA TYR A 527 -16.65 -0.74 32.72
C TYR A 527 -17.38 0.51 33.18
N ARG A 528 -16.92 1.12 34.27
CA ARG A 528 -17.47 2.38 34.75
C ARG A 528 -16.55 3.55 34.38
N PRO A 529 -16.93 4.34 33.38
CA PRO A 529 -16.08 5.48 33.02
C PRO A 529 -16.08 6.53 34.13
N PRO A 530 -14.90 7.06 34.46
CA PRO A 530 -14.83 8.19 35.38
C PRO A 530 -15.51 9.41 34.77
N ILE A 531 -15.85 10.36 35.62
CA ILE A 531 -16.40 11.63 35.16
C ILE A 531 -15.48 12.75 35.62
N ILE A 532 -14.82 13.38 34.65
CA ILE A 532 -14.00 14.55 34.92
C ILE A 532 -14.93 15.77 34.92
N TYR A 533 -15.32 16.21 36.11
CA TYR A 533 -16.35 17.24 36.25
C TYR A 533 -15.81 18.63 36.59
N GLY A 534 -14.55 18.71 36.98
CA GLY A 534 -13.95 19.98 37.35
C GLY A 534 -12.44 19.99 37.16
N THR A 535 -11.81 21.07 37.59
CA THR A 535 -10.36 21.21 37.46
C THR A 535 -9.63 20.02 38.05
N VAL A 536 -8.74 19.42 37.27
CA VAL A 536 -8.01 18.25 37.74
C VAL A 536 -6.70 18.66 38.39
N THR A 537 -6.45 18.14 39.60
CA THR A 537 -5.20 18.36 40.29
C THR A 537 -4.89 17.12 41.10
N ARG A 538 -3.64 16.95 41.49
CA ARG A 538 -3.22 15.83 42.32
C ARG A 538 -2.86 16.29 43.73
N PRO A 539 -3.81 16.24 44.66
CA PRO A 539 -3.56 16.62 46.05
C PRO A 539 -2.40 15.84 46.68
N GLU A 540 -2.47 14.52 46.66
CA GLU A 540 -1.46 13.69 47.30
C GLU A 540 -0.76 12.73 46.33
N PRO A 541 0.46 12.30 46.67
CA PRO A 541 1.17 11.30 45.88
C PRO A 541 0.32 10.05 45.67
N MET A 542 0.37 9.48 44.47
CA MET A 542 -0.52 8.38 44.13
C MET A 542 0.15 7.01 44.20
N THR A 543 1.41 6.94 43.81
CA THR A 543 2.07 5.64 43.62
C THR A 543 3.40 5.51 44.37
N LEU A 544 3.82 6.56 45.06
CA LEU A 544 5.13 6.58 45.70
C LEU A 544 5.36 5.40 46.66
N LYS A 545 4.37 5.12 47.49
CA LYS A 545 4.46 4.01 48.45
C LYS A 545 4.90 2.71 47.79
N GLU A 546 4.27 2.36 46.66
CA GLU A 546 4.52 1.09 46.00
C GLU A 546 5.87 1.02 45.30
N ILE A 547 6.19 2.07 44.53
CA ILE A 547 7.43 2.08 43.75
C ILE A 547 8.64 2.21 44.66
N THR A 548 8.53 3.08 45.66
CA THR A 548 9.62 3.29 46.61
C THR A 548 10.02 1.98 47.27
N TYR A 549 9.04 1.33 47.89
CA TYR A 549 9.27 0.03 48.50
C TYR A 549 9.92 -0.92 47.49
N ALA A 550 9.38 -0.94 46.28
CA ALA A 550 9.88 -1.82 45.23
C ALA A 550 11.36 -1.60 44.96
N GLN A 551 11.75 -0.34 44.88
CA GLN A 551 13.13 0.01 44.57
C GLN A 551 14.05 -0.36 45.71
N SER A 552 13.51 -0.38 46.93
CA SER A 552 14.30 -0.61 48.13
C SER A 552 14.64 -2.09 48.31
N LEU A 553 14.18 -2.93 47.39
CA LEU A 553 14.40 -4.37 47.51
C LEU A 553 15.47 -4.86 46.55
N THR A 554 15.97 -3.96 45.70
CA THR A 554 16.92 -4.34 44.66
C THR A 554 17.78 -3.17 44.20
N GLU A 555 18.96 -3.48 43.68
CA GLU A 555 19.86 -2.48 43.14
C GLU A 555 19.52 -2.22 41.67
N LYS A 556 18.73 -3.13 41.09
CA LYS A 556 18.27 -2.95 39.71
C LYS A 556 17.22 -1.86 39.66
N PRO A 557 17.16 -1.14 38.53
CA PRO A 557 16.19 -0.06 38.36
C PRO A 557 14.76 -0.58 38.34
N VAL A 558 13.88 0.02 39.12
CA VAL A 558 12.45 -0.28 39.07
C VAL A 558 11.71 0.88 38.41
N LYS A 559 10.81 0.57 37.49
CA LYS A 559 10.07 1.59 36.76
C LYS A 559 8.99 2.24 37.59
N GLY A 560 8.92 3.56 37.54
CA GLY A 560 7.73 4.27 37.94
C GLY A 560 6.70 3.93 36.87
N MET A 561 5.43 3.88 37.24
CA MET A 561 4.39 3.39 36.34
C MET A 561 3.15 4.27 36.33
N LEU A 562 2.98 5.07 35.28
CA LEU A 562 1.90 6.04 35.22
C LEU A 562 1.08 5.92 33.93
N THR A 563 -0.14 6.43 33.97
CA THR A 563 -1.01 6.45 32.81
C THR A 563 -1.08 7.86 32.24
N GLY A 564 -0.91 7.99 30.93
CA GLY A 564 -0.89 9.29 30.28
C GLY A 564 -2.21 10.05 30.34
N PRO A 565 -2.15 11.35 30.03
CA PRO A 565 -3.31 12.25 30.04
C PRO A 565 -4.34 11.94 28.94
N VAL A 566 -3.88 11.54 27.76
CA VAL A 566 -4.80 11.28 26.65
C VAL A 566 -5.63 10.03 26.92
N THR A 567 -4.99 9.02 27.51
CA THR A 567 -5.67 7.76 27.79
C THR A 567 -6.71 7.95 28.91
N ILE A 568 -6.36 8.73 29.93
CA ILE A 568 -7.30 9.01 31.01
C ILE A 568 -8.55 9.70 30.46
N MET A 569 -8.35 10.64 29.55
CA MET A 569 -9.47 11.33 28.92
C MET A 569 -10.29 10.44 27.99
N SER A 570 -9.61 9.54 27.30
CA SER A 570 -10.23 8.68 26.31
C SER A 570 -11.19 7.68 26.94
N TRP A 571 -10.93 7.30 28.18
CA TRP A 571 -11.76 6.34 28.89
C TRP A 571 -12.70 6.98 29.91
N SER A 572 -12.79 8.31 29.88
CA SER A 572 -13.61 9.04 30.84
C SER A 572 -14.58 9.96 30.15
N TYR A 573 -15.60 10.40 30.88
CA TYR A 573 -16.43 11.51 30.42
C TYR A 573 -15.75 12.78 30.90
N TYR A 574 -15.95 13.87 30.18
CA TYR A 574 -15.40 15.14 30.61
C TYR A 574 -16.26 16.28 30.11
N ARG A 575 -15.94 17.49 30.55
CA ARG A 575 -16.80 18.61 30.28
C ARG A 575 -16.66 19.16 28.87
N GLU A 576 -17.79 19.64 28.33
CA GLU A 576 -17.93 20.10 26.96
C GLU A 576 -17.69 21.60 26.84
N ASP A 577 -17.77 22.30 27.97
CA ASP A 577 -17.70 23.76 27.96
C ASP A 577 -16.28 24.25 28.23
N ILE A 578 -15.34 23.31 28.16
CA ILE A 578 -13.93 23.60 28.35
C ILE A 578 -13.22 23.00 27.14
N PRO A 579 -12.16 23.66 26.65
CA PRO A 579 -11.40 23.09 25.54
C PRO A 579 -10.74 21.77 25.94
N GLU A 580 -10.75 20.77 25.06
CA GLU A 580 -10.15 19.49 25.39
C GLU A 580 -8.70 19.64 25.84
N ARG A 581 -7.96 20.53 25.18
CA ARG A 581 -6.55 20.69 25.50
C ARG A 581 -6.32 21.19 26.91
N GLU A 582 -7.23 22.03 27.41
CA GLU A 582 -7.11 22.52 28.78
C GLU A 582 -7.25 21.39 29.79
N ILE A 583 -8.21 20.50 29.55
CA ILE A 583 -8.41 19.34 30.40
C ILE A 583 -7.18 18.46 30.36
N ALA A 584 -6.66 18.24 29.16
CA ALA A 584 -5.48 17.39 28.97
C ALA A 584 -4.29 17.96 29.72
N TYR A 585 -4.09 19.28 29.60
CA TYR A 585 -2.97 19.92 30.28
C TYR A 585 -3.11 19.84 31.80
N GLN A 586 -4.33 20.05 32.29
CA GLN A 586 -4.57 19.93 33.73
C GLN A 586 -4.16 18.57 34.23
N ILE A 587 -4.61 17.53 33.53
CA ILE A 587 -4.29 16.15 33.89
C ILE A 587 -2.79 15.91 33.78
N ALA A 588 -2.20 16.39 32.69
CA ALA A 588 -0.77 16.24 32.46
C ALA A 588 0.07 16.83 33.60
N LEU A 589 -0.29 18.04 34.03
CA LEU A 589 0.43 18.68 35.12
C LEU A 589 0.31 17.87 36.40
N ALA A 590 -0.90 17.37 36.67
CA ALA A 590 -1.13 16.52 37.82
C ALA A 590 -0.26 15.26 37.78
N ILE A 591 -0.10 14.70 36.58
CA ILE A 591 0.75 13.53 36.39
C ILE A 591 2.22 13.90 36.59
N ASN A 592 2.61 15.07 36.10
CA ASN A 592 3.98 15.53 36.25
C ASN A 592 4.35 15.73 37.73
N GLU A 593 3.38 16.15 38.52
CA GLU A 593 3.59 16.30 39.97
C GLU A 593 4.05 14.96 40.53
N GLU A 594 3.48 13.88 40.01
CA GLU A 594 3.82 12.54 40.47
C GLU A 594 5.19 12.15 39.95
N VAL A 595 5.49 12.53 38.71
CA VAL A 595 6.79 12.26 38.11
C VAL A 595 7.91 12.87 38.97
N LYS A 596 7.78 14.16 39.27
CA LYS A 596 8.75 14.85 40.11
C LYS A 596 8.98 14.10 41.43
N ASP A 597 7.89 13.74 42.09
CA ASP A 597 7.97 13.03 43.36
C ASP A 597 8.68 11.70 43.22
N LEU A 598 8.49 11.04 42.07
CA LEU A 598 9.14 9.76 41.83
C LEU A 598 10.64 9.90 41.66
N GLU A 599 11.06 10.83 40.80
CA GLU A 599 12.50 11.05 40.59
C GLU A 599 13.15 11.62 41.86
N GLU A 600 12.37 12.35 42.64
CA GLU A 600 12.84 12.88 43.93
C GLU A 600 13.12 11.73 44.88
N ALA A 601 12.26 10.71 44.83
CA ALA A 601 12.41 9.55 45.71
C ALA A 601 13.50 8.61 45.22
N GLY A 602 14.17 8.99 44.14
CA GLY A 602 15.30 8.24 43.65
C GLY A 602 15.02 7.30 42.48
N ILE A 603 13.79 7.36 41.95
CA ILE A 603 13.41 6.48 40.85
C ILE A 603 14.04 6.93 39.53
N LYS A 604 14.77 6.02 38.89
CA LYS A 604 15.57 6.35 37.72
C LYS A 604 14.81 6.27 36.40
N ILE A 605 13.82 5.37 36.33
CA ILE A 605 13.05 5.17 35.12
C ILE A 605 11.56 5.35 35.37
N VAL A 606 10.89 6.11 34.51
CA VAL A 606 9.45 6.30 34.66
C VAL A 606 8.71 6.04 33.34
N GLN A 607 7.71 5.18 33.40
CA GLN A 607 6.95 4.82 32.22
C GLN A 607 5.60 5.51 32.22
N ILE A 608 5.25 6.10 31.09
CA ILE A 608 3.93 6.69 30.91
C ILE A 608 3.17 5.89 29.86
N ASP A 609 2.07 5.26 30.27
CA ASP A 609 1.29 4.40 29.38
C ASP A 609 0.28 5.22 28.58
N GLU A 610 0.42 5.22 27.26
CA GLU A 610 -0.49 6.00 26.42
C GLU A 610 -1.10 5.14 25.30
N PRO A 611 -1.81 4.06 25.68
CA PRO A 611 -2.40 3.15 24.70
C PRO A 611 -3.45 3.81 23.80
N ALA A 612 -4.02 4.93 24.23
CA ALA A 612 -5.08 5.56 23.48
C ALA A 612 -4.62 6.73 22.61
N PHE A 613 -3.30 6.87 22.46
CA PHE A 613 -2.72 8.02 21.77
C PHE A 613 -3.29 8.22 20.36
N ARG A 614 -3.52 7.11 19.65
CA ARG A 614 -4.08 7.18 18.31
C ARG A 614 -5.61 7.01 18.31
N GLU A 615 -6.10 6.20 19.24
CA GLU A 615 -7.54 5.92 19.34
C GLU A 615 -8.36 7.18 19.56
N LYS A 616 -7.78 8.13 20.27
CA LYS A 616 -8.46 9.37 20.64
C LYS A 616 -8.53 10.35 19.46
N ALA A 617 -7.74 10.10 18.43
CA ALA A 617 -7.72 10.97 17.25
C ALA A 617 -9.09 11.08 16.58
N PRO A 618 -9.37 12.24 15.97
CA PRO A 618 -10.63 12.42 15.25
C PRO A 618 -10.76 11.45 14.09
N ILE A 619 -12.00 11.19 13.68
CA ILE A 619 -12.27 10.32 12.54
C ILE A 619 -11.69 10.87 11.25
N LYS A 620 -11.76 12.20 11.10
CA LYS A 620 -11.27 12.85 9.89
C LYS A 620 -9.80 13.24 9.97
N LYS A 621 -9.03 12.84 8.95
CA LYS A 621 -7.60 13.15 8.94
C LYS A 621 -7.34 14.65 8.93
N SER A 622 -8.24 15.43 8.37
CA SER A 622 -8.07 16.88 8.34
C SER A 622 -8.04 17.48 9.73
N LYS A 623 -8.56 16.74 10.71
CA LYS A 623 -8.60 17.22 12.09
C LYS A 623 -7.46 16.69 12.94
N TRP A 624 -6.63 15.83 12.37
CA TRP A 624 -5.49 15.25 13.08
C TRP A 624 -4.46 16.27 13.58
N PRO A 625 -4.04 17.21 12.72
CA PRO A 625 -3.02 18.17 13.15
C PRO A 625 -3.38 18.91 14.43
N GLU A 626 -4.60 19.42 14.54
CA GLU A 626 -5.02 20.10 15.75
C GLU A 626 -5.06 19.15 16.94
N TYR A 627 -5.51 17.91 16.71
CA TYR A 627 -5.59 16.94 17.79
C TYR A 627 -4.20 16.59 18.32
N PHE A 628 -3.32 16.19 17.42
CA PHE A 628 -1.98 15.78 17.85
C PHE A 628 -1.17 16.92 18.46
N GLU A 629 -1.44 18.15 18.06
CA GLU A 629 -0.77 19.29 18.69
C GLU A 629 -0.99 19.27 20.19
N TRP A 630 -2.24 19.13 20.64
CA TRP A 630 -2.48 19.10 22.08
C TRP A 630 -2.13 17.75 22.73
N ALA A 631 -2.33 16.66 22.02
CA ALA A 631 -1.96 15.34 22.53
C ALA A 631 -0.46 15.27 22.80
N ILE A 632 0.32 15.82 21.89
CA ILE A 632 1.77 15.87 22.06
C ILE A 632 2.15 16.75 23.24
N ASN A 633 1.59 17.96 23.28
CA ASN A 633 1.86 18.89 24.37
C ASN A 633 1.50 18.30 25.73
N ALA A 634 0.33 17.66 25.80
CA ALA A 634 -0.13 17.06 27.04
C ALA A 634 0.85 15.97 27.48
N PHE A 635 1.22 15.09 26.55
CA PHE A 635 2.19 14.06 26.90
C PHE A 635 3.49 14.69 27.40
N ASN A 636 3.96 15.71 26.69
CA ASN A 636 5.22 16.35 27.06
C ASN A 636 5.17 17.07 28.41
N LEU A 637 4.03 17.64 28.76
CA LEU A 637 3.85 18.21 30.09
C LEU A 637 4.00 17.14 31.16
N ALA A 638 3.35 16.00 30.93
CA ALA A 638 3.40 14.89 31.87
C ALA A 638 4.82 14.35 31.98
N ALA A 639 5.49 14.26 30.85
CA ALA A 639 6.81 13.64 30.79
C ALA A 639 7.95 14.62 31.04
N ASN A 640 7.62 15.84 31.41
CA ASN A 640 8.67 16.83 31.67
C ASN A 640 9.52 16.41 32.86
N ALA A 641 10.57 15.66 32.57
CA ALA A 641 11.41 15.08 33.62
C ALA A 641 12.86 15.55 33.52
N ARG A 642 13.60 15.43 34.60
CA ARG A 642 15.02 15.79 34.61
C ARG A 642 15.78 14.95 33.59
N PRO A 643 16.84 15.51 33.01
CA PRO A 643 17.60 14.80 31.96
C PRO A 643 18.09 13.42 32.41
N GLU A 644 18.42 13.25 33.68
CA GLU A 644 18.90 11.97 34.17
C GLU A 644 17.77 10.95 34.36
N THR A 645 16.53 11.39 34.18
CA THR A 645 15.38 10.50 34.29
C THR A 645 15.02 9.92 32.93
N GLN A 646 15.10 8.60 32.81
CA GLN A 646 14.75 7.95 31.55
C GLN A 646 13.24 7.71 31.45
N ILE A 647 12.62 8.33 30.45
CA ILE A 647 11.18 8.24 30.29
C ILE A 647 10.83 7.17 29.27
N HIS A 648 9.92 6.27 29.64
CA HIS A 648 9.40 5.27 28.71
C HIS A 648 7.96 5.58 28.35
N ALA A 649 7.66 5.65 27.06
CA ALA A 649 6.29 5.74 26.60
C ALA A 649 5.85 4.36 26.12
N HIS A 650 4.83 3.81 26.76
CA HIS A 650 4.30 2.51 26.33
C HIS A 650 3.09 2.71 25.44
N MET A 651 3.22 2.27 24.20
CA MET A 651 2.17 2.47 23.21
C MET A 651 1.97 1.18 22.42
N CYS A 652 0.99 0.40 22.87
CA CYS A 652 0.79 -0.95 22.35
C CYS A 652 -0.28 -1.05 21.27
N TYR A 653 -0.47 0.01 20.49
CA TYR A 653 -1.43 -0.07 19.39
C TYR A 653 -0.78 -0.59 18.11
N SER A 654 -1.61 -0.98 17.14
CA SER A 654 -1.15 -1.83 16.03
C SER A 654 -0.21 -1.22 14.98
N ASP A 655 -0.26 0.08 14.75
CA ASP A 655 0.62 0.70 13.76
C ASP A 655 0.91 2.18 14.01
N PHE A 656 2.06 2.63 13.51
CA PHE A 656 2.55 3.97 13.75
C PHE A 656 2.77 4.71 12.43
N ASN A 657 2.39 4.07 11.33
CA ASN A 657 2.73 4.55 10.00
C ASN A 657 2.31 6.00 9.73
N GLU A 658 1.07 6.33 10.06
CA GLU A 658 0.53 7.65 9.73
C GLU A 658 0.81 8.73 10.78
N ILE A 659 1.56 8.39 11.82
CA ILE A 659 1.74 9.31 12.94
C ILE A 659 3.16 9.35 13.47
N ILE A 660 4.10 8.78 12.72
CA ILE A 660 5.48 8.73 13.18
C ILE A 660 6.07 10.12 13.42
N GLU A 661 5.63 11.10 12.64
CA GLU A 661 6.11 12.48 12.77
C GLU A 661 5.60 13.13 14.05
N TYR A 662 4.46 12.65 14.55
CA TYR A 662 3.94 13.11 15.83
C TYR A 662 4.65 12.42 16.98
N ILE A 663 4.83 11.11 16.84
CA ILE A 663 5.60 10.34 17.82
C ILE A 663 6.97 10.96 18.04
N HIS A 664 7.55 11.47 16.95
CA HIS A 664 8.88 12.07 16.95
C HIS A 664 8.96 13.33 17.82
N GLN A 665 7.80 13.92 18.12
CA GLN A 665 7.74 15.15 18.91
C GLN A 665 7.59 14.87 20.41
N LEU A 666 7.40 13.61 20.75
CA LEU A 666 7.22 13.21 22.15
C LEU A 666 8.54 13.15 22.92
N GLU A 667 8.49 13.54 24.19
CA GLU A 667 9.70 13.70 24.99
C GLU A 667 10.12 12.45 25.75
N PHE A 668 9.74 11.27 25.25
CA PHE A 668 10.19 10.03 25.86
C PHE A 668 11.61 9.72 25.40
N ASP A 669 12.26 8.79 26.10
CA ASP A 669 13.59 8.31 25.73
C ASP A 669 13.54 6.91 25.15
N VAL A 670 12.57 6.11 25.62
CA VAL A 670 12.33 4.79 25.08
C VAL A 670 10.84 4.64 24.79
N ILE A 671 10.51 3.99 23.67
CA ILE A 671 9.11 3.69 23.39
C ILE A 671 8.91 2.18 23.21
N SER A 672 7.99 1.60 23.97
CA SER A 672 7.72 0.17 23.86
C SER A 672 6.50 -0.09 22.97
N ILE A 673 6.65 -1.05 22.08
CA ILE A 673 5.61 -1.34 21.10
C ILE A 673 5.26 -2.84 21.10
N GLU A 674 4.10 -3.17 20.54
CA GLU A 674 3.71 -4.56 20.40
C GLU A 674 4.13 -5.07 19.02
N ALA A 675 5.16 -5.90 18.97
CA ALA A 675 5.72 -6.31 17.68
C ALA A 675 5.48 -7.79 17.31
N SER A 676 4.95 -8.57 18.24
CA SER A 676 4.87 -10.01 18.06
C SER A 676 3.94 -10.45 16.93
N ARG A 677 2.73 -9.89 16.92
CA ARG A 677 1.70 -10.29 15.96
C ARG A 677 2.07 -9.91 14.53
N SER A 678 2.80 -8.81 14.37
CA SER A 678 3.25 -8.37 13.05
C SER A 678 4.58 -9.02 12.69
N LYS A 679 5.12 -9.80 13.62
CA LYS A 679 6.44 -10.41 13.47
C LYS A 679 7.52 -9.36 13.22
N GLY A 680 7.39 -8.20 13.86
CA GLY A 680 8.40 -7.18 13.78
C GLY A 680 8.16 -6.13 12.71
N GLU A 681 7.23 -6.42 11.79
CA GLU A 681 6.99 -5.53 10.66
C GLU A 681 6.50 -4.15 11.07
N ILE A 682 5.90 -4.07 12.25
CA ILE A 682 5.41 -2.80 12.77
C ILE A 682 6.56 -1.79 12.84
N ILE A 683 7.79 -2.30 12.80
CA ILE A 683 8.99 -1.47 12.89
C ILE A 683 9.18 -0.63 11.63
N SER A 684 8.39 -0.93 10.60
CA SER A 684 8.53 -0.24 9.31
C SER A 684 8.53 1.27 9.49
N ALA A 685 7.52 1.79 10.18
CA ALA A 685 7.37 3.22 10.39
C ALA A 685 8.61 3.85 11.03
N PHE A 686 9.30 3.08 11.88
CA PHE A 686 10.47 3.60 12.59
C PHE A 686 11.74 3.57 11.75
N GLU A 687 11.99 2.46 11.06
CA GLU A 687 13.18 2.33 10.23
C GLU A 687 13.08 3.24 9.01
N ASN A 688 11.86 3.50 8.56
CA ASN A 688 11.60 4.41 7.44
C ASN A 688 11.72 5.88 7.80
N PHE A 689 11.95 6.16 9.08
CA PHE A 689 11.99 7.53 9.54
C PHE A 689 13.43 8.04 9.64
N LYS A 690 13.89 8.67 8.57
CA LYS A 690 15.20 9.29 8.59
C LYS A 690 15.29 10.20 9.81
N GLY A 691 16.29 9.94 10.66
CA GLY A 691 16.48 10.76 11.84
C GLY A 691 15.99 10.13 13.13
N TRP A 692 15.47 8.90 13.05
CA TRP A 692 15.08 8.21 14.28
C TRP A 692 16.33 7.85 15.08
N ILE A 693 16.32 8.16 16.36
CA ILE A 693 17.49 7.89 17.20
C ILE A 693 17.13 7.36 18.59
N LYS A 694 15.84 7.30 18.90
CA LYS A 694 15.42 6.90 20.23
C LYS A 694 15.27 5.39 20.38
N GLN A 695 15.37 4.91 21.62
CA GLN A 695 15.30 3.50 21.90
C GLN A 695 13.88 2.96 21.72
N ILE A 696 13.80 1.72 21.25
CA ILE A 696 12.52 1.05 21.03
C ILE A 696 12.46 -0.25 21.85
N GLY A 697 11.39 -0.41 22.63
CA GLY A 697 11.16 -1.63 23.38
C GLY A 697 10.33 -2.61 22.56
N VAL A 698 11.00 -3.65 22.05
CA VAL A 698 10.38 -4.55 21.08
C VAL A 698 9.58 -5.66 21.75
N GLY A 699 8.27 -5.66 21.51
CA GLY A 699 7.41 -6.71 22.02
C GLY A 699 7.62 -8.01 21.28
N VAL A 700 8.09 -9.04 21.98
CA VAL A 700 8.40 -10.30 21.32
C VAL A 700 7.44 -11.41 21.72
N TRP A 701 6.37 -11.04 22.41
CA TRP A 701 5.52 -12.02 23.07
C TRP A 701 4.06 -11.54 23.15
N ASP A 702 3.17 -12.27 22.48
CA ASP A 702 1.75 -11.95 22.45
C ASP A 702 1.10 -12.30 23.79
N ILE A 703 0.83 -11.28 24.59
CA ILE A 703 0.36 -11.50 25.96
C ILE A 703 -1.14 -11.83 26.01
N HIS A 704 -1.79 -11.85 24.84
CA HIS A 704 -3.20 -12.22 24.77
C HIS A 704 -3.36 -13.71 24.49
N SER A 705 -2.23 -14.40 24.35
CA SER A 705 -2.24 -15.85 24.15
C SER A 705 -1.57 -16.53 25.34
N PRO A 706 -2.08 -17.71 25.72
CA PRO A 706 -1.52 -18.47 26.85
C PRO A 706 -0.23 -19.20 26.45
N ALA A 707 0.05 -19.28 25.16
CA ALA A 707 1.23 -19.99 24.68
C ALA A 707 2.52 -19.36 25.22
N VAL A 708 3.54 -20.21 25.39
CA VAL A 708 4.87 -19.76 25.73
C VAL A 708 5.70 -19.75 24.45
N PRO A 709 6.00 -18.57 23.93
CA PRO A 709 6.74 -18.49 22.67
C PRO A 709 8.14 -19.10 22.80
N SER A 710 8.58 -19.81 21.77
CA SER A 710 9.92 -20.38 21.77
C SER A 710 10.97 -19.28 21.58
N ILE A 711 12.20 -19.56 22.00
CA ILE A 711 13.30 -18.62 21.79
C ILE A 711 13.33 -18.16 20.34
N ASN A 712 13.12 -19.12 19.44
CA ASN A 712 13.16 -18.86 18.01
C ASN A 712 12.00 -18.00 17.55
N GLU A 713 10.84 -18.17 18.16
CA GLU A 713 9.68 -17.34 17.83
C GLU A 713 9.92 -15.89 18.23
N MET A 714 10.60 -15.69 19.36
CA MET A 714 10.98 -14.34 19.78
C MET A 714 12.10 -13.79 18.91
N ARG A 715 13.09 -14.63 18.61
CA ARG A 715 14.25 -14.23 17.82
C ARG A 715 13.86 -13.63 16.48
N GLU A 716 12.88 -14.23 15.82
CA GLU A 716 12.46 -13.74 14.50
C GLU A 716 12.03 -12.28 14.54
N ILE A 717 11.36 -11.88 15.62
CA ILE A 717 10.90 -10.51 15.74
C ILE A 717 12.06 -9.55 15.94
N VAL A 718 12.95 -9.87 16.88
CA VAL A 718 14.09 -9.02 17.16
C VAL A 718 14.97 -8.84 15.93
N GLU A 719 15.15 -9.91 15.17
CA GLU A 719 16.03 -9.86 14.00
C GLU A 719 15.41 -9.03 12.87
N ARG A 720 14.09 -9.11 12.72
CA ARG A 720 13.40 -8.25 11.78
C ARG A 720 13.62 -6.79 12.16
N VAL A 721 13.71 -6.53 13.46
CA VAL A 721 13.87 -5.19 13.98
C VAL A 721 15.27 -4.63 13.73
N LEU A 722 16.26 -5.52 13.73
CA LEU A 722 17.65 -5.12 13.53
C LEU A 722 18.04 -5.02 12.07
N ARG A 723 17.06 -5.26 11.18
CA ARG A 723 17.25 -4.96 9.77
C ARG A 723 17.10 -3.46 9.57
N VAL A 724 18.19 -2.73 9.81
CA VAL A 724 18.27 -1.26 9.66
C VAL A 724 18.67 -0.56 10.96
N LEU A 725 17.80 -0.62 11.97
CA LEU A 725 18.03 0.11 13.22
C LEU A 725 19.23 -0.40 13.99
N PRO A 726 20.04 0.51 14.53
CA PRO A 726 21.22 0.19 15.36
C PRO A 726 20.84 -0.63 16.59
N LYS A 727 21.68 -1.62 16.92
CA LYS A 727 21.41 -2.55 18.01
C LYS A 727 21.30 -1.87 19.37
N GLU A 728 22.00 -0.75 19.53
CA GLU A 728 22.01 -0.04 20.81
C GLU A 728 20.63 0.55 21.17
N LEU A 729 19.76 0.65 20.18
CA LEU A 729 18.41 1.19 20.37
C LEU A 729 17.44 0.18 21.00
N ILE A 730 17.77 -1.10 20.86
CA ILE A 730 16.78 -2.16 21.08
C ILE A 730 16.68 -2.72 22.50
N TRP A 731 15.46 -2.70 23.03
CA TRP A 731 15.14 -3.36 24.29
C TRP A 731 14.29 -4.58 23.97
N ILE A 732 14.21 -5.53 24.89
CA ILE A 732 13.37 -6.71 24.71
C ILE A 732 12.33 -6.79 25.83
N ASN A 733 11.06 -6.89 25.44
CA ASN A 733 9.97 -6.93 26.41
C ASN A 733 8.74 -7.63 25.83
N PRO A 734 7.75 -7.91 26.68
CA PRO A 734 6.49 -8.47 26.16
C PRO A 734 5.73 -7.40 25.38
N ASP A 735 4.69 -7.79 24.67
CA ASP A 735 3.88 -6.83 23.93
C ASP A 735 3.24 -5.80 24.86
N CYS A 736 2.83 -6.26 26.03
CA CYS A 736 2.03 -5.44 26.94
C CYS A 736 2.08 -6.03 28.33
N GLY A 737 1.25 -5.52 29.23
CA GLY A 737 1.17 -6.04 30.59
C GLY A 737 0.69 -7.48 30.67
N LEU A 738 0.91 -8.09 31.82
CA LEU A 738 0.69 -9.53 31.98
C LEU A 738 -0.46 -9.85 32.95
N LYS A 739 -1.22 -8.82 33.32
CA LYS A 739 -2.29 -8.96 34.30
C LYS A 739 -3.34 -10.03 33.94
N THR A 740 -3.51 -10.31 32.65
CA THR A 740 -4.52 -11.28 32.20
C THR A 740 -3.94 -12.68 32.00
N ARG A 741 -2.67 -12.85 32.32
CA ARG A 741 -1.99 -14.13 32.11
C ARG A 741 -1.85 -14.92 33.42
N ASN A 742 -1.43 -16.18 33.28
CA ASN A 742 -1.11 -17.01 34.43
C ASN A 742 0.38 -17.12 34.66
N TRP A 743 0.78 -17.22 35.92
CA TRP A 743 2.19 -17.36 36.27
C TRP A 743 2.86 -18.54 35.55
N ASP A 744 2.10 -19.61 35.35
CA ASP A 744 2.62 -20.81 34.69
C ASP A 744 3.10 -20.53 33.27
N GLU A 745 2.52 -19.50 32.67
CA GLU A 745 2.82 -19.11 31.29
C GLU A 745 3.89 -18.02 31.30
N VAL A 746 3.76 -17.10 32.25
CA VAL A 746 4.60 -15.91 32.32
C VAL A 746 6.06 -16.24 32.65
N ILE A 747 6.28 -17.09 33.63
CA ILE A 747 7.63 -17.39 34.10
C ILE A 747 8.54 -18.01 33.03
N PRO A 748 8.05 -19.02 32.30
CA PRO A 748 8.86 -19.63 31.24
C PRO A 748 9.07 -18.68 30.07
N SER A 749 8.07 -17.86 29.77
CA SER A 749 8.20 -16.86 28.72
C SER A 749 9.28 -15.83 29.06
N LEU A 750 9.30 -15.39 30.31
CA LEU A 750 10.27 -14.41 30.76
C LEU A 750 11.68 -15.00 30.68
N ARG A 751 11.82 -16.24 31.13
CA ARG A 751 13.10 -16.92 31.06
C ARG A 751 13.54 -17.01 29.61
N ASN A 752 12.59 -17.24 28.72
CA ASN A 752 12.88 -17.28 27.28
C ASN A 752 13.36 -15.94 26.72
N MET A 753 12.74 -14.83 27.12
CA MET A 753 13.25 -13.55 26.60
C MET A 753 14.61 -13.15 27.20
N VAL A 754 14.85 -13.47 28.47
CA VAL A 754 16.17 -13.28 29.05
C VAL A 754 17.20 -14.08 28.25
N ALA A 755 16.91 -15.36 28.02
CA ALA A 755 17.81 -16.22 27.28
C ALA A 755 18.04 -15.74 25.85
N LEU A 756 17.00 -15.20 25.22
CA LEU A 756 17.14 -14.67 23.86
C LEU A 756 18.07 -13.47 23.87
N ALA A 757 17.98 -12.65 24.91
CA ALA A 757 18.82 -11.47 25.05
C ALA A 757 20.28 -11.89 25.16
N LYS A 758 20.59 -12.66 26.19
CA LYS A 758 21.94 -13.18 26.41
C LYS A 758 22.50 -13.74 25.10
N GLU A 759 21.62 -14.36 24.33
CA GLU A 759 21.99 -14.95 23.05
C GLU A 759 22.30 -13.89 22.00
N MET A 760 21.50 -12.82 21.98
CA MET A 760 21.71 -11.74 21.03
C MET A 760 22.98 -10.95 21.37
N ARG A 761 23.29 -10.82 22.65
CA ARG A 761 24.51 -10.15 23.07
C ARG A 761 25.74 -10.93 22.61
N THR B 33 20.45 -37.01 -25.61
CA THR B 33 20.20 -35.63 -25.15
C THR B 33 18.99 -34.98 -25.82
N LYS B 34 17.92 -34.79 -25.05
CA LYS B 34 16.70 -34.19 -25.57
C LYS B 34 16.86 -32.68 -25.70
N ALA B 35 16.69 -32.18 -26.92
CA ALA B 35 16.83 -30.74 -27.17
C ALA B 35 15.48 -30.01 -27.15
N TYR B 36 15.35 -29.02 -26.27
CA TYR B 36 14.20 -28.12 -26.28
C TYR B 36 14.60 -26.76 -26.83
N ALA B 37 13.64 -26.05 -27.39
CA ALA B 37 13.80 -24.63 -27.67
C ALA B 37 12.44 -23.96 -27.50
N PHE B 38 12.43 -22.68 -27.13
CA PHE B 38 11.18 -21.97 -26.98
C PHE B 38 11.32 -20.48 -27.23
N GLY B 39 10.24 -19.86 -27.71
CA GLY B 39 10.22 -18.42 -27.89
C GLY B 39 10.81 -17.95 -29.20
N PHE B 40 10.96 -18.84 -30.18
CA PHE B 40 11.43 -18.38 -31.49
C PHE B 40 10.58 -17.21 -31.97
N PRO B 41 11.21 -16.13 -32.48
CA PRO B 41 10.49 -14.91 -32.84
C PRO B 41 9.38 -15.21 -33.84
N LYS B 42 8.27 -14.49 -33.75
CA LYS B 42 7.12 -14.77 -34.60
C LYS B 42 7.07 -13.83 -35.81
N ILE B 43 7.96 -12.83 -35.83
CA ILE B 43 7.79 -11.71 -36.75
C ILE B 43 8.11 -12.02 -38.22
N GLY B 44 8.88 -13.08 -38.46
CA GLY B 44 9.27 -13.43 -39.82
C GLY B 44 10.52 -12.70 -40.28
N GLU B 45 11.22 -13.26 -41.27
CA GLU B 45 12.49 -12.70 -41.73
C GLU B 45 12.32 -11.36 -42.43
N LYS B 46 11.10 -11.04 -42.85
CA LYS B 46 10.82 -9.75 -43.47
C LYS B 46 9.71 -9.01 -42.75
N ARG B 47 9.54 -9.32 -41.46
CA ARG B 47 8.50 -8.71 -40.64
C ARG B 47 7.09 -8.88 -41.22
N GLU B 48 6.84 -10.04 -41.79
CA GLU B 48 5.53 -10.36 -42.33
C GLU B 48 4.45 -10.24 -41.25
N PHE B 49 4.84 -10.52 -40.01
CA PHE B 49 3.89 -10.40 -38.90
C PHE B 49 3.41 -8.98 -38.75
N LYS B 50 4.34 -8.03 -38.80
CA LYS B 50 3.99 -6.63 -38.70
C LYS B 50 3.09 -6.21 -39.86
N LYS B 51 3.44 -6.65 -41.07
CA LYS B 51 2.69 -6.26 -42.27
C LYS B 51 1.30 -6.85 -42.25
N ALA B 52 1.18 -8.08 -41.76
CA ALA B 52 -0.12 -8.72 -41.63
C ALA B 52 -1.04 -7.97 -40.67
N LEU B 53 -0.52 -7.66 -39.48
CA LEU B 53 -1.30 -6.94 -38.47
C LEU B 53 -1.74 -5.58 -38.97
N GLU B 54 -0.82 -4.83 -39.55
CA GLU B 54 -1.11 -3.45 -39.95
C GLU B 54 -2.02 -3.40 -41.19
N ASP B 55 -1.86 -4.39 -42.09
CA ASP B 55 -2.76 -4.50 -43.24
C ASP B 55 -4.18 -4.81 -42.79
N PHE B 56 -4.30 -5.74 -41.85
CA PHE B 56 -5.61 -6.10 -41.32
C PHE B 56 -6.27 -4.91 -40.63
N TRP B 57 -5.53 -4.21 -39.78
CA TRP B 57 -6.07 -3.05 -39.09
C TRP B 57 -6.51 -1.97 -40.07
N LYS B 58 -5.68 -1.72 -41.09
CA LYS B 58 -6.00 -0.72 -42.12
C LYS B 58 -7.14 -1.22 -43.00
N GLY B 59 -7.41 -2.52 -42.92
CA GLY B 59 -8.52 -3.12 -43.64
C GLY B 59 -8.24 -3.45 -45.10
N LYS B 60 -6.97 -3.50 -45.49
CA LYS B 60 -6.64 -3.82 -46.88
C LYS B 60 -6.45 -5.32 -47.14
N ILE B 61 -6.55 -6.11 -46.08
CA ILE B 61 -6.70 -7.56 -46.23
C ILE B 61 -7.87 -8.02 -45.39
N THR B 62 -8.45 -9.16 -45.75
CA THR B 62 -9.59 -9.70 -45.04
C THR B 62 -9.17 -10.50 -43.81
N GLU B 63 -10.13 -10.85 -42.98
CA GLU B 63 -9.85 -11.66 -41.80
C GLU B 63 -9.28 -13.01 -42.22
N GLU B 64 -9.85 -13.57 -43.29
CA GLU B 64 -9.38 -14.85 -43.81
C GLU B 64 -7.96 -14.74 -44.34
N GLN B 65 -7.66 -13.64 -45.01
CA GLN B 65 -6.31 -13.41 -45.54
C GLN B 65 -5.31 -13.22 -44.40
N PHE B 66 -5.79 -12.67 -43.29
CA PHE B 66 -4.95 -12.46 -42.12
C PHE B 66 -4.62 -13.80 -41.48
N GLU B 67 -5.63 -14.65 -41.33
CA GLU B 67 -5.40 -15.98 -40.78
C GLU B 67 -4.44 -16.79 -41.64
N GLU B 68 -4.45 -16.53 -42.94
CA GLU B 68 -3.53 -17.23 -43.84
C GLU B 68 -2.11 -16.69 -43.71
N GLU B 69 -1.98 -15.39 -43.50
CA GLU B 69 -0.66 -14.82 -43.23
C GLU B 69 -0.09 -15.44 -41.95
N MET B 70 -0.95 -15.63 -40.95
CA MET B 70 -0.53 -16.18 -39.67
C MET B 70 -0.17 -17.66 -39.80
N ASN B 71 -0.92 -18.39 -40.62
CA ASN B 71 -0.62 -19.80 -40.81
C ASN B 71 0.73 -20.00 -41.49
N LYS B 72 1.06 -19.13 -42.43
CA LYS B 72 2.39 -19.14 -43.03
C LYS B 72 3.49 -18.98 -41.97
N LEU B 73 3.29 -18.04 -41.05
CA LEU B 73 4.25 -17.81 -39.96
C LEU B 73 4.34 -19.00 -39.02
N ARG B 74 3.19 -19.61 -38.72
CA ARG B 74 3.16 -20.80 -37.89
C ARG B 74 4.04 -21.89 -38.46
N MET B 75 3.89 -22.13 -39.75
CA MET B 75 4.66 -23.16 -40.41
C MET B 75 6.13 -22.78 -40.47
N TYR B 76 6.39 -21.50 -40.71
CA TYR B 76 7.77 -21.00 -40.71
C TYR B 76 8.45 -21.27 -39.38
N MET B 77 7.80 -20.91 -38.27
CA MET B 77 8.36 -21.17 -36.95
C MET B 77 8.58 -22.65 -36.70
N VAL B 78 7.56 -23.44 -36.97
CA VAL B 78 7.67 -24.87 -36.70
C VAL B 78 8.76 -25.53 -37.55
N GLU B 79 8.92 -25.07 -38.79
CA GLU B 79 9.99 -25.62 -39.63
C GLU B 79 11.36 -25.36 -39.02
N ASN B 80 11.56 -24.15 -38.51
CA ASN B 80 12.82 -23.81 -37.84
C ASN B 80 13.09 -24.73 -36.65
N TYR B 81 12.07 -24.98 -35.84
CA TYR B 81 12.21 -25.91 -34.72
C TYR B 81 12.50 -27.33 -35.20
N ARG B 82 11.71 -27.80 -36.17
CA ARG B 82 11.82 -29.16 -36.66
C ARG B 82 13.24 -29.50 -37.11
N LYS B 83 13.89 -28.55 -37.75
CA LYS B 83 15.24 -28.77 -38.29
C LYS B 83 16.31 -28.90 -37.21
N ASN B 84 15.99 -28.46 -35.98
CA ASN B 84 17.03 -28.28 -34.96
C ASN B 84 16.82 -28.98 -33.61
N VAL B 85 15.59 -29.04 -33.12
CA VAL B 85 15.35 -29.63 -31.80
C VAL B 85 14.39 -30.80 -31.81
N ASP B 86 14.23 -31.42 -30.65
CA ASP B 86 13.38 -32.59 -30.48
C ASP B 86 11.94 -32.24 -30.10
N VAL B 87 11.76 -31.18 -29.31
CA VAL B 87 10.42 -30.81 -28.86
C VAL B 87 9.95 -29.52 -29.55
N ILE B 88 8.85 -29.62 -30.31
CA ILE B 88 8.36 -28.52 -31.14
C ILE B 88 7.22 -27.81 -30.43
N PRO B 89 7.44 -26.55 -30.01
CA PRO B 89 6.37 -25.82 -29.33
C PRO B 89 5.29 -25.37 -30.30
N SER B 90 4.05 -25.35 -29.83
CA SER B 90 2.98 -24.65 -30.53
C SER B 90 2.35 -23.63 -29.58
N ASN B 91 1.33 -22.93 -30.05
CA ASN B 91 0.65 -21.89 -29.28
C ASN B 91 1.57 -20.71 -28.98
N GLU B 92 2.53 -20.45 -29.88
CA GLU B 92 3.46 -19.34 -29.71
C GLU B 92 3.15 -18.17 -30.62
N LEU B 93 2.38 -18.41 -31.67
CA LEU B 93 2.05 -17.31 -32.57
C LEU B 93 0.89 -16.49 -32.02
N SER B 94 1.19 -15.61 -31.07
CA SER B 94 0.19 -14.71 -30.52
C SER B 94 -0.04 -13.53 -31.47
N TYR B 95 -1.29 -13.15 -31.67
CA TYR B 95 -1.61 -12.04 -32.59
C TYR B 95 -1.39 -10.65 -32.00
N TYR B 96 -1.07 -10.57 -30.71
CA TYR B 96 -0.63 -9.30 -30.13
C TYR B 96 0.20 -9.52 -28.86
N ASP B 97 -0.34 -10.30 -27.93
CA ASP B 97 0.38 -10.61 -26.70
C ASP B 97 -0.08 -11.93 -26.11
N PHE B 98 0.85 -12.73 -25.64
CA PHE B 98 0.53 -14.04 -25.07
C PHE B 98 -0.12 -13.98 -23.69
N VAL B 99 0.16 -12.93 -22.93
CA VAL B 99 -0.52 -12.77 -21.65
C VAL B 99 -1.99 -12.41 -21.90
N LEU B 100 -2.25 -11.54 -22.88
CA LEU B 100 -3.61 -11.27 -23.31
C LEU B 100 -4.29 -12.57 -23.78
N ASP B 101 -3.53 -13.43 -24.47
CA ASP B 101 -4.07 -14.70 -24.93
C ASP B 101 -4.51 -15.56 -23.76
N THR B 102 -3.70 -15.57 -22.71
CA THR B 102 -4.00 -16.34 -21.51
C THR B 102 -5.26 -15.79 -20.83
N ALA B 103 -5.39 -14.48 -20.78
CA ALA B 103 -6.56 -13.84 -20.19
C ALA B 103 -7.82 -14.24 -20.95
N VAL B 104 -7.76 -14.22 -22.27
CA VAL B 104 -8.89 -14.60 -23.10
C VAL B 104 -9.23 -16.07 -22.86
N MET B 105 -8.20 -16.89 -22.77
CA MET B 105 -8.39 -18.31 -22.52
C MET B 105 -9.25 -18.58 -21.28
N VAL B 106 -9.00 -17.84 -20.20
CA VAL B 106 -9.68 -18.09 -18.94
C VAL B 106 -10.87 -17.15 -18.71
N GLY B 107 -11.31 -16.47 -19.75
CA GLY B 107 -12.51 -15.66 -19.69
C GLY B 107 -12.37 -14.31 -19.02
N ALA B 108 -11.13 -13.86 -18.85
CA ALA B 108 -10.86 -12.58 -18.19
C ALA B 108 -10.96 -11.44 -19.19
N VAL B 109 -12.17 -11.22 -19.70
CA VAL B 109 -12.47 -10.11 -20.58
C VAL B 109 -13.26 -9.06 -19.80
N PRO B 110 -12.65 -7.89 -19.57
CA PRO B 110 -13.29 -6.82 -18.78
C PRO B 110 -14.66 -6.40 -19.33
N GLU B 111 -15.56 -6.05 -18.43
CA GLU B 111 -16.95 -5.73 -18.77
C GLU B 111 -17.07 -4.72 -19.92
N ARG B 112 -16.15 -3.76 -19.99
CA ARG B 112 -16.24 -2.66 -20.96
C ARG B 112 -16.16 -3.13 -22.42
N PHE B 113 -15.67 -4.34 -22.64
CA PHE B 113 -15.53 -4.84 -24.01
C PHE B 113 -16.78 -5.59 -24.48
N GLY B 114 -17.66 -5.90 -23.54
CA GLY B 114 -18.88 -6.64 -23.86
C GLY B 114 -18.57 -8.08 -24.16
N GLU B 115 -19.39 -8.70 -25.01
CA GLU B 115 -19.20 -10.11 -25.35
C GLU B 115 -17.98 -10.25 -26.25
N TYR B 116 -17.21 -11.31 -26.03
CA TYR B 116 -16.02 -11.53 -26.83
C TYR B 116 -16.41 -11.98 -28.22
N ARG B 117 -16.05 -11.18 -29.21
CA ARG B 117 -16.49 -11.40 -30.58
C ARG B 117 -15.35 -11.80 -31.50
N GLY B 118 -14.22 -12.18 -30.91
CA GLY B 118 -13.10 -12.68 -31.69
C GLY B 118 -12.01 -11.64 -31.92
N LEU B 119 -11.43 -11.67 -33.11
CA LEU B 119 -10.34 -10.76 -33.46
C LEU B 119 -10.66 -9.30 -33.23
N SER B 120 -11.88 -8.90 -33.58
CA SER B 120 -12.30 -7.51 -33.42
C SER B 120 -12.16 -7.09 -31.95
N THR B 121 -12.64 -7.93 -31.06
CA THR B 121 -12.56 -7.68 -29.61
C THR B 121 -11.13 -7.81 -29.09
N TYR B 122 -10.43 -8.84 -29.56
CA TYR B 122 -9.03 -9.06 -29.18
C TYR B 122 -8.21 -7.80 -29.42
N PHE B 123 -8.28 -7.27 -30.63
CA PHE B 123 -7.49 -6.09 -30.97
C PHE B 123 -7.96 -4.81 -30.28
N ASP B 124 -9.25 -4.72 -29.97
CA ASP B 124 -9.73 -3.58 -29.19
C ASP B 124 -9.18 -3.67 -27.78
N MET B 125 -9.04 -4.89 -27.26
CA MET B 125 -8.43 -5.09 -25.94
C MET B 125 -6.94 -4.75 -25.96
N ALA B 126 -6.33 -4.91 -27.13
CA ALA B 126 -4.89 -4.77 -27.27
C ALA B 126 -4.45 -3.35 -27.59
N ARG B 127 -5.18 -2.67 -28.47
CA ARG B 127 -4.70 -1.44 -29.08
C ARG B 127 -5.81 -0.41 -29.24
N GLY B 128 -6.99 -0.74 -28.72
CA GLY B 128 -8.13 0.17 -28.81
C GLY B 128 -8.01 1.35 -27.86
N GLY B 129 -9.01 2.21 -27.88
CA GLY B 129 -9.03 3.39 -27.03
C GLY B 129 -9.12 3.06 -25.55
N LYS B 130 -9.69 1.91 -25.24
CA LYS B 130 -9.78 1.46 -23.85
C LYS B 130 -9.03 0.16 -23.66
N ALA B 131 -7.91 0.01 -24.34
CA ALA B 131 -7.08 -1.19 -24.23
C ALA B 131 -6.59 -1.45 -22.82
N LEU B 132 -6.26 -2.71 -22.53
CA LEU B 132 -5.56 -3.06 -21.30
C LEU B 132 -4.28 -2.25 -21.19
N GLU B 133 -3.80 -2.08 -19.96
CA GLU B 133 -2.52 -1.43 -19.71
C GLU B 133 -1.41 -2.26 -20.34
N MET B 134 -0.39 -1.59 -20.87
CA MET B 134 0.78 -2.27 -21.40
C MET B 134 1.97 -1.94 -20.50
N THR B 135 2.75 -2.97 -20.18
CA THR B 135 3.90 -2.77 -19.30
C THR B 135 4.99 -3.77 -19.65
N LYS B 136 6.21 -3.52 -19.18
CA LYS B 136 7.34 -4.37 -19.49
C LYS B 136 7.20 -5.76 -18.86
N PHE B 137 7.67 -6.75 -19.60
CA PHE B 137 7.57 -8.13 -19.20
C PHE B 137 8.85 -8.46 -18.46
N PHE B 138 8.75 -8.62 -17.14
CA PHE B 138 9.92 -8.82 -16.31
C PHE B 138 11.00 -7.77 -16.59
N ASN B 139 12.25 -8.18 -16.71
CA ASN B 139 13.30 -7.19 -16.93
C ASN B 139 13.72 -7.09 -18.40
N THR B 140 12.73 -7.14 -19.29
CA THR B 140 13.01 -7.18 -20.73
C THR B 140 12.38 -6.03 -21.48
N ASN B 141 12.67 -5.91 -22.76
CA ASN B 141 12.06 -4.86 -23.56
C ASN B 141 10.86 -5.38 -24.36
N TYR B 142 10.35 -6.55 -23.99
CA TYR B 142 9.05 -6.97 -24.49
C TYR B 142 7.97 -6.44 -23.54
N HIS B 143 6.89 -5.91 -24.10
CA HIS B 143 5.78 -5.37 -23.31
C HIS B 143 4.55 -6.26 -23.41
N TYR B 144 4.01 -6.66 -22.27
CA TYR B 144 2.79 -7.45 -22.27
C TYR B 144 1.59 -6.60 -21.84
N LEU B 145 0.39 -7.17 -21.97
CA LEU B 145 -0.84 -6.49 -21.59
C LEU B 145 -1.37 -7.03 -20.28
N VAL B 146 -1.61 -6.13 -19.33
CA VAL B 146 -1.97 -6.50 -17.97
C VAL B 146 -3.43 -6.90 -17.87
N PRO B 147 -3.68 -8.18 -17.56
CA PRO B 147 -5.08 -8.58 -17.42
C PRO B 147 -5.71 -7.87 -16.23
N GLU B 148 -7.00 -7.57 -16.35
CA GLU B 148 -7.76 -6.94 -15.27
C GLU B 148 -8.77 -7.97 -14.77
N ILE B 149 -8.57 -8.44 -13.55
CA ILE B 149 -9.44 -9.47 -12.99
C ILE B 149 -10.64 -8.82 -12.31
N GLU B 150 -11.82 -9.00 -12.89
CA GLU B 150 -13.03 -8.37 -12.39
C GLU B 150 -13.89 -9.34 -11.59
N THR B 151 -13.88 -10.60 -12.00
CA THR B 151 -14.64 -11.64 -11.30
C THR B 151 -13.70 -12.69 -10.72
N GLU B 152 -14.10 -13.30 -9.61
CA GLU B 152 -13.27 -14.33 -8.99
C GLU B 152 -13.50 -15.68 -9.64
N GLU B 153 -14.32 -15.69 -10.68
CA GLU B 153 -14.69 -16.93 -11.35
C GLU B 153 -14.13 -17.00 -12.77
N PHE B 154 -13.17 -17.89 -12.97
CA PHE B 154 -12.61 -18.12 -14.31
C PHE B 154 -13.34 -19.25 -14.99
N TYR B 155 -13.45 -19.17 -16.31
CA TYR B 155 -14.00 -20.26 -17.09
C TYR B 155 -13.26 -20.35 -18.42
N LEU B 156 -13.35 -21.51 -19.06
CA LEU B 156 -12.68 -21.72 -20.33
C LEU B 156 -13.45 -21.07 -21.47
N LEU B 157 -13.06 -19.85 -21.83
CA LEU B 157 -13.75 -19.11 -22.88
C LEU B 157 -13.28 -19.54 -24.26
N GLU B 158 -11.99 -19.81 -24.38
CA GLU B 158 -11.41 -20.19 -25.66
C GLU B 158 -10.23 -21.12 -25.41
N ASN B 159 -10.09 -22.17 -26.23
CA ASN B 159 -9.01 -23.13 -26.04
C ASN B 159 -8.00 -23.07 -27.18
N LYS B 160 -7.22 -22.00 -27.22
CA LYS B 160 -6.22 -21.80 -28.26
C LYS B 160 -5.14 -22.88 -28.23
N PRO B 161 -4.73 -23.34 -27.04
CA PRO B 161 -3.72 -24.39 -27.01
C PRO B 161 -4.17 -25.65 -27.77
N LEU B 162 -5.43 -26.04 -27.61
CA LEU B 162 -5.95 -27.19 -28.35
C LEU B 162 -6.02 -26.88 -29.84
N GLU B 163 -6.50 -25.69 -30.17
CA GLU B 163 -6.63 -25.27 -31.56
C GLU B 163 -5.30 -25.32 -32.30
N ASP B 164 -4.24 -24.85 -31.67
CA ASP B 164 -2.93 -24.86 -32.32
C ASP B 164 -2.36 -26.28 -32.34
N TYR B 165 -2.58 -27.02 -31.26
CA TYR B 165 -2.14 -28.40 -31.20
C TYR B 165 -2.74 -29.21 -32.37
N LEU B 166 -4.02 -29.03 -32.62
CA LEU B 166 -4.71 -29.77 -33.68
C LEU B 166 -4.32 -29.26 -35.06
N PHE B 167 -4.02 -27.97 -35.16
CA PHE B 167 -3.58 -27.41 -36.44
C PHE B 167 -2.33 -28.12 -36.94
N PHE B 168 -1.36 -28.33 -36.04
CA PHE B 168 -0.12 -29.00 -36.43
C PHE B 168 -0.28 -30.52 -36.49
N LYS B 169 -0.96 -31.09 -35.51
CA LYS B 169 -1.23 -32.53 -35.51
C LYS B 169 -1.88 -32.98 -36.82
N SER B 170 -2.82 -32.19 -37.33
CA SER B 170 -3.52 -32.53 -38.56
C SER B 170 -2.55 -32.58 -39.74
N LYS B 171 -1.37 -31.99 -39.55
CA LYS B 171 -0.35 -31.98 -40.58
C LYS B 171 0.69 -33.09 -40.35
N GLY B 172 0.47 -33.88 -39.31
CA GLY B 172 1.38 -34.96 -38.95
C GLY B 172 2.59 -34.47 -38.17
N ILE B 173 2.41 -33.39 -37.41
CA ILE B 173 3.50 -32.83 -36.62
C ILE B 173 3.10 -32.67 -35.15
N GLU B 174 3.66 -33.51 -34.29
CA GLU B 174 3.40 -33.43 -32.85
C GLU B 174 4.11 -32.22 -32.26
N THR B 175 3.37 -31.42 -31.49
CA THR B 175 3.94 -30.24 -30.86
C THR B 175 3.58 -30.22 -29.39
N ALA B 176 4.32 -29.42 -28.61
CA ALA B 176 4.05 -29.26 -27.19
C ALA B 176 3.59 -27.84 -26.95
N PRO B 177 2.30 -27.67 -26.59
CA PRO B 177 1.71 -26.35 -26.41
C PRO B 177 2.49 -25.54 -25.38
N TRP B 178 2.80 -24.30 -25.74
CA TRP B 178 3.52 -23.37 -24.88
C TRP B 178 2.51 -22.44 -24.20
N VAL B 179 2.41 -22.53 -22.88
CA VAL B 179 1.41 -21.74 -22.15
C VAL B 179 2.04 -21.02 -20.96
N ILE B 180 1.42 -19.91 -20.56
CA ILE B 180 1.80 -19.23 -19.33
C ILE B 180 1.15 -19.95 -18.16
N GLY B 181 1.92 -20.21 -17.11
CA GLY B 181 1.41 -20.92 -15.96
C GLY B 181 0.45 -20.09 -15.13
N PRO B 182 -0.39 -20.76 -14.31
CA PRO B 182 -1.39 -20.09 -13.49
C PRO B 182 -0.80 -19.10 -12.48
N PHE B 183 0.32 -19.45 -11.84
CA PHE B 183 0.89 -18.53 -10.85
C PHE B 183 1.37 -17.25 -11.52
N THR B 184 2.20 -17.41 -12.55
CA THR B 184 2.71 -16.28 -13.30
C THR B 184 1.58 -15.44 -13.89
N PHE B 185 0.52 -16.10 -14.37
CA PHE B 185 -0.57 -15.33 -14.96
C PHE B 185 -1.19 -14.35 -13.95
N LEU B 186 -1.50 -14.85 -12.76
CA LEU B 186 -2.02 -13.99 -11.69
C LEU B 186 -1.01 -12.93 -11.27
N TYR B 187 0.25 -13.32 -11.18
CA TYR B 187 1.32 -12.42 -10.77
C TYR B 187 1.47 -11.23 -11.73
N LEU B 188 1.07 -11.44 -12.98
CA LEU B 188 1.20 -10.40 -14.01
C LEU B 188 -0.09 -9.58 -14.16
N SER B 189 -1.10 -9.94 -13.36
CA SER B 189 -2.42 -9.33 -13.50
C SER B 189 -2.72 -8.33 -12.40
N LYS B 190 -3.80 -7.56 -12.60
CA LYS B 190 -4.23 -6.60 -11.58
C LYS B 190 -5.69 -6.85 -11.21
N ARG B 191 -6.03 -6.48 -9.98
CA ARG B 191 -7.40 -6.55 -9.51
C ARG B 191 -7.65 -5.31 -8.68
N ASN B 192 -8.76 -4.62 -8.94
CA ASN B 192 -9.05 -3.38 -8.23
C ASN B 192 -7.90 -2.39 -8.31
N GLY B 193 -7.24 -2.34 -9.47
CA GLY B 193 -6.22 -1.33 -9.73
C GLY B 193 -4.84 -1.59 -9.14
N GLU B 194 -4.63 -2.77 -8.57
CA GLU B 194 -3.32 -3.08 -7.99
C GLU B 194 -2.90 -4.52 -8.30
N TRP B 195 -1.59 -4.78 -8.21
CA TRP B 195 -1.08 -6.11 -8.48
C TRP B 195 -1.76 -7.13 -7.57
N ILE B 196 -1.74 -8.38 -7.99
CA ILE B 196 -2.29 -9.46 -7.19
C ILE B 196 -1.13 -10.33 -6.72
N ARG B 197 -0.33 -9.79 -5.80
CA ARG B 197 0.97 -10.39 -5.49
C ARG B 197 1.18 -10.80 -4.04
N ARG B 198 0.29 -10.40 -3.14
CA ARG B 198 0.34 -10.93 -1.77
C ARG B 198 -0.24 -12.34 -1.81
N PRO B 199 0.34 -13.27 -1.04
CA PRO B 199 -0.21 -14.63 -0.99
C PRO B 199 -1.70 -14.63 -0.63
N ASN B 200 -2.12 -13.75 0.29
CA ASN B 200 -3.53 -13.72 0.68
C ASN B 200 -4.46 -13.09 -0.38
N GLN B 201 -3.87 -12.55 -1.44
CA GLN B 201 -4.65 -12.05 -2.56
C GLN B 201 -4.85 -13.12 -3.63
N MET B 202 -3.94 -14.10 -3.66
CA MET B 202 -3.88 -15.04 -4.77
C MET B 202 -4.64 -16.36 -4.51
N GLU B 203 -4.69 -16.76 -3.26
CA GLU B 203 -5.21 -18.08 -2.90
C GLU B 203 -6.53 -18.48 -3.58
N LYS B 204 -7.58 -17.72 -3.32
CA LYS B 204 -8.90 -18.06 -3.85
C LYS B 204 -8.94 -18.04 -5.38
N LEU B 205 -8.30 -17.06 -5.98
CA LEU B 205 -8.25 -16.96 -7.44
C LEU B 205 -7.54 -18.15 -8.07
N LEU B 206 -6.52 -18.66 -7.40
CA LEU B 206 -5.75 -19.78 -7.94
C LEU B 206 -6.60 -21.05 -8.04
N GLU B 207 -7.41 -21.30 -7.02
CA GLU B 207 -8.30 -22.46 -7.04
C GLU B 207 -9.20 -22.45 -8.26
N SER B 208 -9.80 -21.30 -8.55
CA SER B 208 -10.68 -21.19 -9.70
C SER B 208 -9.88 -21.24 -11.00
N LEU B 209 -8.73 -20.56 -11.01
CA LEU B 209 -7.90 -20.52 -12.20
C LEU B 209 -7.43 -21.91 -12.60
N VAL B 210 -6.93 -22.67 -11.64
CA VAL B 210 -6.40 -23.99 -11.92
C VAL B 210 -7.45 -24.91 -12.54
N SER B 211 -8.70 -24.73 -12.14
CA SER B 211 -9.79 -25.54 -12.70
C SER B 211 -9.82 -25.41 -14.21
N VAL B 212 -9.54 -24.22 -14.72
CA VAL B 212 -9.60 -23.99 -16.16
C VAL B 212 -8.39 -24.60 -16.86
N TYR B 213 -7.22 -24.50 -16.22
CA TYR B 213 -6.01 -25.13 -16.77
C TYR B 213 -6.19 -26.65 -16.85
N LYS B 214 -6.78 -27.22 -15.81
CA LYS B 214 -7.10 -28.65 -15.79
C LYS B 214 -7.95 -29.05 -16.99
N GLU B 215 -8.96 -28.24 -17.29
CA GLU B 215 -9.82 -28.51 -18.44
C GLU B 215 -9.04 -28.46 -19.75
N VAL B 216 -8.19 -27.45 -19.90
CA VAL B 216 -7.39 -27.29 -21.11
C VAL B 216 -6.48 -28.49 -21.32
N PHE B 217 -5.80 -28.88 -20.24
CA PHE B 217 -4.83 -29.98 -20.31
C PHE B 217 -5.52 -31.32 -20.59
N GLU B 218 -6.64 -31.56 -19.92
CA GLU B 218 -7.43 -32.78 -20.18
C GLU B 218 -7.75 -32.87 -21.66
N LYS B 219 -8.23 -31.78 -22.24
CA LYS B 219 -8.54 -31.76 -23.67
C LYS B 219 -7.32 -32.08 -24.53
N LEU B 220 -6.18 -31.48 -24.20
CA LEU B 220 -4.96 -31.74 -24.93
C LEU B 220 -4.57 -33.22 -24.84
N VAL B 221 -4.59 -33.77 -23.63
CA VAL B 221 -4.22 -35.15 -23.42
C VAL B 221 -5.18 -36.11 -24.11
N GLU B 222 -6.47 -35.81 -24.02
CA GLU B 222 -7.48 -36.65 -24.67
C GLU B 222 -7.23 -36.68 -26.18
N ASN B 223 -6.58 -35.65 -26.70
CA ASN B 223 -6.28 -35.58 -28.13
C ASN B 223 -4.86 -36.05 -28.46
N GLY B 224 -4.22 -36.69 -27.50
CA GLY B 224 -2.93 -37.31 -27.72
C GLY B 224 -1.70 -36.43 -27.52
N CYS B 225 -1.87 -35.29 -26.86
CA CYS B 225 -0.73 -34.44 -26.57
C CYS B 225 0.19 -35.10 -25.54
N LYS B 226 1.48 -35.17 -25.84
CA LYS B 226 2.44 -35.88 -25.00
C LYS B 226 3.20 -34.98 -24.02
N GLU B 227 3.29 -33.69 -24.35
CA GLU B 227 4.06 -32.78 -23.51
C GLU B 227 3.54 -31.36 -23.62
N ILE B 228 3.49 -30.67 -22.48
CA ILE B 228 3.02 -29.29 -22.44
C ILE B 228 4.07 -28.43 -21.76
N LEU B 229 4.45 -27.33 -22.42
CA LEU B 229 5.49 -26.45 -21.90
C LEU B 229 4.87 -25.33 -21.07
N VAL B 230 4.99 -25.44 -19.75
CA VAL B 230 4.36 -24.46 -18.85
C VAL B 230 5.38 -23.47 -18.32
N ASN B 231 5.11 -22.20 -18.57
CA ASN B 231 6.06 -21.13 -18.30
C ASN B 231 5.74 -20.40 -17.00
N GLU B 232 6.65 -20.53 -16.04
CA GLU B 232 6.47 -19.91 -14.73
C GLU B 232 7.65 -19.00 -14.36
N PRO B 233 7.93 -18.00 -15.19
CA PRO B 233 9.01 -17.07 -14.87
C PRO B 233 8.81 -16.34 -13.54
N ALA B 234 7.57 -16.21 -13.06
CA ALA B 234 7.34 -15.51 -11.79
C ALA B 234 8.00 -16.24 -10.60
N PHE B 235 8.39 -17.49 -10.81
CA PHE B 235 9.11 -18.25 -9.80
C PHE B 235 10.46 -17.61 -9.44
N VAL B 236 10.94 -16.69 -10.28
CA VAL B 236 12.24 -16.09 -10.06
C VAL B 236 12.12 -14.72 -9.38
N CYS B 237 10.89 -14.33 -9.08
CA CYS B 237 10.67 -13.07 -8.39
C CYS B 237 10.91 -13.24 -6.89
N ASP B 238 10.88 -12.14 -6.16
CA ASP B 238 11.00 -12.17 -4.71
C ASP B 238 9.73 -12.75 -4.08
N LEU B 239 9.74 -14.06 -3.82
CA LEU B 239 8.56 -14.73 -3.29
C LEU B 239 8.75 -15.10 -1.83
N GLU B 240 7.64 -15.37 -1.15
CA GLU B 240 7.69 -15.79 0.25
C GLU B 240 7.29 -17.24 0.35
N LYS B 241 7.53 -17.85 1.51
CA LYS B 241 7.21 -19.26 1.70
C LYS B 241 5.73 -19.53 1.42
N ALA B 242 4.90 -18.55 1.77
CA ALA B 242 3.46 -18.68 1.56
C ALA B 242 3.10 -18.78 0.08
N HIS B 243 3.90 -18.13 -0.77
CA HIS B 243 3.73 -18.25 -2.21
C HIS B 243 3.95 -19.70 -2.65
N TRP B 244 5.03 -20.29 -2.15
CA TRP B 244 5.39 -21.66 -2.54
C TRP B 244 4.39 -22.68 -2.01
N ASP B 245 3.78 -22.38 -0.87
CA ASP B 245 2.70 -23.23 -0.37
C ASP B 245 1.53 -23.25 -1.35
N LEU B 246 1.22 -22.10 -1.94
CA LEU B 246 0.16 -22.02 -2.95
C LEU B 246 0.56 -22.69 -4.25
N ILE B 247 1.80 -22.49 -4.66
CA ILE B 247 2.31 -23.09 -5.90
C ILE B 247 2.29 -24.63 -5.82
N LEU B 248 2.68 -25.18 -4.67
CA LEU B 248 2.63 -26.61 -4.47
C LEU B 248 1.21 -27.15 -4.63
N ASN B 249 0.25 -26.44 -4.04
CA ASN B 249 -1.16 -26.82 -4.15
C ASN B 249 -1.61 -26.81 -5.60
N VAL B 250 -1.23 -25.77 -6.33
CA VAL B 250 -1.59 -25.66 -7.74
C VAL B 250 -1.10 -26.88 -8.51
N TYR B 251 0.18 -27.18 -8.35
CA TYR B 251 0.81 -28.23 -9.16
C TYR B 251 0.47 -29.63 -8.72
N ARG B 252 0.08 -29.78 -7.46
CA ARG B 252 -0.52 -31.04 -7.02
C ARG B 252 -1.83 -31.30 -7.75
N GLU B 253 -2.55 -30.24 -8.09
CA GLU B 253 -3.80 -30.37 -8.83
C GLU B 253 -3.59 -30.77 -10.28
N LEU B 254 -2.40 -30.48 -10.79
CA LEU B 254 -2.09 -30.70 -12.21
C LEU B 254 -1.10 -31.84 -12.40
N SER B 255 -0.79 -32.54 -11.31
CA SER B 255 0.24 -33.58 -11.33
C SER B 255 -0.05 -34.74 -12.29
N GLU B 256 -1.29 -34.84 -12.76
CA GLU B 256 -1.70 -35.90 -13.66
C GLU B 256 -1.36 -35.62 -15.11
N PHE B 257 -0.88 -34.40 -15.39
CA PHE B 257 -0.63 -33.97 -16.77
C PHE B 257 0.85 -33.94 -17.10
N PRO B 258 1.19 -34.06 -18.39
CA PRO B 258 2.59 -34.17 -18.86
C PRO B 258 3.28 -32.82 -18.94
N LEU B 259 3.46 -32.17 -17.79
CA LEU B 259 3.96 -30.79 -17.76
C LEU B 259 5.47 -30.69 -17.59
N THR B 260 6.07 -29.83 -18.40
CA THR B 260 7.45 -29.40 -18.21
C THR B 260 7.43 -27.93 -17.84
N VAL B 261 7.96 -27.60 -16.67
CA VAL B 261 7.91 -26.24 -16.15
C VAL B 261 9.19 -25.46 -16.40
N PHE B 262 9.05 -24.26 -16.92
CA PHE B 262 10.19 -23.42 -17.26
C PHE B 262 10.27 -22.17 -16.37
N THR B 263 11.49 -21.79 -16.01
CA THR B 263 11.72 -20.56 -15.26
C THR B 263 12.93 -19.87 -15.84
N TYR B 264 12.95 -18.54 -15.81
CA TYR B 264 14.03 -17.78 -16.45
C TYR B 264 14.01 -16.30 -16.10
N TYR B 265 15.12 -15.65 -16.44
CA TYR B 265 15.41 -14.24 -16.22
C TYR B 265 16.18 -14.02 -14.92
N ASP B 266 16.10 -14.97 -14.01
CA ASP B 266 16.87 -14.92 -12.76
C ASP B 266 16.80 -16.30 -12.14
N SER B 267 17.41 -16.45 -10.96
CA SER B 267 17.41 -17.73 -10.27
C SER B 267 16.10 -17.92 -9.50
N VAL B 268 15.77 -19.16 -9.18
CA VAL B 268 14.63 -19.42 -8.31
C VAL B 268 15.16 -19.49 -6.88
N SER B 269 14.80 -18.50 -6.08
CA SER B 269 15.41 -18.38 -4.75
C SER B 269 15.12 -19.55 -3.82
N ASP B 270 13.86 -19.98 -3.76
CA ASP B 270 13.53 -21.18 -3.00
C ASP B 270 13.70 -22.43 -3.85
N TYR B 271 14.97 -22.78 -4.08
CA TYR B 271 15.31 -23.92 -4.91
C TYR B 271 14.62 -25.18 -4.43
N GLU B 272 14.76 -25.47 -3.14
CA GLU B 272 14.23 -26.71 -2.58
C GLU B 272 12.73 -26.86 -2.78
N ALA B 273 12.00 -25.77 -2.63
CA ALA B 273 10.56 -25.81 -2.86
C ALA B 273 10.27 -26.10 -4.32
N CYS B 274 11.02 -25.45 -5.21
CA CYS B 274 10.78 -25.59 -6.64
C CYS B 274 11.02 -27.02 -7.13
N VAL B 275 12.18 -27.58 -6.78
CA VAL B 275 12.51 -28.92 -7.23
C VAL B 275 11.65 -29.97 -6.53
N SER B 276 10.84 -29.54 -5.56
CA SER B 276 9.94 -30.45 -4.87
C SER B 276 8.55 -30.50 -5.51
N LEU B 277 8.32 -29.65 -6.50
CA LEU B 277 7.03 -29.63 -7.20
C LEU B 277 6.74 -30.96 -7.88
N PRO B 278 5.47 -31.40 -7.82
CA PRO B 278 5.10 -32.68 -8.44
C PRO B 278 5.08 -32.60 -9.97
N VAL B 279 6.20 -32.22 -10.57
CA VAL B 279 6.30 -32.23 -12.03
C VAL B 279 7.47 -33.14 -12.44
N LYS B 280 7.34 -33.80 -13.58
CA LYS B 280 8.35 -34.76 -14.03
C LYS B 280 9.59 -34.09 -14.64
N ARG B 281 9.42 -32.90 -15.21
CA ARG B 281 10.52 -32.21 -15.89
C ARG B 281 10.57 -30.73 -15.47
N LEU B 282 11.76 -30.28 -15.10
CA LEU B 282 11.93 -28.92 -14.63
C LEU B 282 13.12 -28.24 -15.31
N HIS B 283 12.84 -27.08 -15.91
CA HIS B 283 13.87 -26.28 -16.57
C HIS B 283 14.33 -25.13 -15.67
N PHE B 284 15.63 -24.86 -15.71
CA PHE B 284 16.19 -23.71 -15.02
C PHE B 284 17.01 -22.91 -16.00
N ASP B 285 17.07 -21.61 -15.77
CA ASP B 285 17.92 -20.70 -16.52
C ASP B 285 19.29 -20.64 -15.82
N PHE B 286 20.31 -21.17 -16.48
CA PHE B 286 21.67 -21.20 -15.92
C PHE B 286 22.59 -20.18 -16.57
N VAL B 287 22.02 -19.19 -17.23
CA VAL B 287 22.81 -18.16 -17.90
C VAL B 287 22.70 -16.79 -17.23
N SER B 288 21.49 -16.44 -16.79
CA SER B 288 21.24 -15.09 -16.28
C SER B 288 21.77 -14.89 -14.86
N ASN B 289 22.11 -15.98 -14.19
CA ASN B 289 22.41 -15.95 -12.76
C ASN B 289 23.39 -17.05 -12.40
N GLU B 290 23.97 -16.95 -11.21
CA GLU B 290 24.89 -17.98 -10.70
C GLU B 290 24.24 -18.87 -9.64
N GLU B 291 23.12 -18.42 -9.07
CA GLU B 291 22.52 -19.11 -7.93
C GLU B 291 21.85 -20.44 -8.24
N ASN B 292 21.26 -20.56 -9.42
CA ASN B 292 20.65 -21.85 -9.78
C ASN B 292 21.69 -22.95 -9.74
N LEU B 293 22.86 -22.68 -10.32
CA LEU B 293 23.95 -23.67 -10.33
C LEU B 293 24.43 -23.96 -8.89
N LYS B 294 24.76 -22.91 -8.15
CA LYS B 294 25.20 -23.07 -6.77
C LYS B 294 24.20 -23.89 -5.95
N ASN B 295 22.93 -23.59 -6.12
CA ASN B 295 21.88 -24.27 -5.36
C ASN B 295 21.75 -25.74 -5.72
N LEU B 296 21.86 -26.05 -7.01
CA LEU B 296 21.80 -27.44 -7.46
C LEU B 296 23.03 -28.19 -6.95
N GLU B 297 24.18 -27.52 -6.98
CA GLU B 297 25.41 -28.09 -6.44
C GLU B 297 25.27 -28.36 -4.96
N LYS B 298 24.59 -27.46 -4.25
CA LYS B 298 24.44 -27.58 -2.80
C LYS B 298 23.39 -28.62 -2.41
N HIS B 299 22.21 -28.53 -3.00
CA HIS B 299 21.09 -29.38 -2.59
C HIS B 299 20.91 -30.61 -3.46
N GLY B 300 21.59 -30.63 -4.61
CA GLY B 300 21.40 -31.69 -5.59
C GLY B 300 20.12 -31.49 -6.38
N PHE B 301 19.72 -32.51 -7.13
CA PHE B 301 18.50 -32.48 -7.93
C PHE B 301 17.79 -33.81 -7.76
N PRO B 302 16.48 -33.77 -7.50
CA PRO B 302 15.67 -34.97 -7.25
C PRO B 302 15.78 -36.04 -8.33
N GLU B 303 15.92 -37.29 -7.92
CA GLU B 303 16.07 -38.40 -8.85
C GLU B 303 14.78 -38.68 -9.59
N ASP B 304 13.65 -38.31 -8.99
CA ASP B 304 12.35 -38.54 -9.60
C ASP B 304 12.00 -37.48 -10.65
N LYS B 305 12.96 -36.63 -10.97
CA LYS B 305 12.74 -35.56 -11.95
C LYS B 305 13.84 -35.50 -12.98
N LYS B 306 13.51 -34.94 -14.14
CA LYS B 306 14.49 -34.68 -15.19
C LYS B 306 14.78 -33.19 -15.29
N LEU B 307 16.07 -32.83 -15.27
CA LEU B 307 16.47 -31.45 -15.42
C LEU B 307 16.61 -31.08 -16.89
N VAL B 308 15.96 -29.98 -17.28
CA VAL B 308 16.22 -29.37 -18.58
C VAL B 308 17.13 -28.17 -18.35
N ALA B 309 18.34 -28.23 -18.91
CA ALA B 309 19.34 -27.21 -18.66
C ALA B 309 19.27 -26.03 -19.65
N GLY B 310 18.80 -24.89 -19.16
CA GLY B 310 18.76 -23.67 -19.95
C GLY B 310 20.15 -23.06 -20.05
N VAL B 311 20.89 -23.42 -21.09
CA VAL B 311 22.31 -23.09 -21.19
C VAL B 311 22.72 -22.21 -22.38
N ILE B 312 21.81 -21.99 -23.32
CA ILE B 312 22.08 -21.10 -24.44
C ILE B 312 21.30 -19.80 -24.25
N ASN B 313 22.01 -18.68 -24.21
CA ASN B 313 21.42 -17.39 -23.88
C ASN B 313 20.37 -16.93 -24.90
N GLY B 314 19.15 -16.67 -24.43
CA GLY B 314 18.12 -16.16 -25.31
C GLY B 314 18.08 -14.65 -25.40
N ARG B 315 18.95 -13.97 -24.65
CA ARG B 315 18.89 -12.51 -24.53
C ARG B 315 20.07 -11.78 -25.13
N GLN B 316 21.13 -12.52 -25.46
CA GLN B 316 22.31 -11.90 -26.06
C GLN B 316 22.68 -12.68 -27.33
N PRO B 317 23.27 -11.98 -28.31
CA PRO B 317 23.53 -12.54 -29.63
C PRO B 317 24.95 -13.10 -29.85
N TRP B 318 25.64 -13.54 -28.79
CA TRP B 318 27.01 -14.02 -28.94
C TRP B 318 27.09 -15.53 -29.16
N LYS B 319 27.84 -15.95 -30.18
CA LYS B 319 28.16 -17.36 -30.34
C LYS B 319 28.77 -17.83 -29.03
N VAL B 320 28.45 -19.04 -28.62
CA VAL B 320 29.01 -19.54 -27.39
C VAL B 320 30.03 -20.66 -27.64
N ASP B 321 30.94 -20.84 -26.69
CA ASP B 321 31.91 -21.91 -26.72
C ASP B 321 31.23 -23.20 -26.30
N LEU B 322 30.89 -24.03 -27.29
CA LEU B 322 30.04 -25.20 -27.05
C LEU B 322 30.74 -26.25 -26.20
N ARG B 323 32.06 -26.25 -26.23
CA ARG B 323 32.81 -27.18 -25.42
C ARG B 323 32.60 -26.83 -23.94
N LYS B 324 32.60 -25.54 -23.64
CA LYS B 324 32.35 -25.07 -22.27
C LYS B 324 30.90 -25.36 -21.84
N VAL B 325 29.96 -25.12 -22.73
CA VAL B 325 28.56 -25.39 -22.41
C VAL B 325 28.34 -26.87 -22.17
N ALA B 326 28.94 -27.70 -23.02
CA ALA B 326 28.84 -29.15 -22.88
C ALA B 326 29.35 -29.60 -21.52
N SER B 327 30.49 -29.05 -21.09
CA SER B 327 31.02 -29.34 -19.76
C SER B 327 30.06 -28.91 -18.66
N LEU B 328 29.47 -27.73 -18.81
CA LEU B 328 28.43 -27.29 -17.87
C LEU B 328 27.28 -28.30 -17.85
N VAL B 329 26.77 -28.66 -19.02
CA VAL B 329 25.69 -29.63 -19.08
C VAL B 329 26.05 -30.92 -18.35
N GLU B 330 27.27 -31.40 -18.55
CA GLU B 330 27.73 -32.62 -17.90
C GLU B 330 27.81 -32.44 -16.39
N LYS B 331 28.34 -31.30 -15.96
CA LYS B 331 28.42 -30.98 -14.54
C LYS B 331 27.03 -30.95 -13.91
N LEU B 332 26.07 -30.37 -14.62
CA LEU B 332 24.69 -30.31 -14.14
C LEU B 332 24.07 -31.70 -14.14
N GLY B 333 24.63 -32.59 -14.95
CA GLY B 333 24.09 -33.94 -15.09
C GLY B 333 22.75 -33.96 -15.80
N ALA B 334 22.56 -33.00 -16.71
CA ALA B 334 21.28 -32.85 -17.42
C ALA B 334 21.13 -33.80 -18.60
N SER B 335 19.93 -34.35 -18.75
CA SER B 335 19.60 -35.21 -19.88
C SER B 335 18.95 -34.41 -21.01
N ALA B 336 18.69 -33.13 -20.75
CA ALA B 336 18.09 -32.26 -21.76
C ALA B 336 18.66 -30.85 -21.73
N ILE B 337 18.66 -30.19 -22.89
CA ILE B 337 19.16 -28.83 -23.00
C ILE B 337 18.12 -27.93 -23.66
N SER B 338 18.29 -26.62 -23.46
CA SER B 338 17.45 -25.64 -24.14
C SER B 338 18.05 -24.25 -24.00
N ASN B 339 17.43 -23.27 -24.66
CA ASN B 339 17.82 -21.88 -24.43
C ASN B 339 17.45 -21.51 -23.00
N SER B 340 18.10 -20.49 -22.47
CA SER B 340 17.93 -20.12 -21.07
C SER B 340 16.63 -19.36 -20.85
N CYS B 341 16.28 -18.51 -21.81
CA CYS B 341 15.08 -17.69 -21.74
C CYS B 341 14.60 -17.53 -23.18
N PRO B 342 13.40 -16.95 -23.38
CA PRO B 342 12.78 -16.96 -24.72
C PRO B 342 13.64 -16.31 -25.79
N LEU B 343 13.62 -16.91 -26.98
CA LEU B 343 14.45 -16.45 -28.08
C LEU B 343 13.93 -15.17 -28.70
N PHE B 344 12.70 -14.79 -28.35
CA PHE B 344 12.11 -13.61 -28.99
C PHE B 344 12.73 -12.29 -28.55
N HIS B 345 13.70 -12.35 -27.64
CA HIS B 345 14.47 -11.17 -27.29
C HIS B 345 15.62 -10.94 -28.27
N LEU B 346 15.70 -11.80 -29.28
CA LEU B 346 16.75 -11.74 -30.31
C LEU B 346 16.14 -11.52 -31.69
N PRO B 347 16.93 -10.99 -32.63
CA PRO B 347 16.45 -10.88 -34.02
C PRO B 347 16.34 -12.28 -34.64
N VAL B 348 15.67 -12.39 -35.79
CA VAL B 348 15.43 -13.69 -36.41
C VAL B 348 16.69 -14.39 -36.93
N THR B 349 17.45 -13.72 -37.78
CA THR B 349 18.60 -14.37 -38.40
C THR B 349 19.70 -13.40 -38.79
N LEU B 350 20.94 -13.85 -38.60
CA LEU B 350 22.12 -13.07 -38.89
C LEU B 350 22.49 -13.13 -40.37
N GLU B 351 21.88 -14.09 -41.08
CA GLU B 351 22.30 -14.49 -42.42
C GLU B 351 22.66 -13.35 -43.38
N LEU B 352 21.77 -12.38 -43.53
CA LEU B 352 21.97 -11.32 -44.51
C LEU B 352 22.63 -10.06 -43.94
N GLU B 353 23.18 -10.15 -42.73
CA GLU B 353 23.87 -9.01 -42.12
C GLU B 353 25.29 -8.93 -42.63
N ASN B 354 25.49 -8.27 -43.76
CA ASN B 354 26.79 -8.28 -44.43
C ASN B 354 27.52 -6.94 -44.45
N ASN B 355 27.04 -5.98 -43.68
CA ASN B 355 27.76 -4.72 -43.52
C ASN B 355 28.13 -4.42 -42.07
N LEU B 356 28.43 -5.46 -41.31
CA LEU B 356 28.90 -5.30 -39.93
C LEU B 356 30.42 -5.10 -39.89
N PRO B 357 30.91 -4.40 -38.87
CA PRO B 357 32.36 -4.18 -38.73
C PRO B 357 33.12 -5.49 -38.87
N GLY B 358 34.35 -5.41 -39.38
CA GLY B 358 35.16 -6.59 -39.62
C GLY B 358 35.30 -7.48 -38.40
N GLY B 359 35.01 -8.77 -38.59
CA GLY B 359 35.17 -9.75 -37.52
C GLY B 359 33.93 -9.96 -36.68
N LEU B 360 33.00 -9.02 -36.74
CA LEU B 360 31.83 -9.07 -35.86
C LEU B 360 30.89 -10.23 -36.19
N LYS B 361 30.39 -10.25 -37.41
CA LYS B 361 29.42 -11.27 -37.82
C LYS B 361 29.85 -12.66 -37.38
N GLU B 362 31.15 -12.93 -37.44
CA GLU B 362 31.69 -14.26 -37.08
C GLU B 362 31.49 -14.60 -35.61
N LYS B 363 31.18 -13.61 -34.79
CA LYS B 363 31.04 -13.85 -33.35
C LYS B 363 29.59 -13.80 -32.90
N LEU B 364 28.70 -13.48 -33.83
CA LEU B 364 27.28 -13.32 -33.53
C LEU B 364 26.44 -14.55 -33.83
N ALA B 365 25.26 -14.59 -33.23
CA ALA B 365 24.29 -15.65 -33.46
C ALA B 365 22.94 -15.10 -33.03
N PHE B 366 22.03 -14.93 -33.98
CA PHE B 366 20.68 -14.52 -33.65
C PHE B 366 19.80 -15.75 -33.46
N ALA B 367 18.48 -15.56 -33.42
CA ALA B 367 17.57 -16.64 -33.01
C ALA B 367 17.76 -17.94 -33.80
N LYS B 368 17.74 -17.83 -35.13
CA LYS B 368 17.90 -19.02 -35.98
C LYS B 368 19.22 -19.72 -35.69
N GLU B 369 20.28 -18.94 -35.51
CA GLU B 369 21.60 -19.50 -35.22
C GLU B 369 21.66 -20.13 -33.83
N LYS B 370 20.89 -19.59 -32.88
CA LYS B 370 20.79 -20.18 -31.55
C LYS B 370 20.16 -21.57 -31.60
N LEU B 371 19.15 -21.76 -32.45
CA LEU B 371 18.57 -23.09 -32.63
C LEU B 371 19.63 -24.06 -33.16
N GLU B 372 20.40 -23.59 -34.12
CA GLU B 372 21.46 -24.41 -34.70
C GLU B 372 22.55 -24.73 -33.67
N GLU B 373 22.76 -23.82 -32.71
CA GLU B 373 23.70 -24.10 -31.62
C GLU B 373 23.22 -25.23 -30.74
N LEU B 374 21.92 -25.24 -30.43
CA LEU B 374 21.35 -26.30 -29.62
C LEU B 374 21.49 -27.65 -30.34
N LYS B 375 21.33 -27.60 -31.65
CA LYS B 375 21.43 -28.78 -32.49
C LYS B 375 22.85 -29.32 -32.43
N MET B 376 23.82 -28.43 -32.60
CA MET B 376 25.23 -28.84 -32.56
C MET B 376 25.63 -29.31 -31.18
N LEU B 377 25.08 -28.68 -30.14
CA LEU B 377 25.38 -29.07 -28.77
C LEU B 377 24.86 -30.47 -28.48
N LYS B 378 23.63 -30.74 -28.92
CA LYS B 378 23.06 -32.07 -28.81
C LYS B 378 23.94 -33.10 -29.54
N ASP B 379 24.29 -32.79 -30.80
CA ASP B 379 25.15 -33.67 -31.60
C ASP B 379 26.48 -33.93 -30.91
N PHE B 380 27.12 -32.87 -30.44
CA PHE B 380 28.41 -33.01 -29.77
C PHE B 380 28.28 -33.86 -28.50
N LEU B 381 27.24 -33.59 -27.71
CA LEU B 381 26.99 -34.35 -26.49
C LEU B 381 26.66 -35.81 -26.80
N GLU B 382 26.17 -36.07 -28.01
CA GLU B 382 25.80 -37.43 -28.40
C GLU B 382 26.93 -38.13 -29.15
N GLY B 383 28.06 -37.44 -29.31
CA GLY B 383 29.22 -38.01 -29.96
C GLY B 383 29.12 -38.12 -31.47
N LYS B 384 28.21 -37.35 -32.06
CA LYS B 384 27.94 -37.44 -33.49
C LYS B 384 28.71 -36.38 -34.28
N THR B 385 29.26 -35.41 -33.56
CA THR B 385 30.03 -34.35 -34.19
C THR B 385 31.29 -34.05 -33.36
N PHE B 386 32.42 -33.88 -34.03
CA PHE B 386 33.70 -33.67 -33.34
C PHE B 386 34.27 -32.26 -33.51
N ASP B 387 34.04 -31.65 -34.66
CA ASP B 387 34.56 -30.31 -34.93
C ASP B 387 33.60 -29.24 -34.42
N LEU B 388 34.06 -28.46 -33.44
CA LEU B 388 33.29 -27.33 -32.96
C LEU B 388 33.98 -26.03 -33.38
N PRO B 389 33.20 -24.95 -33.57
CA PRO B 389 33.80 -23.65 -33.85
C PRO B 389 34.65 -23.17 -32.68
N ASN B 390 35.63 -22.32 -32.97
CA ASN B 390 36.53 -21.80 -31.94
C ASN B 390 35.91 -20.66 -31.14
N ALA B 397 38.13 -6.41 -30.22
CA ALA B 397 37.62 -5.06 -30.47
C ALA B 397 37.99 -4.13 -29.33
N VAL B 398 39.26 -4.14 -28.95
CA VAL B 398 39.72 -3.40 -27.78
C VAL B 398 40.37 -2.07 -28.12
N ASP B 399 40.03 -1.04 -27.34
CA ASP B 399 40.75 0.22 -27.35
C ASP B 399 41.47 0.34 -26.01
N LEU B 400 42.72 -0.08 -25.98
CA LEU B 400 43.48 -0.22 -24.73
C LEU B 400 43.53 1.07 -23.90
N GLN B 401 43.64 2.22 -24.58
CA GLN B 401 43.76 3.50 -23.89
C GLN B 401 42.46 3.86 -23.17
N ALA B 402 41.33 3.53 -23.80
CA ALA B 402 40.03 3.78 -23.19
C ALA B 402 39.81 2.79 -22.05
N VAL B 403 40.21 1.54 -22.26
CA VAL B 403 40.06 0.51 -21.24
C VAL B 403 40.82 0.87 -19.96
N GLU B 404 42.07 1.30 -20.13
CA GLU B 404 42.91 1.67 -18.99
C GLU B 404 42.32 2.86 -18.23
N ARG B 405 41.83 3.86 -18.97
CA ARG B 405 41.27 5.06 -18.36
C ARG B 405 40.10 4.71 -17.44
N VAL B 406 39.27 3.75 -17.85
CA VAL B 406 38.15 3.31 -17.03
C VAL B 406 38.63 2.52 -15.82
N ARG B 407 39.54 1.58 -16.05
CA ARG B 407 40.04 0.75 -14.97
C ARG B 407 40.80 1.57 -13.92
N ASN B 408 41.36 2.70 -14.36
CA ASN B 408 42.17 3.55 -13.51
C ASN B 408 41.56 4.92 -13.20
N LEU B 409 40.23 5.00 -13.17
CA LEU B 409 39.57 6.25 -12.85
C LEU B 409 39.90 6.71 -11.43
N PRO B 410 40.25 8.00 -11.29
CA PRO B 410 40.45 8.59 -9.96
C PRO B 410 39.19 8.45 -9.13
N GLU B 411 39.35 8.25 -7.82
CA GLU B 411 38.21 8.11 -6.93
C GLU B 411 37.32 9.35 -6.93
N ASP B 412 37.88 10.47 -7.38
CA ASP B 412 37.17 11.76 -7.40
C ASP B 412 36.35 11.95 -8.68
N SER B 413 36.42 10.95 -9.57
CA SER B 413 35.79 11.06 -10.88
C SER B 413 34.26 11.08 -10.80
N PHE B 414 33.72 10.53 -9.72
CA PHE B 414 32.29 10.32 -9.61
C PHE B 414 31.56 11.42 -8.83
N ARG B 415 32.22 12.55 -8.64
CA ARG B 415 31.57 13.71 -8.04
C ARG B 415 31.96 14.96 -8.82
N ARG B 416 31.10 15.97 -8.78
CA ARG B 416 31.38 17.23 -9.44
C ARG B 416 32.20 18.13 -8.51
N GLU B 417 32.85 19.14 -9.10
CA GLU B 417 33.73 20.03 -8.34
C GLU B 417 33.05 20.62 -7.10
N LYS B 418 31.90 21.26 -7.31
CA LYS B 418 31.14 21.84 -6.21
C LYS B 418 29.84 21.08 -6.00
N GLU B 419 29.38 21.03 -4.75
CA GLU B 419 28.12 20.38 -4.40
C GLU B 419 26.92 21.22 -4.84
N TYR B 420 25.72 20.64 -4.76
CA TYR B 420 24.53 21.29 -5.30
C TYR B 420 24.28 22.70 -4.75
N THR B 421 24.25 22.82 -3.43
CA THR B 421 23.96 24.12 -2.80
C THR B 421 24.80 25.24 -3.41
N GLU B 422 26.11 24.99 -3.56
CA GLU B 422 27.00 25.97 -4.15
C GLU B 422 26.78 26.11 -5.66
N ARG B 423 26.59 24.97 -6.34
CA ARG B 423 26.25 24.98 -7.76
C ARG B 423 25.00 25.80 -7.98
N ASP B 424 23.98 25.50 -7.20
CA ASP B 424 22.65 26.08 -7.36
C ASP B 424 22.74 27.60 -7.44
N ARG B 425 23.45 28.20 -6.49
CA ARG B 425 23.61 29.64 -6.47
C ARG B 425 24.23 30.14 -7.76
N ILE B 426 25.34 29.52 -8.14
CA ILE B 426 26.05 29.94 -9.35
C ILE B 426 25.17 29.84 -10.59
N GLN B 427 24.46 28.72 -10.71
CA GLN B 427 23.58 28.49 -11.86
C GLN B 427 22.42 29.49 -11.91
N ARG B 428 21.72 29.63 -10.78
CA ARG B 428 20.56 30.50 -10.73
C ARG B 428 20.91 31.96 -11.07
N GLU B 429 22.15 32.34 -10.79
CA GLU B 429 22.62 33.69 -11.09
C GLU B 429 22.95 33.81 -12.57
N ARG B 430 23.49 32.74 -13.14
CA ARG B 430 23.86 32.72 -14.55
C ARG B 430 22.65 32.71 -15.46
N LEU B 431 21.59 32.00 -15.06
CA LEU B 431 20.41 31.81 -15.91
C LEU B 431 19.35 32.88 -15.71
N ASN B 432 19.18 33.33 -14.48
CA ASN B 432 18.22 34.38 -14.16
C ASN B 432 16.79 34.01 -14.54
N LEU B 433 16.37 32.82 -14.13
CA LEU B 433 15.03 32.33 -14.47
C LEU B 433 13.98 32.78 -13.47
N PRO B 434 12.77 33.10 -13.96
CA PRO B 434 11.65 33.43 -13.08
C PRO B 434 11.28 32.24 -12.22
N LEU B 435 10.44 32.46 -11.22
CA LEU B 435 9.85 31.36 -10.47
C LEU B 435 9.00 30.54 -11.44
N PHE B 436 8.80 29.25 -11.14
CA PHE B 436 8.02 28.37 -12.00
C PHE B 436 8.40 28.51 -13.48
N PRO B 437 9.69 28.28 -13.81
CA PRO B 437 10.11 28.37 -15.21
C PRO B 437 9.52 27.23 -16.03
N THR B 438 9.22 27.49 -17.30
CA THR B 438 8.64 26.48 -18.19
C THR B 438 9.68 25.99 -19.18
N THR B 439 9.63 24.70 -19.48
CA THR B 439 10.51 24.12 -20.49
C THR B 439 9.81 22.90 -21.09
N THR B 440 10.46 22.28 -22.06
CA THR B 440 9.97 21.01 -22.60
C THR B 440 11.09 20.00 -22.54
N ILE B 441 10.80 18.76 -22.94
CA ILE B 441 11.71 17.65 -22.67
C ILE B 441 12.72 17.37 -23.80
N GLY B 442 12.46 17.87 -24.99
CA GLY B 442 13.42 17.69 -26.07
C GLY B 442 12.85 17.57 -27.47
N SER B 443 12.10 16.51 -27.72
CA SER B 443 11.58 16.23 -29.06
C SER B 443 10.27 16.97 -29.36
N PHE B 444 10.11 17.40 -30.61
CA PHE B 444 8.89 18.06 -31.07
C PHE B 444 8.20 17.21 -32.14
N PRO B 445 6.94 17.54 -32.44
CA PRO B 445 6.17 16.80 -33.45
C PRO B 445 6.91 16.71 -34.78
N GLN B 446 6.68 15.62 -35.53
CA GLN B 446 7.35 15.42 -36.79
C GLN B 446 6.36 15.48 -37.96
N THR B 447 6.43 16.54 -38.75
CA THR B 447 5.62 16.66 -39.95
C THR B 447 6.01 15.54 -40.92
N PRO B 448 5.08 15.15 -41.81
CA PRO B 448 5.41 14.11 -42.80
C PRO B 448 6.70 14.45 -43.52
N GLU B 449 6.90 15.74 -43.79
CA GLU B 449 8.13 16.21 -44.40
C GLU B 449 9.33 15.79 -43.57
N VAL B 450 9.31 16.11 -42.28
CA VAL B 450 10.40 15.79 -41.38
C VAL B 450 10.74 14.30 -41.41
N ARG B 451 9.71 13.45 -41.36
CA ARG B 451 9.92 12.02 -41.38
C ARG B 451 10.48 11.59 -42.73
N LYS B 452 9.94 12.17 -43.79
CA LYS B 452 10.36 11.87 -45.16
C LYS B 452 11.82 12.24 -45.38
N MET B 453 12.16 13.48 -45.08
CA MET B 453 13.53 13.96 -45.26
C MET B 453 14.55 13.06 -44.56
N ARG B 454 14.30 12.77 -43.28
CA ARG B 454 15.19 11.89 -42.53
C ARG B 454 15.32 10.54 -43.21
N SER B 455 14.19 9.96 -43.60
CA SER B 455 14.19 8.68 -44.32
C SER B 455 15.03 8.80 -45.60
N LYS B 456 14.87 9.89 -46.32
CA LYS B 456 15.64 10.14 -47.53
C LYS B 456 17.12 10.23 -47.23
N TYR B 457 17.48 11.08 -46.28
CA TYR B 457 18.89 11.27 -45.91
C TYR B 457 19.56 9.95 -45.54
N ARG B 458 18.86 9.11 -44.79
CA ARG B 458 19.42 7.83 -44.34
C ARG B 458 19.70 6.88 -45.48
N LYS B 459 19.28 7.25 -46.69
CA LYS B 459 19.48 6.40 -47.86
C LYS B 459 20.58 6.94 -48.77
N ILE B 462 19.17 12.19 -50.82
CA ILE B 462 19.46 13.58 -50.49
C ILE B 462 20.85 13.71 -49.87
N SER B 463 21.47 14.88 -50.07
CA SER B 463 22.84 15.09 -49.62
C SER B 463 22.93 15.50 -48.15
N LYS B 464 24.06 15.21 -47.54
CA LYS B 464 24.32 15.63 -46.16
C LYS B 464 24.17 17.15 -46.06
N GLU B 465 24.62 17.85 -47.09
CA GLU B 465 24.47 19.30 -47.15
C GLU B 465 23.00 19.67 -47.18
N GLU B 466 22.23 18.96 -48.00
CA GLU B 466 20.80 19.21 -48.12
C GLU B 466 20.07 19.00 -46.80
N TYR B 467 20.37 17.88 -46.14
CA TYR B 467 19.72 17.56 -44.86
C TYR B 467 20.14 18.53 -43.76
N GLU B 468 21.45 18.72 -43.59
CA GLU B 468 21.95 19.65 -42.60
C GLU B 468 21.15 20.94 -42.64
N ALA B 469 20.97 21.49 -43.84
CA ALA B 469 20.25 22.74 -44.03
C ALA B 469 18.76 22.60 -43.71
N PHE B 470 18.18 21.45 -44.07
CA PHE B 470 16.77 21.21 -43.75
C PHE B 470 16.54 21.26 -42.24
N ILE B 471 17.36 20.50 -41.51
CA ILE B 471 17.28 20.49 -40.06
C ILE B 471 17.44 21.90 -39.49
N LYS B 472 18.39 22.64 -40.04
CA LYS B 472 18.63 24.02 -39.59
C LYS B 472 17.36 24.85 -39.72
N GLU B 473 16.58 24.59 -40.76
CA GLU B 473 15.33 25.31 -40.98
C GLU B 473 14.29 24.96 -39.91
N GLN B 474 14.11 23.65 -39.68
CA GLN B 474 13.15 23.17 -38.70
C GLN B 474 13.51 23.68 -37.31
N ILE B 475 14.80 23.67 -37.00
CA ILE B 475 15.28 24.15 -35.70
C ILE B 475 14.96 25.63 -35.52
N LYS B 476 15.28 26.43 -36.53
CA LYS B 476 14.98 27.85 -36.51
C LYS B 476 13.50 28.06 -36.20
N LYS B 477 12.64 27.45 -37.02
CA LYS B 477 11.20 27.60 -36.87
C LYS B 477 10.72 27.17 -35.49
N ALA B 478 11.29 26.09 -34.97
CA ALA B 478 10.91 25.57 -33.66
C ALA B 478 11.33 26.53 -32.55
N ILE B 479 12.53 27.08 -32.67
CA ILE B 479 13.01 28.05 -31.69
C ILE B 479 12.19 29.33 -31.75
N GLU B 480 11.83 29.74 -32.97
CA GLU B 480 10.97 30.90 -33.18
C GLU B 480 9.66 30.71 -32.42
N LEU B 481 9.02 29.56 -32.65
CA LEU B 481 7.73 29.26 -32.04
C LEU B 481 7.80 29.27 -30.51
N GLN B 482 8.85 28.67 -29.96
CA GLN B 482 9.02 28.60 -28.52
C GLN B 482 9.08 29.99 -27.91
N GLU B 483 9.91 30.85 -28.49
CA GLU B 483 10.03 32.23 -28.03
C GLU B 483 8.67 32.92 -28.06
N GLU B 484 8.01 32.86 -29.21
CA GLU B 484 6.71 33.50 -29.38
C GLU B 484 5.67 32.92 -28.43
N ILE B 485 5.86 31.66 -28.05
CA ILE B 485 4.96 31.03 -27.10
C ILE B 485 5.21 31.55 -25.68
N GLY B 486 6.48 31.75 -25.33
CA GLY B 486 6.84 32.30 -24.05
C GLY B 486 7.56 31.32 -23.12
N LEU B 487 8.10 30.26 -23.68
CA LEU B 487 8.82 29.26 -22.90
C LEU B 487 10.12 29.83 -22.35
N ASP B 488 10.47 29.41 -21.15
CA ASP B 488 11.65 29.95 -20.47
C ASP B 488 12.96 29.26 -20.88
N VAL B 489 12.94 27.92 -20.94
CA VAL B 489 14.11 27.18 -21.43
C VAL B 489 13.74 26.40 -22.70
N LEU B 490 14.57 26.52 -23.73
CA LEU B 490 14.22 26.01 -25.06
C LEU B 490 14.94 24.72 -25.44
N VAL B 491 14.41 24.06 -26.47
CA VAL B 491 15.02 22.84 -27.01
C VAL B 491 15.09 22.92 -28.54
N HIS B 492 15.91 22.06 -29.13
CA HIS B 492 16.11 22.08 -30.58
C HIS B 492 15.18 21.14 -31.35
N GLY B 493 14.50 20.26 -30.64
CA GLY B 493 13.42 19.48 -31.25
C GLY B 493 13.75 18.07 -31.66
N GLU B 494 15.04 17.76 -31.81
CA GLU B 494 15.50 16.41 -32.16
C GLU B 494 14.94 15.90 -33.49
N PHE B 495 14.66 16.82 -34.41
CA PHE B 495 14.12 16.44 -35.71
C PHE B 495 15.08 15.51 -36.44
N GLU B 496 16.36 15.64 -36.13
CA GLU B 496 17.40 14.88 -36.83
C GLU B 496 17.60 13.45 -36.29
N ARG B 497 16.82 13.07 -35.27
CA ARG B 497 17.05 11.80 -34.59
C ARG B 497 15.93 10.79 -34.84
N THR B 498 16.32 9.55 -35.12
CA THR B 498 15.36 8.47 -35.29
C THR B 498 14.78 8.06 -33.94
N ASP B 499 15.67 7.83 -32.98
CA ASP B 499 15.29 7.59 -31.59
C ASP B 499 16.49 7.83 -30.66
N MET B 500 16.20 7.98 -29.38
CA MET B 500 17.20 8.46 -28.41
C MET B 500 18.40 7.54 -28.23
N VAL B 501 18.26 6.27 -28.62
CA VAL B 501 19.38 5.36 -28.51
C VAL B 501 20.13 5.20 -29.83
N GLU B 502 19.39 4.84 -30.88
CA GLU B 502 19.96 4.61 -32.20
C GLU B 502 20.81 5.79 -32.67
N PHE B 503 20.31 7.00 -32.46
CA PHE B 503 21.00 8.20 -32.88
C PHE B 503 22.44 8.24 -32.35
N PHE B 504 22.61 7.84 -31.10
CA PHE B 504 23.94 7.86 -30.47
C PHE B 504 24.70 6.58 -30.76
N ALA B 505 23.98 5.47 -30.83
CA ALA B 505 24.62 4.19 -31.10
C ALA B 505 25.36 4.23 -32.45
N GLU B 506 24.82 5.01 -33.38
CA GLU B 506 25.39 5.09 -34.71
C GLU B 506 26.65 5.96 -34.76
N LYS B 507 26.89 6.71 -33.69
CA LYS B 507 28.00 7.67 -33.67
C LYS B 507 29.11 7.30 -32.69
N LEU B 508 28.98 6.15 -32.04
CA LEU B 508 29.96 5.72 -31.05
C LEU B 508 30.77 4.55 -31.58
N ASN B 509 32.06 4.54 -31.26
CA ASN B 509 32.91 3.42 -31.57
C ASN B 509 32.64 2.30 -30.58
N GLY B 510 32.85 1.07 -31.02
CA GLY B 510 32.60 -0.09 -30.17
C GLY B 510 31.17 -0.56 -30.26
N ILE B 511 30.34 0.18 -31.00
CA ILE B 511 28.93 -0.16 -31.16
C ILE B 511 28.52 -0.30 -32.62
N ALA B 512 27.86 -1.41 -32.95
CA ALA B 512 27.37 -1.64 -34.30
C ALA B 512 25.84 -1.56 -34.36
N THR B 513 25.33 -1.26 -35.55
CA THR B 513 23.90 -1.35 -35.81
C THR B 513 23.68 -2.30 -36.99
N THR B 514 22.51 -2.96 -37.02
CA THR B 514 22.21 -3.96 -38.04
C THR B 514 21.27 -3.40 -39.11
N GLN B 515 21.12 -4.15 -40.20
CA GLN B 515 20.21 -3.76 -41.26
C GLN B 515 18.81 -4.29 -41.01
N ASN B 516 18.72 -5.56 -40.59
CA ASN B 516 17.44 -6.23 -40.45
C ASN B 516 17.28 -6.94 -39.09
N GLY B 517 18.03 -6.49 -38.09
CA GLY B 517 18.01 -7.16 -36.80
C GLY B 517 16.83 -6.74 -35.94
N TRP B 518 15.62 -6.94 -36.48
CA TRP B 518 14.40 -6.49 -35.83
C TRP B 518 13.99 -7.39 -34.66
N VAL B 519 13.49 -6.73 -33.61
CA VAL B 519 13.03 -7.42 -32.41
C VAL B 519 11.69 -6.83 -31.99
N LEU B 520 10.75 -7.70 -31.63
CA LEU B 520 9.42 -7.25 -31.24
C LEU B 520 9.43 -6.53 -29.88
N SER B 521 8.88 -5.32 -29.86
CA SER B 521 8.73 -4.57 -28.61
C SER B 521 7.33 -4.81 -28.03
N TYR B 522 6.33 -4.78 -28.91
CA TYR B 522 4.93 -5.05 -28.56
C TYR B 522 4.09 -4.98 -29.82
N GLY B 523 2.90 -5.57 -29.79
CA GLY B 523 1.99 -5.52 -30.94
C GLY B 523 2.66 -5.72 -32.29
N SER B 524 2.69 -4.66 -33.09
CA SER B 524 3.32 -4.72 -34.40
C SER B 524 4.59 -3.88 -34.49
N ARG B 525 5.01 -3.33 -33.34
CA ARG B 525 6.16 -2.43 -33.30
C ARG B 525 7.45 -3.19 -33.01
N CYS B 526 8.41 -3.09 -33.94
CA CYS B 526 9.73 -3.69 -33.78
C CYS B 526 10.81 -2.60 -33.74
N TYR B 527 12.00 -2.97 -33.28
CA TYR B 527 13.13 -2.05 -33.24
C TYR B 527 14.38 -2.87 -33.47
N ARG B 528 15.45 -2.20 -33.89
CA ARG B 528 16.74 -2.87 -34.10
C ARG B 528 17.69 -2.49 -32.96
N PRO B 529 17.91 -3.42 -32.03
CA PRO B 529 18.85 -3.10 -30.93
C PRO B 529 20.27 -2.98 -31.46
N PRO B 530 21.00 -1.94 -31.02
CA PRO B 530 22.43 -1.84 -31.30
C PRO B 530 23.18 -3.00 -30.68
N ILE B 531 24.40 -3.24 -31.14
CA ILE B 531 25.26 -4.25 -30.56
C ILE B 531 26.54 -3.55 -30.11
N ILE B 532 26.73 -3.50 -28.80
CA ILE B 532 27.96 -2.99 -28.22
C ILE B 532 28.96 -4.14 -28.18
N TYR B 533 29.86 -4.17 -29.17
CA TYR B 533 30.74 -5.31 -29.38
C TYR B 533 32.17 -5.09 -28.89
N GLY B 534 32.54 -3.83 -28.62
CA GLY B 534 33.88 -3.53 -28.15
C GLY B 534 33.93 -2.25 -27.32
N THR B 535 35.14 -1.82 -26.98
CA THR B 535 35.32 -0.62 -26.17
C THR B 535 34.61 0.56 -26.79
N VAL B 536 33.78 1.23 -25.98
CA VAL B 536 33.02 2.36 -26.45
C VAL B 536 33.78 3.66 -26.24
N THR B 537 33.87 4.47 -27.29
CA THR B 537 34.49 5.78 -27.19
C THR B 537 33.77 6.69 -28.18
N ARG B 538 33.92 7.99 -28.00
CA ARG B 538 33.32 8.97 -28.88
C ARG B 538 34.39 9.70 -29.70
N PRO B 539 34.68 9.22 -30.91
CA PRO B 539 35.67 9.85 -31.79
C PRO B 539 35.35 11.32 -32.07
N GLU B 540 34.15 11.62 -32.55
CA GLU B 540 33.78 12.98 -32.93
C GLU B 540 32.55 13.48 -32.18
N PRO B 541 32.42 14.82 -32.07
CA PRO B 541 31.23 15.43 -31.46
C PRO B 541 29.97 14.92 -32.14
N MET B 542 28.93 14.67 -31.36
CA MET B 542 27.71 14.05 -31.88
C MET B 542 26.57 15.03 -32.13
N THR B 543 26.45 16.05 -31.28
CA THR B 543 25.27 16.91 -31.32
C THR B 543 25.60 18.40 -31.37
N LEU B 544 26.88 18.75 -31.35
CA LEU B 544 27.29 20.14 -31.26
C LEU B 544 26.68 21.02 -32.36
N LYS B 545 26.70 20.52 -33.59
CA LYS B 545 26.16 21.27 -34.73
C LYS B 545 24.74 21.77 -34.48
N GLU B 546 23.89 20.88 -33.98
CA GLU B 546 22.47 21.20 -33.80
C GLU B 546 22.22 22.16 -32.63
N ILE B 547 22.84 21.87 -31.48
CA ILE B 547 22.60 22.67 -30.29
C ILE B 547 23.22 24.05 -30.43
N THR B 548 24.43 24.09 -30.98
CA THR B 548 25.13 25.36 -31.18
C THR B 548 24.30 26.31 -32.01
N TYR B 549 23.91 25.85 -33.19
CA TYR B 549 23.03 26.63 -34.06
C TYR B 549 21.80 27.08 -33.31
N ALA B 550 21.20 26.16 -32.56
CA ALA B 550 19.98 26.45 -31.83
C ALA B 550 20.18 27.61 -30.86
N GLN B 551 21.30 27.59 -30.13
CA GLN B 551 21.59 28.60 -29.13
C GLN B 551 21.87 29.95 -29.78
N SER B 552 22.35 29.92 -31.02
CA SER B 552 22.72 31.12 -31.73
C SER B 552 21.52 31.89 -32.25
N LEU B 553 20.32 31.36 -32.03
CA LEU B 553 19.11 32.00 -32.56
C LEU B 553 18.33 32.73 -31.47
N THR B 554 18.78 32.61 -30.23
CA THR B 554 18.06 33.17 -29.10
C THR B 554 18.98 33.45 -27.92
N GLU B 555 18.56 34.40 -27.08
CA GLU B 555 19.28 34.71 -25.84
C GLU B 555 18.82 33.80 -24.71
N LYS B 556 17.70 33.13 -24.92
CA LYS B 556 17.20 32.17 -23.95
C LYS B 556 18.07 30.92 -23.98
N PRO B 557 18.19 30.24 -22.82
CA PRO B 557 19.00 29.02 -22.72
C PRO B 557 18.41 27.89 -23.55
N VAL B 558 19.23 27.22 -24.35
CA VAL B 558 18.80 26.02 -25.07
C VAL B 558 19.49 24.81 -24.45
N LYS B 559 18.72 23.75 -24.22
CA LYS B 559 19.24 22.55 -23.59
C LYS B 559 20.12 21.74 -24.52
N GLY B 560 21.27 21.31 -24.01
CA GLY B 560 21.98 20.20 -24.63
C GLY B 560 21.12 18.97 -24.33
N MET B 561 21.13 17.99 -25.23
CA MET B 561 20.19 16.87 -25.14
C MET B 561 20.88 15.53 -25.38
N LEU B 562 21.11 14.78 -24.30
CA LEU B 562 21.85 13.52 -24.40
C LEU B 562 21.11 12.36 -23.75
N THR B 563 21.49 11.15 -24.14
CA THR B 563 20.90 9.95 -23.57
C THR B 563 21.91 9.27 -22.63
N GLY B 564 21.46 8.93 -21.44
CA GLY B 564 22.32 8.32 -20.44
C GLY B 564 22.89 6.97 -20.80
N PRO B 565 23.93 6.54 -20.07
CA PRO B 565 24.63 5.27 -20.26
C PRO B 565 23.78 4.04 -19.94
N VAL B 566 22.92 4.12 -18.93
CA VAL B 566 22.12 2.97 -18.54
C VAL B 566 21.05 2.68 -19.60
N THR B 567 20.48 3.74 -20.15
CA THR B 567 19.43 3.59 -21.14
C THR B 567 19.99 3.04 -22.45
N ILE B 568 21.17 3.51 -22.84
CA ILE B 568 21.83 2.99 -24.03
C ILE B 568 22.07 1.49 -23.90
N MET B 569 22.53 1.05 -22.73
CA MET B 569 22.77 -0.37 -22.48
C MET B 569 21.49 -1.18 -22.43
N SER B 570 20.43 -0.56 -21.90
CA SER B 570 19.17 -1.27 -21.67
C SER B 570 18.48 -1.64 -22.98
N TRP B 571 18.71 -0.82 -24.01
CA TRP B 571 18.11 -1.04 -25.32
C TRP B 571 19.06 -1.66 -26.34
N SER B 572 20.23 -2.10 -25.88
CA SER B 572 21.25 -2.68 -26.75
C SER B 572 21.68 -4.05 -26.28
N TYR B 573 22.30 -4.80 -27.17
CA TYR B 573 23.02 -5.99 -26.77
C TYR B 573 24.43 -5.55 -26.38
N TYR B 574 25.07 -6.30 -25.51
CA TYR B 574 26.44 -5.99 -25.14
C TYR B 574 27.16 -7.25 -24.71
N ARG B 575 28.46 -7.14 -24.48
CA ARG B 575 29.27 -8.32 -24.24
C ARG B 575 29.13 -8.88 -22.82
N GLU B 576 29.23 -10.21 -22.72
CA GLU B 576 29.02 -10.95 -21.48
C GLU B 576 30.32 -11.19 -20.72
N ASP B 577 31.45 -11.04 -21.41
CA ASP B 577 32.76 -11.37 -20.84
C ASP B 577 33.43 -10.14 -20.24
N ILE B 578 32.64 -9.08 -20.11
CA ILE B 578 33.10 -7.84 -19.51
C ILE B 578 32.08 -7.49 -18.43
N PRO B 579 32.54 -6.91 -17.31
CA PRO B 579 31.58 -6.51 -16.28
C PRO B 579 30.65 -5.41 -16.80
N GLU B 580 29.36 -5.49 -16.46
CA GLU B 580 28.42 -4.47 -16.91
C GLU B 580 28.87 -3.06 -16.57
N ARG B 581 29.45 -2.89 -15.38
CA ARG B 581 29.83 -1.55 -14.93
C ARG B 581 30.94 -0.95 -15.81
N GLU B 582 31.84 -1.79 -16.30
CA GLU B 582 32.90 -1.32 -17.18
C GLU B 582 32.34 -0.77 -18.48
N ILE B 583 31.35 -1.47 -19.04
CA ILE B 583 30.69 -1.01 -20.25
C ILE B 583 30.00 0.30 -19.99
N ALA B 584 29.28 0.37 -18.86
CA ALA B 584 28.56 1.57 -18.50
C ALA B 584 29.50 2.76 -18.35
N TYR B 585 30.62 2.55 -17.68
CA TYR B 585 31.60 3.63 -17.49
C TYR B 585 32.18 4.07 -18.82
N GLN B 586 32.50 3.12 -19.69
CA GLN B 586 33.02 3.47 -21.02
C GLN B 586 32.06 4.38 -21.74
N ILE B 587 30.78 4.01 -21.74
CA ILE B 587 29.75 4.80 -22.40
C ILE B 587 29.61 6.15 -21.72
N ALA B 588 29.58 6.14 -20.40
CA ALA B 588 29.47 7.37 -19.62
C ALA B 588 30.58 8.37 -19.97
N LEU B 589 31.83 7.88 -20.05
CA LEU B 589 32.95 8.76 -20.35
C LEU B 589 32.79 9.36 -21.74
N ALA B 590 32.38 8.52 -22.69
CA ALA B 590 32.11 8.97 -24.04
C ALA B 590 31.03 10.06 -24.07
N ILE B 591 30.00 9.91 -23.26
CA ILE B 591 28.95 10.92 -23.13
C ILE B 591 29.50 12.20 -22.49
N ASN B 592 30.35 12.05 -21.48
CA ASN B 592 30.93 13.21 -20.81
C ASN B 592 31.80 14.02 -21.77
N GLU B 593 32.45 13.33 -22.70
CA GLU B 593 33.24 14.01 -23.73
C GLU B 593 32.35 15.00 -24.47
N GLU B 594 31.10 14.59 -24.70
CA GLU B 594 30.14 15.43 -25.41
C GLU B 594 29.67 16.56 -24.51
N VAL B 595 29.49 16.25 -23.22
CA VAL B 595 29.09 17.26 -22.26
C VAL B 595 30.11 18.41 -22.22
N LYS B 596 31.39 18.07 -22.08
CA LYS B 596 32.46 19.06 -22.06
C LYS B 596 32.40 19.95 -23.29
N ASP B 597 32.28 19.32 -24.45
CA ASP B 597 32.22 20.05 -25.71
C ASP B 597 31.02 20.99 -25.76
N LEU B 598 29.91 20.57 -25.17
CA LEU B 598 28.72 21.41 -25.14
C LEU B 598 28.90 22.65 -24.27
N GLU B 599 29.38 22.46 -23.04
CA GLU B 599 29.59 23.59 -22.15
C GLU B 599 30.71 24.49 -22.66
N GLU B 600 31.67 23.88 -23.38
CA GLU B 600 32.73 24.64 -24.01
C GLU B 600 32.15 25.55 -25.10
N ALA B 601 31.16 25.05 -25.81
CA ALA B 601 30.53 25.82 -26.90
C ALA B 601 29.58 26.86 -26.34
N GLY B 602 29.50 26.96 -25.02
CA GLY B 602 28.69 27.97 -24.37
C GLY B 602 27.30 27.52 -23.91
N ILE B 603 27.02 26.23 -24.02
CA ILE B 603 25.72 25.71 -23.60
C ILE B 603 25.57 25.67 -22.08
N LYS B 604 24.53 26.33 -21.57
CA LYS B 604 24.37 26.52 -20.13
C LYS B 604 23.66 25.36 -19.43
N ILE B 605 22.75 24.69 -20.14
CA ILE B 605 21.96 23.62 -19.58
C ILE B 605 22.12 22.34 -20.41
N VAL B 606 22.38 21.22 -19.74
CA VAL B 606 22.47 19.95 -20.43
C VAL B 606 21.58 18.89 -19.78
N GLN B 607 20.76 18.25 -20.60
CA GLN B 607 19.85 17.23 -20.12
C GLN B 607 20.38 15.84 -20.48
N ILE B 608 20.38 14.95 -19.50
CA ILE B 608 20.70 13.55 -19.73
C ILE B 608 19.44 12.71 -19.51
N ASP B 609 18.97 12.04 -20.57
CA ASP B 609 17.74 11.25 -20.52
C ASP B 609 18.04 9.86 -20.00
N GLU B 610 17.43 9.48 -18.88
CA GLU B 610 17.67 8.15 -18.32
C GLU B 610 16.35 7.43 -18.01
N PRO B 611 15.51 7.24 -19.03
CA PRO B 611 14.21 6.58 -18.84
C PRO B 611 14.31 5.15 -18.34
N ALA B 612 15.45 4.50 -18.54
CA ALA B 612 15.60 3.10 -18.17
C ALA B 612 16.28 2.87 -16.82
N PHE B 613 16.42 3.95 -16.04
CA PHE B 613 17.20 3.90 -14.80
C PHE B 613 16.69 2.81 -13.86
N ARG B 614 15.38 2.65 -13.78
CA ARG B 614 14.79 1.61 -12.93
C ARG B 614 14.53 0.31 -13.68
N GLU B 615 14.18 0.42 -14.96
CA GLU B 615 13.85 -0.73 -15.79
C GLU B 615 15.00 -1.73 -15.87
N LYS B 616 16.21 -1.21 -15.85
CA LYS B 616 17.42 -2.00 -16.00
C LYS B 616 17.77 -2.76 -14.71
N ALA B 617 17.16 -2.38 -13.60
CA ALA B 617 17.40 -3.03 -12.31
C ALA B 617 17.09 -4.52 -12.36
N PRO B 618 17.83 -5.32 -11.58
CA PRO B 618 17.56 -6.77 -11.48
C PRO B 618 16.16 -7.05 -10.94
N ILE B 619 15.65 -8.23 -11.27
CA ILE B 619 14.34 -8.66 -10.79
C ILE B 619 14.30 -8.76 -9.26
N LYS B 620 15.41 -9.23 -8.68
CA LYS B 620 15.49 -9.43 -7.24
C LYS B 620 15.99 -8.19 -6.50
N LYS B 621 15.24 -7.77 -5.50
CA LYS B 621 15.62 -6.60 -4.71
C LYS B 621 16.98 -6.77 -4.04
N SER B 622 17.36 -8.01 -3.73
CA SER B 622 18.64 -8.26 -3.07
C SER B 622 19.81 -7.87 -3.96
N LYS B 623 19.55 -7.78 -5.27
CA LYS B 623 20.59 -7.43 -6.23
C LYS B 623 20.60 -5.94 -6.61
N TRP B 624 19.63 -5.19 -6.09
CA TRP B 624 19.54 -3.76 -6.37
C TRP B 624 20.76 -2.94 -5.93
N PRO B 625 21.23 -3.15 -4.69
CA PRO B 625 22.37 -2.33 -4.23
C PRO B 625 23.57 -2.36 -5.18
N GLU B 626 23.97 -3.55 -5.61
CA GLU B 626 25.09 -3.67 -6.55
C GLU B 626 24.77 -2.99 -7.87
N TYR B 627 23.54 -3.16 -8.34
CA TYR B 627 23.15 -2.55 -9.61
C TYR B 627 23.17 -1.03 -9.56
N PHE B 628 22.51 -0.45 -8.55
CA PHE B 628 22.45 1.00 -8.47
C PHE B 628 23.80 1.63 -8.18
N GLU B 629 24.69 0.89 -7.53
CA GLU B 629 26.04 1.43 -7.30
C GLU B 629 26.68 1.80 -8.63
N TRP B 630 26.65 0.91 -9.61
CA TRP B 630 27.24 1.22 -10.91
C TRP B 630 26.38 2.15 -11.76
N ALA B 631 25.06 2.01 -11.67
CA ALA B 631 24.16 2.88 -12.42
C ALA B 631 24.34 4.33 -11.97
N ILE B 632 24.47 4.53 -10.68
CA ILE B 632 24.74 5.86 -10.13
C ILE B 632 26.08 6.40 -10.61
N ASN B 633 27.12 5.58 -10.48
CA ASN B 633 28.46 5.99 -10.88
C ASN B 633 28.52 6.33 -12.36
N ALA B 634 27.88 5.47 -13.17
CA ALA B 634 27.85 5.70 -14.62
C ALA B 634 27.17 7.02 -14.93
N PHE B 635 26.00 7.27 -14.33
CA PHE B 635 25.33 8.54 -14.57
C PHE B 635 26.23 9.70 -14.15
N ASN B 636 26.83 9.57 -12.98
CA ASN B 636 27.67 10.66 -12.46
C ASN B 636 28.91 10.92 -13.32
N LEU B 637 29.48 9.87 -13.91
CA LEU B 637 30.57 10.06 -14.87
C LEU B 637 30.10 10.87 -16.07
N ALA B 638 28.93 10.52 -16.61
CA ALA B 638 28.37 11.22 -17.76
C ALA B 638 28.05 12.65 -17.41
N ALA B 639 27.50 12.87 -16.22
CA ALA B 639 27.04 14.18 -15.81
C ALA B 639 28.12 15.03 -15.14
N ASN B 640 29.36 14.54 -15.15
CA ASN B 640 30.44 15.29 -14.50
C ASN B 640 30.68 16.61 -15.23
N ALA B 641 29.97 17.65 -14.79
CA ALA B 641 29.99 18.94 -15.48
C ALA B 641 30.50 20.04 -14.56
N ARG B 642 30.94 21.14 -15.15
CA ARG B 642 31.36 22.31 -14.38
C ARG B 642 30.20 22.82 -13.53
N PRO B 643 30.52 23.43 -12.38
CA PRO B 643 29.50 23.89 -11.44
C PRO B 643 28.51 24.86 -12.08
N GLU B 644 28.95 25.67 -13.04
CA GLU B 644 28.07 26.63 -13.69
C GLU B 644 27.16 25.98 -14.74
N THR B 645 27.37 24.69 -14.98
CA THR B 645 26.53 23.95 -15.91
C THR B 645 25.37 23.27 -15.18
N GLN B 646 24.15 23.69 -15.49
CA GLN B 646 22.98 23.08 -14.88
C GLN B 646 22.61 21.76 -15.58
N ILE B 647 22.70 20.66 -14.85
CA ILE B 647 22.39 19.34 -15.40
C ILE B 647 20.95 18.94 -15.10
N HIS B 648 20.24 18.49 -16.14
CA HIS B 648 18.88 17.97 -15.99
C HIS B 648 18.88 16.47 -16.22
N ALA B 649 18.32 15.72 -15.29
CA ALA B 649 18.10 14.30 -15.50
C ALA B 649 16.62 14.11 -15.83
N HIS B 650 16.33 13.59 -17.01
CA HIS B 650 14.95 13.31 -17.37
C HIS B 650 14.64 11.86 -17.09
N MET B 651 13.68 11.62 -16.20
CA MET B 651 13.33 10.27 -15.80
C MET B 651 11.82 10.14 -15.73
N CYS B 652 11.23 9.68 -16.81
CA CYS B 652 9.77 9.66 -16.97
C CYS B 652 9.12 8.32 -16.62
N TYR B 653 9.70 7.58 -15.68
CA TYR B 653 9.06 6.34 -15.25
C TYR B 653 8.07 6.57 -14.09
N SER B 654 7.24 5.58 -13.81
CA SER B 654 6.01 5.80 -13.04
C SER B 654 6.15 6.09 -11.55
N ASP B 655 7.23 5.61 -10.91
CA ASP B 655 7.39 5.85 -9.48
C ASP B 655 8.84 5.81 -9.00
N PHE B 656 9.11 6.52 -7.91
CA PHE B 656 10.46 6.67 -7.38
C PHE B 656 10.55 6.20 -5.94
N ASN B 657 9.45 5.63 -5.45
CA ASN B 657 9.32 5.28 -4.05
C ASN B 657 10.45 4.42 -3.50
N GLU B 658 10.79 3.35 -4.20
CA GLU B 658 11.76 2.39 -3.69
C GLU B 658 13.22 2.73 -4.04
N ILE B 659 13.44 3.88 -4.65
CA ILE B 659 14.78 4.21 -5.14
C ILE B 659 15.18 5.66 -4.91
N ILE B 660 14.43 6.36 -4.07
CA ILE B 660 14.69 7.77 -3.86
C ILE B 660 16.08 8.01 -3.28
N GLU B 661 16.57 7.06 -2.49
CA GLU B 661 17.89 7.17 -1.87
C GLU B 661 19.00 7.04 -2.91
N TYR B 662 18.70 6.33 -4.00
CA TYR B 662 19.66 6.21 -5.09
C TYR B 662 19.63 7.46 -5.95
N ILE B 663 18.43 7.94 -6.24
CA ILE B 663 18.23 9.19 -6.98
C ILE B 663 19.00 10.31 -6.30
N HIS B 664 18.98 10.29 -4.97
CA HIS B 664 19.63 11.31 -4.16
C HIS B 664 21.15 11.36 -4.37
N GLN B 665 21.71 10.28 -4.90
CA GLN B 665 23.15 10.20 -5.13
C GLN B 665 23.57 10.68 -6.51
N LEU B 666 22.60 10.99 -7.36
CA LEU B 666 22.86 11.43 -8.73
C LEU B 666 23.25 12.91 -8.77
N GLU B 667 24.16 13.23 -9.68
CA GLU B 667 24.76 14.57 -9.72
C GLU B 667 24.02 15.57 -10.60
N PHE B 668 22.72 15.38 -10.79
CA PHE B 668 21.93 16.34 -11.55
C PHE B 668 21.58 17.53 -10.66
N ASP B 669 21.15 18.62 -11.29
CA ASP B 669 20.64 19.78 -10.57
C ASP B 669 19.11 19.89 -10.64
N VAL B 670 18.53 19.41 -11.73
CA VAL B 670 17.07 19.37 -11.87
C VAL B 670 16.70 17.98 -12.36
N ILE B 671 15.60 17.43 -11.87
CA ILE B 671 15.08 16.16 -12.39
C ILE B 671 13.64 16.33 -12.87
N SER B 672 13.37 15.97 -14.12
CA SER B 672 12.02 16.07 -14.67
C SER B 672 11.31 14.73 -14.58
N ILE B 673 10.06 14.78 -14.14
CA ILE B 673 9.28 13.57 -13.91
C ILE B 673 7.94 13.67 -14.61
N GLU B 674 7.29 12.52 -14.83
CA GLU B 674 5.94 12.50 -15.39
C GLU B 674 4.91 12.47 -14.27
N ALA B 675 4.24 13.60 -14.06
CA ALA B 675 3.33 13.72 -12.91
C ALA B 675 1.83 13.79 -13.27
N SER B 676 1.50 13.87 -14.56
CA SER B 676 0.11 14.12 -14.97
C SER B 676 -0.84 12.98 -14.63
N ARG B 677 -0.44 11.75 -14.96
CA ARG B 677 -1.32 10.59 -14.79
C ARG B 677 -1.60 10.28 -13.32
N SER B 678 -0.63 10.60 -12.46
CA SER B 678 -0.79 10.37 -11.03
C SER B 678 -1.41 11.60 -10.37
N LYS B 679 -1.65 12.63 -11.18
CA LYS B 679 -2.16 13.91 -10.67
C LYS B 679 -1.25 14.49 -9.60
N GLY B 680 0.06 14.29 -9.77
CA GLY B 680 1.03 14.88 -8.87
C GLY B 680 1.45 14.00 -7.71
N GLU B 681 0.71 12.91 -7.49
CA GLU B 681 0.97 12.02 -6.35
C GLU B 681 2.34 11.37 -6.40
N ILE B 682 2.90 11.26 -7.62
CA ILE B 682 4.23 10.68 -7.79
C ILE B 682 5.25 11.45 -6.96
N ILE B 683 4.89 12.67 -6.58
CA ILE B 683 5.75 13.54 -5.78
C ILE B 683 5.95 13.01 -4.36
N SER B 684 5.16 12.01 -3.98
CA SER B 684 5.22 11.47 -2.63
C SER B 684 6.64 11.12 -2.22
N ALA B 685 7.32 10.35 -3.06
CA ALA B 685 8.68 9.91 -2.75
C ALA B 685 9.62 11.08 -2.48
N PHE B 686 9.40 12.21 -3.14
CA PHE B 686 10.28 13.37 -3.00
C PHE B 686 9.96 14.22 -1.76
N GLU B 687 8.68 14.47 -1.52
CA GLU B 687 8.29 15.25 -0.33
C GLU B 687 8.55 14.46 0.95
N ASN B 688 8.48 13.13 0.86
CA ASN B 688 8.76 12.25 1.99
C ASN B 688 10.24 12.09 2.30
N PHE B 689 11.08 12.69 1.45
CA PHE B 689 12.52 12.52 1.60
C PHE B 689 13.13 13.70 2.35
N LYS B 690 13.27 13.54 3.67
CA LYS B 690 13.93 14.55 4.47
C LYS B 690 15.28 14.85 3.85
N GLY B 691 15.51 16.11 3.52
CA GLY B 691 16.77 16.51 2.95
C GLY B 691 16.76 16.72 1.44
N TRP B 692 15.59 16.56 0.81
CA TRP B 692 15.49 16.87 -0.60
C TRP B 692 15.63 18.36 -0.82
N ILE B 693 16.50 18.76 -1.75
CA ILE B 693 16.74 20.17 -2.01
C ILE B 693 16.87 20.51 -3.49
N LYS B 694 16.87 19.50 -4.35
CA LYS B 694 17.06 19.74 -5.77
C LYS B 694 15.76 20.08 -6.50
N GLN B 695 15.88 20.79 -7.62
CA GLN B 695 14.73 21.19 -8.42
C GLN B 695 14.07 20.00 -9.12
N ILE B 696 12.75 20.06 -9.24
CA ILE B 696 11.95 19.04 -9.89
C ILE B 696 11.16 19.65 -11.04
N GLY B 697 11.28 19.05 -12.23
CA GLY B 697 10.49 19.47 -13.38
C GLY B 697 9.21 18.67 -13.45
N VAL B 698 8.10 19.33 -13.11
CA VAL B 698 6.82 18.66 -12.94
C VAL B 698 6.07 18.50 -14.26
N GLY B 699 5.85 17.25 -14.66
CA GLY B 699 5.05 16.97 -15.85
C GLY B 699 3.57 17.24 -15.59
N VAL B 700 3.02 18.18 -16.34
CA VAL B 700 1.62 18.56 -16.13
C VAL B 700 0.73 18.17 -17.30
N TRP B 701 1.26 17.36 -18.21
CA TRP B 701 0.61 17.11 -19.48
C TRP B 701 0.97 15.71 -20.01
N ASP B 702 -0.05 14.86 -20.14
CA ASP B 702 0.12 13.50 -20.65
C ASP B 702 0.33 13.52 -22.16
N ILE B 703 1.58 13.31 -22.56
CA ILE B 703 1.95 13.44 -23.97
C ILE B 703 1.57 12.22 -24.81
N HIS B 704 0.98 11.21 -24.16
CA HIS B 704 0.50 10.03 -24.87
C HIS B 704 -0.97 10.18 -25.27
N SER B 705 -1.57 11.31 -24.90
CA SER B 705 -2.94 11.62 -25.27
C SER B 705 -2.96 12.84 -26.18
N PRO B 706 -3.89 12.85 -27.16
CA PRO B 706 -4.01 13.98 -28.10
C PRO B 706 -4.73 15.17 -27.47
N ALA B 707 -5.35 14.95 -26.32
CA ALA B 707 -6.10 16.01 -25.66
C ALA B 707 -5.22 17.20 -25.29
N VAL B 708 -5.81 18.38 -25.29
CA VAL B 708 -5.15 19.58 -24.79
C VAL B 708 -5.64 19.83 -23.38
N PRO B 709 -4.77 19.61 -22.37
CA PRO B 709 -5.22 19.77 -20.97
C PRO B 709 -5.58 21.22 -20.67
N SER B 710 -6.63 21.42 -19.89
CA SER B 710 -7.04 22.76 -19.50
C SER B 710 -6.07 23.33 -18.46
N ILE B 711 -6.03 24.65 -18.35
CA ILE B 711 -5.18 25.30 -17.36
C ILE B 711 -5.43 24.68 -16.00
N ASN B 712 -6.70 24.42 -15.70
CA ASN B 712 -7.11 23.85 -14.43
C ASN B 712 -6.63 22.40 -14.26
N GLU B 713 -6.60 21.64 -15.35
CA GLU B 713 -6.11 20.27 -15.30
C GLU B 713 -4.62 20.25 -14.98
N MET B 714 -3.89 21.22 -15.51
CA MET B 714 -2.47 21.36 -15.20
C MET B 714 -2.26 21.88 -13.77
N ARG B 715 -3.07 22.87 -13.41
CA ARG B 715 -2.98 23.50 -12.10
C ARG B 715 -3.07 22.49 -10.96
N GLU B 716 -3.98 21.53 -11.07
CA GLU B 716 -4.16 20.54 -10.03
C GLU B 716 -2.86 19.79 -9.71
N ILE B 717 -2.09 19.48 -10.74
CA ILE B 717 -0.85 18.73 -10.55
C ILE B 717 0.18 19.59 -9.82
N VAL B 718 0.38 20.80 -10.31
CA VAL B 718 1.37 21.70 -9.72
C VAL B 718 1.04 21.99 -8.25
N GLU B 719 -0.24 22.17 -7.94
CA GLU B 719 -0.65 22.47 -6.57
C GLU B 719 -0.46 21.29 -5.64
N ARG B 720 -0.70 20.08 -6.14
CA ARG B 720 -0.42 18.87 -5.37
C ARG B 720 1.06 18.83 -5.04
N VAL B 721 1.88 19.33 -5.96
CA VAL B 721 3.33 19.28 -5.83
C VAL B 721 3.84 20.28 -4.79
N LEU B 722 3.13 21.40 -4.67
CA LEU B 722 3.52 22.46 -3.73
C LEU B 722 2.97 22.22 -2.32
N ARG B 723 2.29 21.09 -2.13
CA ARG B 723 1.92 20.66 -0.80
C ARG B 723 3.16 20.05 -0.15
N VAL B 724 4.00 20.90 0.44
CA VAL B 724 5.25 20.54 1.12
C VAL B 724 6.49 21.17 0.50
N LEU B 725 6.83 20.78 -0.74
CA LEU B 725 8.05 21.26 -1.39
C LEU B 725 8.03 22.76 -1.67
N PRO B 726 9.16 23.43 -1.40
CA PRO B 726 9.35 24.88 -1.65
C PRO B 726 9.14 25.23 -3.13
N LYS B 727 8.47 26.36 -3.37
CA LYS B 727 8.11 26.77 -4.72
C LYS B 727 9.31 27.00 -5.64
N GLU B 728 10.43 27.38 -5.05
CA GLU B 728 11.64 27.67 -5.82
C GLU B 728 12.23 26.44 -6.51
N LEU B 729 11.81 25.26 -6.06
CA LEU B 729 12.27 23.99 -6.64
C LEU B 729 11.57 23.64 -7.96
N ILE B 730 10.40 24.22 -8.18
CA ILE B 730 9.45 23.71 -9.17
C ILE B 730 9.60 24.29 -10.58
N TRP B 731 9.77 23.41 -11.56
CA TRP B 731 9.70 23.77 -12.98
C TRP B 731 8.39 23.23 -13.53
N ILE B 732 7.94 23.77 -14.67
CA ILE B 732 6.74 23.25 -15.34
C ILE B 732 7.10 22.76 -16.73
N ASN B 733 6.74 21.52 -17.03
CA ASN B 733 7.04 20.92 -18.32
C ASN B 733 6.05 19.81 -18.65
N PRO B 734 6.09 19.31 -19.90
CA PRO B 734 5.25 18.15 -20.24
C PRO B 734 5.79 16.90 -19.56
N ASP B 735 5.03 15.81 -19.59
CA ASP B 735 5.50 14.56 -19.00
C ASP B 735 6.78 14.08 -19.68
N CYS B 736 6.85 14.26 -20.99
CA CYS B 736 7.94 13.68 -21.79
C CYS B 736 8.05 14.40 -23.13
N GLY B 737 8.83 13.86 -24.05
CA GLY B 737 8.98 14.44 -25.37
C GLY B 737 7.69 14.42 -26.17
N LEU B 738 7.66 15.20 -27.23
CA LEU B 738 6.43 15.45 -28.01
C LEU B 738 6.48 14.86 -29.42
N LYS B 739 7.49 14.05 -29.70
CA LYS B 739 7.72 13.50 -31.04
C LYS B 739 6.53 12.70 -31.60
N THR B 740 5.70 12.15 -30.73
CA THR B 740 4.55 11.35 -31.18
C THR B 740 3.26 12.17 -31.26
N ARG B 741 3.35 13.47 -31.03
CA ARG B 741 2.18 14.33 -31.02
C ARG B 741 2.07 15.16 -32.29
N ASN B 742 0.92 15.82 -32.46
CA ASN B 742 0.71 16.74 -33.56
C ASN B 742 0.85 18.19 -33.10
N TRP B 743 1.39 19.05 -33.98
CA TRP B 743 1.50 20.47 -33.69
C TRP B 743 0.19 21.11 -33.24
N ASP B 744 -0.92 20.65 -33.80
CA ASP B 744 -2.24 21.19 -33.48
C ASP B 744 -2.57 21.02 -32.00
N GLU B 745 -2.00 19.99 -31.40
CA GLU B 745 -2.25 19.64 -30.01
C GLU B 745 -1.18 20.29 -29.12
N VAL B 746 0.05 20.31 -29.62
CA VAL B 746 1.22 20.75 -28.86
C VAL B 746 1.20 22.25 -28.58
N ILE B 747 0.88 23.04 -29.60
CA ILE B 747 0.94 24.50 -29.48
C ILE B 747 -0.01 25.08 -28.43
N PRO B 748 -1.27 24.63 -28.42
CA PRO B 748 -2.22 25.14 -27.43
C PRO B 748 -1.86 24.65 -26.02
N SER B 749 -1.36 23.43 -25.93
CA SER B 749 -0.95 22.88 -24.65
C SER B 749 0.21 23.67 -24.05
N LEU B 750 1.16 24.02 -24.90
CA LEU B 750 2.32 24.80 -24.48
C LEU B 750 1.87 26.18 -24.00
N ARG B 751 0.98 26.80 -24.76
CA ARG B 751 0.46 28.11 -24.37
C ARG B 751 -0.23 27.98 -23.02
N ASN B 752 -0.92 26.87 -22.82
CA ASN B 752 -1.57 26.60 -21.54
C ASN B 752 -0.59 26.47 -20.37
N MET B 753 0.52 25.77 -20.56
CA MET B 753 1.47 25.68 -19.44
C MET B 753 2.21 27.00 -19.16
N VAL B 754 2.50 27.77 -20.21
CA VAL B 754 3.05 29.11 -20.02
C VAL B 754 2.08 29.95 -19.20
N ALA B 755 0.81 29.94 -19.61
CA ALA B 755 -0.22 30.70 -18.91
C ALA B 755 -0.40 30.24 -17.46
N LEU B 756 -0.28 28.94 -17.22
CA LEU B 756 -0.42 28.42 -15.86
C LEU B 756 0.73 28.93 -15.01
N ALA B 757 1.92 29.00 -15.60
CA ALA B 757 3.09 29.49 -14.89
C ALA B 757 2.88 30.94 -14.47
N LYS B 758 2.68 31.80 -15.46
CA LYS B 758 2.44 33.23 -15.21
C LYS B 758 1.41 33.40 -14.11
N GLU B 759 0.42 32.50 -14.10
CA GLU B 759 -0.64 32.50 -13.12
C GLU B 759 -0.13 32.11 -11.73
N MET B 760 0.74 31.10 -11.69
CA MET B 760 1.30 30.64 -10.43
C MET B 760 2.26 31.68 -9.84
N ARG B 761 2.97 32.39 -10.70
CA ARG B 761 3.85 33.46 -10.24
C ARG B 761 3.05 34.57 -9.57
N GLU B 762 1.97 35.00 -10.22
CA GLU B 762 1.11 36.06 -9.69
C GLU B 762 0.57 35.75 -8.30
#